data_2XSG
#
_entry.id   2XSG
#
_cell.length_a   82.202
_cell.length_b   91.158
_cell.length_c   224.523
_cell.angle_alpha   90.00
_cell.angle_beta   90.00
_cell.angle_gamma   90.00
#
_symmetry.space_group_name_H-M   'P 2 2 21'
#
loop_
_entity.id
_entity.type
_entity.pdbx_description
1 polymer CCMAN5
2 non-polymer 'CALCIUM ION'
3 non-polymer 2-[3-(2-HYDROXY-1,1-DIHYDROXYMETHYL-ETHYLAMINO)-PROPYLAMINO]-2-HYDROXYMETHYL-PROPANE-1,3-DIOL
4 non-polymer GLYCEROL
5 water water
#
_entity_poly.entity_id   1
_entity_poly.type   'polypeptide(L)'
_entity_poly.pdbx_seq_one_letter_code
;APEPPSADYASLVDVFVGTEGDFGNDMPAAQAPNGLAKVNPRTTPGRNNTGYDYAQSKISGFTHTNLDGVGGSGGGGDLL
VVPTSGSYTARPGTGTYAHPFSHDDEDAGPGFYSVGLGNVAGTDGAITGAPGTIEAEVAAATRSGVHRYAFPAGSTPSLV
VDLETNNTSRRSSSVQVETRADGTVELSGQVTGYFYNAAYTLYYTARTLQPATVQTWGDDDRLVDATAQDGVDTGAILTF
DPADAGEIGLQVTLSPVSVEQARIDQQVELGDLSFDAIRDRTRAEWNATLGRVAIDASTATDPTGELQRLFYTHLYRMFA
MPMNATSTSGTYRGVDGAVHAAQGFTYYDSWATWDDFRKFSVIAYIDPALYRDMVQSLVYLFADAEATGTGGGLGGFVHS
VPTVRWERSSVVVADAIAKGFDGFDRLDEAYPALQRLVGQYSADELRRGYVAGNPGASVQRGYDQYGLSVIADELGLTEE
AETLREQASWPIEKLTKPGAWTAADGTQVGLLTPRAADGSWQSADHAKFEAAGLYQGTLWQYHWYDAYDMDALVEAMGGH
EAARLGMRHMFGEHAPDDGKAMLHSNANEIDLQAPYLFNYTGEPSLTQKWARAIYTKETWNRYIATGSSSAVPSGGGEFT
PPLKTKVYRLDPRGMLPTMDNDAGTMSTMFVAAAVGLFPVTAGSSQFQVGSPFFDSTTITYDDGSAFTVTADGVSEDAFY
VQSATLDGATFGNTWVDYATVVGGADLAFRMGEQPSDWGTDTAPAFSMSTATDE
;
_entity_poly.pdbx_strand_id   A,B
#
# COMPACT_ATOMS: atom_id res chain seq x y z
N ALA A 7 33.95 34.29 -18.92
CA ALA A 7 33.27 35.17 -19.93
C ALA A 7 33.02 34.43 -21.26
N ASP A 8 34.05 33.76 -21.79
CA ASP A 8 33.94 33.13 -23.12
C ASP A 8 33.59 31.64 -23.03
N TYR A 9 32.31 31.39 -22.74
CA TYR A 9 31.78 30.04 -22.62
C TYR A 9 31.80 29.31 -23.96
N ALA A 10 31.65 30.05 -25.04
CA ALA A 10 31.70 29.47 -26.39
C ALA A 10 32.96 28.62 -26.63
N SER A 11 34.09 29.02 -26.06
CA SER A 11 35.34 28.27 -26.21
C SER A 11 35.31 26.89 -25.54
N LEU A 12 34.38 26.71 -24.59
CA LEU A 12 34.25 25.42 -23.90
C LEU A 12 33.38 24.38 -24.62
N VAL A 13 32.50 24.85 -25.50
CA VAL A 13 31.68 24.00 -26.36
C VAL A 13 32.55 23.23 -27.39
N ASP A 14 32.33 21.93 -27.48
CA ASP A 14 32.93 21.13 -28.54
C ASP A 14 31.83 20.67 -29.51
N VAL A 15 31.68 21.39 -30.63
CA VAL A 15 30.61 21.09 -31.59
C VAL A 15 30.79 19.75 -32.33
N PHE A 16 31.93 19.09 -32.10
CA PHE A 16 32.17 17.81 -32.76
C PHE A 16 31.71 16.63 -31.94
N VAL A 17 31.39 16.87 -30.68
CA VAL A 17 30.86 15.83 -29.82
C VAL A 17 29.57 15.30 -30.42
N GLY A 18 29.53 13.98 -30.63
CA GLY A 18 28.35 13.34 -31.18
C GLY A 18 28.24 13.33 -32.71
N THR A 19 29.29 13.76 -33.40
CA THR A 19 29.28 13.88 -34.89
C THR A 19 29.89 12.67 -35.62
N GLU A 20 30.32 11.65 -34.87
CA GLU A 20 30.82 10.42 -35.51
C GLU A 20 29.71 9.39 -35.68
N GLY A 21 29.62 8.83 -36.89
CA GLY A 21 28.86 7.61 -37.15
C GLY A 21 27.48 7.62 -36.52
N ASP A 22 27.14 6.55 -35.82
CA ASP A 22 25.85 6.41 -35.16
C ASP A 22 25.97 6.66 -33.64
N PHE A 23 26.71 7.70 -33.26
CA PHE A 23 26.99 8.00 -31.84
C PHE A 23 26.38 9.35 -31.40
N GLY A 24 25.14 9.59 -31.81
CA GLY A 24 24.46 10.81 -31.40
C GLY A 24 23.68 11.51 -32.49
N ASN A 25 24.18 11.44 -33.73
CA ASN A 25 23.57 12.10 -34.89
C ASN A 25 23.44 13.61 -34.74
N ASP A 26 24.44 14.23 -34.11
CA ASP A 26 24.53 15.68 -34.03
C ASP A 26 25.46 16.25 -35.10
N MET A 27 25.42 17.56 -35.25
CA MET A 27 26.13 18.23 -36.34
C MET A 27 27.16 19.25 -35.84
N PRO A 28 28.26 19.42 -36.58
CA PRO A 28 29.17 20.52 -36.25
C PRO A 28 28.74 21.85 -36.89
N ALA A 29 27.57 21.87 -37.53
CA ALA A 29 27.07 23.04 -38.30
C ALA A 29 27.16 24.39 -37.58
N ALA A 30 27.51 25.42 -38.33
CA ALA A 30 27.46 26.77 -37.80
C ALA A 30 26.00 27.17 -37.60
N GLN A 31 25.66 27.55 -36.37
CA GLN A 31 24.28 27.92 -36.07
C GLN A 31 24.17 28.88 -34.89
N ALA A 32 23.15 29.75 -34.92
CA ALA A 32 22.86 30.63 -33.80
C ALA A 32 21.99 29.87 -32.81
N PRO A 33 21.82 30.42 -31.57
CA PRO A 33 20.91 29.75 -30.64
C PRO A 33 19.50 29.58 -31.23
N ASN A 34 18.98 28.34 -31.22
CA ASN A 34 17.67 28.03 -31.82
C ASN A 34 17.52 28.54 -33.26
N GLY A 35 18.61 28.54 -33.99
CA GLY A 35 18.61 29.04 -35.35
C GLY A 35 17.92 28.13 -36.34
N LEU A 36 17.37 28.76 -37.37
CA LEU A 36 16.79 28.10 -38.52
C LEU A 36 17.88 27.69 -39.52
N ALA A 37 18.79 28.63 -39.80
CA ALA A 37 19.96 28.38 -40.64
C ALA A 37 20.97 27.53 -39.91
N LYS A 38 21.34 26.41 -40.53
CA LYS A 38 22.25 25.44 -39.94
C LYS A 38 23.21 25.07 -41.05
N VAL A 39 24.40 25.68 -41.02
CA VAL A 39 25.32 25.60 -42.15
C VAL A 39 26.27 24.44 -41.86
N ASN A 40 25.88 23.27 -42.38
CA ASN A 40 26.54 22.00 -42.04
C ASN A 40 27.40 21.52 -43.17
N PRO A 41 28.70 21.27 -42.90
CA PRO A 41 29.51 20.60 -43.90
C PRO A 41 28.88 19.25 -44.21
N ARG A 42 29.06 18.75 -45.44
CA ARG A 42 28.57 17.43 -45.83
C ARG A 42 29.69 16.48 -46.17
N THR A 43 29.85 15.41 -45.39
CA THR A 43 30.91 14.45 -45.71
C THR A 43 30.51 13.52 -46.86
N THR A 44 31.48 12.86 -47.46
CA THR A 44 31.22 11.88 -48.53
C THR A 44 32.30 10.82 -48.49
N PRO A 45 31.97 9.55 -48.82
CA PRO A 45 30.66 9.02 -49.24
C PRO A 45 29.73 8.71 -48.07
N GLY A 46 30.26 8.70 -46.85
CA GLY A 46 29.46 8.43 -45.65
C GLY A 46 29.11 9.71 -44.92
N ARG A 47 28.04 9.66 -44.13
CA ARG A 47 27.59 10.80 -43.36
C ARG A 47 26.86 10.26 -42.14
N ASN A 48 26.65 11.09 -41.13
CA ASN A 48 25.61 10.78 -40.16
C ASN A 48 24.25 11.34 -40.65
N ASN A 49 23.21 11.24 -39.83
CA ASN A 49 21.88 11.70 -40.28
C ASN A 49 21.87 13.18 -40.64
N THR A 50 22.76 13.96 -40.03
CA THR A 50 22.80 15.40 -40.32
C THR A 50 23.52 15.73 -41.61
N GLY A 51 24.36 14.81 -42.07
CA GLY A 51 25.13 15.03 -43.29
C GLY A 51 26.63 15.08 -43.05
N TYR A 52 27.06 14.94 -41.78
CA TYR A 52 28.51 14.93 -41.46
C TYR A 52 28.87 13.75 -40.55
N ASP A 53 29.73 12.86 -41.02
CA ASP A 53 30.29 11.82 -40.17
C ASP A 53 31.77 12.11 -39.90
N TYR A 54 32.12 12.28 -38.63
CA TYR A 54 33.51 12.62 -38.21
C TYR A 54 34.57 11.66 -38.76
N ALA A 55 34.18 10.40 -38.94
CA ALA A 55 35.13 9.37 -39.36
C ALA A 55 35.52 9.50 -40.84
N GLN A 56 34.80 10.35 -41.60
CA GLN A 56 35.07 10.50 -43.04
C GLN A 56 36.26 11.42 -43.33
N SER A 57 36.65 11.49 -44.60
CA SER A 57 37.83 12.26 -44.96
C SER A 57 37.62 13.08 -46.23
N LYS A 58 36.38 13.14 -46.70
CA LYS A 58 36.01 14.05 -47.77
C LYS A 58 34.75 14.83 -47.45
N ILE A 59 34.73 16.05 -47.96
CA ILE A 59 33.59 16.96 -47.83
C ILE A 59 33.23 17.46 -49.22
N SER A 60 31.93 17.47 -49.51
CA SER A 60 31.44 18.06 -50.74
C SER A 60 31.24 19.57 -50.49
N GLY A 61 30.23 19.95 -49.71
CA GLY A 61 29.94 21.36 -49.45
C GLY A 61 29.11 21.62 -48.19
N PHE A 62 28.34 22.71 -48.19
CA PHE A 62 27.53 23.10 -47.03
C PHE A 62 26.04 23.15 -47.34
N THR A 63 25.25 22.50 -46.48
CA THR A 63 23.79 22.51 -46.55
C THR A 63 23.33 23.54 -45.54
N HIS A 64 22.08 24.01 -45.65
CA HIS A 64 21.66 25.16 -44.84
C HIS A 64 20.51 24.89 -43.89
N THR A 65 19.88 23.72 -44.05
CA THR A 65 18.77 23.31 -43.17
C THR A 65 19.09 21.98 -42.53
N ASN A 66 18.51 21.73 -41.36
CA ASN A 66 18.80 20.50 -40.68
C ASN A 66 17.94 20.27 -39.44
N LEU A 67 18.13 19.07 -38.86
CA LEU A 67 17.48 18.68 -37.61
C LEU A 67 18.52 18.01 -36.73
N ASP A 68 18.53 18.37 -35.45
CA ASP A 68 19.58 17.85 -34.56
C ASP A 68 19.19 16.53 -33.94
N GLY A 69 20.06 15.54 -34.11
CA GLY A 69 19.96 14.28 -33.39
C GLY A 69 18.79 13.38 -33.73
N VAL A 70 18.22 13.54 -34.91
CA VAL A 70 17.04 12.72 -35.28
C VAL A 70 17.47 11.42 -35.96
N GLY A 71 16.53 10.49 -36.11
CA GLY A 71 16.81 9.15 -36.67
C GLY A 71 16.53 9.09 -38.17
N GLY A 72 16.15 7.91 -38.66
CA GLY A 72 15.97 7.69 -40.10
C GLY A 72 17.28 7.99 -40.85
N SER A 73 17.19 8.77 -41.92
CA SER A 73 18.39 9.23 -42.61
C SER A 73 18.59 10.73 -42.40
N GLY A 74 17.94 11.25 -41.35
CA GLY A 74 18.01 12.68 -41.03
C GLY A 74 17.05 13.52 -41.85
N GLY A 75 16.73 14.71 -41.32
CA GLY A 75 15.88 15.67 -41.99
C GLY A 75 16.60 16.92 -42.45
N GLY A 76 15.91 17.74 -43.24
CA GLY A 76 16.54 18.93 -43.84
C GLY A 76 17.68 18.54 -44.77
N GLY A 77 18.82 19.24 -44.66
CA GLY A 77 19.96 19.02 -45.57
C GLY A 77 19.79 19.71 -46.92
N ASP A 78 18.91 20.72 -46.96
CA ASP A 78 18.61 21.48 -48.18
C ASP A 78 19.69 22.51 -48.51
N LEU A 79 19.81 22.80 -49.81
CA LEU A 79 20.59 23.91 -50.34
C LEU A 79 22.08 23.65 -50.16
N LEU A 80 22.64 22.80 -51.01
CA LEU A 80 24.04 22.42 -50.92
C LEU A 80 24.88 23.38 -51.74
N VAL A 81 25.81 24.04 -51.07
CA VAL A 81 26.77 24.94 -51.74
C VAL A 81 28.16 24.30 -51.76
N VAL A 82 28.68 24.05 -52.96
CA VAL A 82 29.93 23.34 -53.17
C VAL A 82 30.95 24.23 -53.90
N PRO A 83 32.07 24.57 -53.24
CA PRO A 83 33.13 25.30 -53.92
C PRO A 83 33.95 24.38 -54.82
N THR A 84 34.32 24.88 -56.01
CA THR A 84 35.08 24.08 -56.96
C THR A 84 35.83 24.96 -57.96
N SER A 85 36.96 24.46 -58.46
CA SER A 85 37.69 25.14 -59.53
C SER A 85 37.39 24.45 -60.86
N GLY A 86 36.52 23.46 -60.81
CA GLY A 86 36.08 22.75 -62.02
C GLY A 86 35.03 23.51 -62.80
N SER A 87 34.70 22.95 -63.97
CA SER A 87 33.70 23.46 -64.91
C SER A 87 32.65 22.38 -65.19
N TYR A 88 31.45 22.80 -65.58
CA TYR A 88 30.38 21.85 -65.93
C TYR A 88 29.70 22.21 -67.26
N THR A 89 29.21 21.18 -67.95
CA THR A 89 28.45 21.35 -69.21
C THR A 89 27.08 20.66 -69.08
N ALA A 90 26.84 20.02 -67.92
CA ALA A 90 25.56 19.40 -67.59
C ALA A 90 25.40 19.43 -66.07
N ARG A 91 24.25 18.95 -65.58
CA ARG A 91 24.01 18.89 -64.14
C ARG A 91 25.15 18.07 -63.49
N PRO A 92 25.74 18.58 -62.39
CA PRO A 92 26.91 17.92 -61.81
C PRO A 92 26.62 16.53 -61.29
N GLY A 93 27.54 15.60 -61.51
CA GLY A 93 27.55 14.34 -60.77
C GLY A 93 28.03 14.64 -59.37
N THR A 94 27.32 14.12 -58.37
CA THR A 94 27.60 14.43 -56.96
C THR A 94 28.99 13.96 -56.52
N GLY A 95 29.51 12.92 -57.15
CA GLY A 95 30.88 12.45 -56.86
C GLY A 95 31.95 13.49 -57.13
N THR A 96 31.66 14.41 -58.05
CA THR A 96 32.60 15.45 -58.45
C THR A 96 32.78 16.56 -57.40
N TYR A 97 31.84 16.62 -56.45
CA TYR A 97 31.88 17.58 -55.35
C TYR A 97 32.97 17.26 -54.31
N ALA A 98 33.43 16.01 -54.28
CA ALA A 98 34.22 15.49 -53.17
C ALA A 98 35.60 16.18 -53.09
N HIS A 99 35.93 16.71 -51.90
CA HIS A 99 37.25 17.31 -51.60
C HIS A 99 37.88 16.58 -50.43
N PRO A 100 39.20 16.29 -50.48
CA PRO A 100 39.89 15.83 -49.27
C PRO A 100 39.82 16.86 -48.15
N PHE A 101 39.66 16.39 -46.92
CA PHE A 101 39.83 17.27 -45.77
C PHE A 101 40.49 16.50 -44.63
N SER A 102 41.02 17.26 -43.68
CA SER A 102 41.65 16.71 -42.49
C SER A 102 41.16 17.46 -41.26
N HIS A 103 40.92 16.74 -40.17
CA HIS A 103 40.58 17.38 -38.89
C HIS A 103 41.71 18.26 -38.36
N ASP A 104 42.93 18.06 -38.87
CA ASP A 104 44.05 18.95 -38.53
C ASP A 104 43.90 20.32 -39.18
N ASP A 105 43.09 20.40 -40.23
CA ASP A 105 42.82 21.67 -40.90
C ASP A 105 41.32 21.95 -40.88
N GLU A 106 40.77 22.05 -39.67
CA GLU A 106 39.34 22.19 -39.44
C GLU A 106 39.20 22.79 -38.05
N ASP A 107 38.27 23.74 -37.93
CA ASP A 107 38.03 24.50 -36.70
C ASP A 107 36.56 24.96 -36.64
N ALA A 108 35.90 24.75 -35.50
CA ALA A 108 34.52 25.15 -35.36
C ALA A 108 34.17 25.40 -33.90
N GLY A 109 33.08 26.13 -33.70
CA GLY A 109 32.57 26.47 -32.38
C GLY A 109 31.31 27.29 -32.59
N PRO A 110 30.69 27.75 -31.47
CA PRO A 110 29.37 28.38 -31.57
C PRO A 110 29.26 29.53 -32.59
N GLY A 111 28.54 29.28 -33.67
CA GLY A 111 28.29 30.26 -34.71
C GLY A 111 29.13 30.15 -35.96
N PHE A 112 30.10 29.23 -35.97
CA PHE A 112 31.06 29.16 -37.08
C PHE A 112 31.56 27.76 -37.37
N TYR A 113 31.96 27.54 -38.62
CA TYR A 113 32.73 26.35 -38.97
C TYR A 113 33.74 26.67 -40.09
N SER A 114 34.95 26.14 -39.98
CA SER A 114 35.99 26.40 -40.99
C SER A 114 36.77 25.12 -41.30
N VAL A 115 37.17 24.96 -42.57
CA VAL A 115 37.88 23.77 -43.04
C VAL A 115 38.69 24.10 -44.31
N GLY A 116 39.87 23.49 -44.40
CA GLY A 116 40.66 23.54 -45.62
C GLY A 116 40.30 22.35 -46.49
N LEU A 117 39.78 22.64 -47.68
CA LEU A 117 39.36 21.60 -48.61
C LEU A 117 40.39 21.48 -49.72
N GLY A 118 40.74 20.24 -50.06
CA GLY A 118 41.62 20.00 -51.20
C GLY A 118 40.97 20.49 -52.47
N ASN A 119 41.76 21.20 -53.29
CA ASN A 119 41.21 21.80 -54.51
C ASN A 119 40.80 20.70 -55.49
N VAL A 120 39.76 20.98 -56.28
CA VAL A 120 39.33 20.09 -57.35
C VAL A 120 39.09 20.88 -58.64
N ALA A 121 39.44 20.28 -59.77
CA ALA A 121 39.34 20.94 -61.08
C ALA A 121 39.15 19.94 -62.21
N GLY A 122 38.89 20.42 -63.42
CA GLY A 122 38.54 19.55 -64.54
C GLY A 122 37.13 19.85 -65.03
N THR A 123 36.60 19.01 -65.92
CA THR A 123 35.32 19.25 -66.56
C THR A 123 34.40 18.05 -66.35
N ASP A 124 33.24 18.31 -65.77
CA ASP A 124 32.25 17.26 -65.50
C ASP A 124 32.84 16.04 -64.77
N GLY A 125 32.50 14.83 -65.23
CA GLY A 125 32.94 13.58 -64.61
C GLY A 125 34.45 13.40 -64.51
N ALA A 126 35.20 14.24 -65.22
CA ALA A 126 36.65 14.22 -65.17
C ALA A 126 37.22 15.06 -64.00
N ILE A 127 36.36 15.76 -63.27
CA ILE A 127 36.82 16.59 -62.14
C ILE A 127 37.50 15.69 -61.11
N THR A 128 38.68 16.12 -60.66
CA THR A 128 39.48 15.36 -59.71
C THR A 128 40.36 16.32 -58.89
N GLY A 129 41.13 15.76 -57.96
CA GLY A 129 42.03 16.53 -57.11
C GLY A 129 42.91 17.43 -57.96
N ALA A 130 43.15 18.65 -57.47
CA ALA A 130 44.02 19.61 -58.15
C ALA A 130 44.84 20.27 -57.06
N PRO A 131 46.07 20.75 -57.41
CA PRO A 131 46.96 21.47 -56.50
C PRO A 131 46.27 22.58 -55.72
N GLY A 132 46.65 22.72 -54.45
CA GLY A 132 46.19 23.86 -53.65
C GLY A 132 44.98 23.60 -52.77
N THR A 133 44.57 24.63 -52.05
CA THR A 133 43.56 24.49 -51.01
C THR A 133 42.44 25.51 -51.17
N ILE A 134 41.20 25.04 -51.08
CA ILE A 134 40.07 25.95 -50.98
C ILE A 134 39.78 26.12 -49.48
N GLU A 135 40.10 27.30 -48.96
CA GLU A 135 39.89 27.59 -47.54
C GLU A 135 38.44 28.02 -47.41
N ALA A 136 37.66 27.27 -46.64
CA ALA A 136 36.25 27.54 -46.49
C ALA A 136 35.96 27.97 -45.07
N GLU A 137 35.27 29.10 -44.93
CA GLU A 137 34.76 29.55 -43.66
C GLU A 137 33.24 29.82 -43.79
N VAL A 138 32.45 29.27 -42.87
CA VAL A 138 31.04 29.64 -42.76
C VAL A 138 30.72 30.14 -41.33
N ALA A 139 29.72 31.02 -41.24
CA ALA A 139 29.12 31.41 -39.96
C ALA A 139 27.61 31.52 -40.14
N ALA A 140 26.89 31.62 -39.02
CA ALA A 140 25.42 31.72 -39.06
C ALA A 140 24.85 32.80 -38.18
N ALA A 141 23.77 33.43 -38.65
CA ALA A 141 22.85 34.16 -37.79
C ALA A 141 21.58 33.33 -37.72
N THR A 142 20.56 33.81 -37.00
CA THR A 142 19.29 33.09 -36.80
C THR A 142 18.75 32.52 -38.10
N ARG A 143 18.66 33.36 -39.14
CA ARG A 143 18.02 32.97 -40.38
C ARG A 143 18.99 32.83 -41.55
N SER A 144 20.28 33.11 -41.30
CA SER A 144 21.24 33.26 -42.40
C SER A 144 22.50 32.42 -42.25
N GLY A 145 23.03 32.00 -43.38
CA GLY A 145 24.33 31.38 -43.44
C GLY A 145 25.23 32.21 -44.32
N VAL A 146 26.43 32.53 -43.81
CA VAL A 146 27.40 33.29 -44.60
C VAL A 146 28.62 32.45 -44.86
N HIS A 147 29.17 32.64 -46.05
CA HIS A 147 30.32 31.90 -46.57
C HIS A 147 31.44 32.86 -46.98
N ARG A 148 32.67 32.49 -46.62
CA ARG A 148 33.88 33.11 -47.18
C ARG A 148 34.87 32.03 -47.66
N TYR A 149 35.20 32.08 -48.96
CA TYR A 149 36.09 31.09 -49.60
C TYR A 149 37.35 31.74 -50.15
N ALA A 150 38.49 31.08 -49.96
CA ALA A 150 39.73 31.49 -50.62
C ALA A 150 40.20 30.39 -51.56
N PHE A 151 40.22 30.66 -52.87
CA PHE A 151 40.63 29.67 -53.88
C PHE A 151 42.10 29.86 -54.26
N PRO A 152 42.78 28.81 -54.74
CA PRO A 152 44.19 29.05 -55.09
C PRO A 152 44.34 30.09 -56.20
N ALA A 153 45.40 30.88 -56.14
CA ALA A 153 45.67 31.85 -57.20
C ALA A 153 45.62 31.20 -58.59
N GLY A 154 44.99 31.87 -59.55
CA GLY A 154 44.94 31.30 -60.89
C GLY A 154 43.71 30.46 -61.15
N SER A 155 43.04 30.03 -60.07
CA SER A 155 41.77 29.33 -60.22
C SER A 155 40.67 30.18 -60.83
N THR A 156 39.76 29.55 -61.57
CA THR A 156 38.45 30.12 -61.85
C THR A 156 37.47 29.61 -60.77
N PRO A 157 37.17 30.43 -59.75
CA PRO A 157 36.30 30.00 -58.65
C PRO A 157 34.87 29.76 -59.11
N SER A 158 34.23 28.78 -58.52
CA SER A 158 32.84 28.51 -58.81
C SER A 158 32.14 27.95 -57.56
N LEU A 159 30.86 28.26 -57.42
CA LEU A 159 30.07 27.66 -56.37
C LEU A 159 28.87 27.02 -57.04
N VAL A 160 28.67 25.74 -56.78
CA VAL A 160 27.51 25.02 -57.25
C VAL A 160 26.46 25.18 -56.15
N VAL A 161 25.25 25.56 -56.53
CA VAL A 161 24.14 25.63 -55.59
C VAL A 161 23.21 24.48 -56.00
N ASP A 162 23.26 23.37 -55.27
CA ASP A 162 22.49 22.17 -55.59
C ASP A 162 21.19 22.13 -54.78
N LEU A 163 20.08 22.22 -55.48
CA LEU A 163 18.77 22.31 -54.82
C LEU A 163 18.03 20.99 -54.73
N GLU A 164 18.70 19.91 -55.14
CA GLU A 164 18.08 18.59 -55.02
C GLU A 164 18.42 17.95 -53.66
N THR A 165 19.64 18.19 -53.16
CA THR A 165 20.18 17.58 -51.93
C THR A 165 19.19 17.68 -50.76
N ASN A 166 18.86 16.53 -50.19
CA ASN A 166 18.08 16.46 -48.96
C ASN A 166 18.45 15.20 -48.19
N ASN A 167 18.41 15.27 -46.86
CA ASN A 167 18.74 14.13 -46.01
C ASN A 167 17.78 12.94 -46.12
N THR A 168 16.57 13.21 -46.57
CA THR A 168 15.57 12.16 -46.75
C THR A 168 14.88 12.20 -48.11
N SER A 169 14.29 13.34 -48.47
CA SER A 169 13.47 13.35 -49.69
C SER A 169 13.21 14.76 -50.17
N ARG A 170 13.67 15.02 -51.40
CA ARG A 170 13.38 16.25 -52.10
C ARG A 170 12.04 16.10 -52.82
N ARG A 171 11.11 17.01 -52.54
CA ARG A 171 9.77 16.96 -53.16
C ARG A 171 9.65 17.92 -54.34
N SER A 172 10.08 19.17 -54.14
CA SER A 172 10.12 20.15 -55.22
C SER A 172 11.12 21.25 -54.89
N SER A 173 11.62 21.93 -55.91
CA SER A 173 12.52 23.05 -55.72
C SER A 173 12.41 24.03 -56.88
N SER A 174 12.86 25.27 -56.66
CA SER A 174 12.92 26.27 -57.73
C SER A 174 14.08 27.21 -57.51
N VAL A 175 14.50 27.85 -58.60
CA VAL A 175 15.56 28.83 -58.55
C VAL A 175 15.29 29.91 -59.62
N GLN A 176 15.36 31.16 -59.20
CA GLN A 176 15.30 32.30 -60.10
C GLN A 176 16.60 33.06 -59.93
N VAL A 177 17.24 33.38 -61.06
CA VAL A 177 18.48 34.15 -61.09
C VAL A 177 18.26 35.64 -61.42
N GLU A 178 18.95 36.52 -60.69
CA GLU A 178 18.98 37.97 -60.97
C GLU A 178 20.42 38.45 -60.98
N THR A 179 20.81 39.19 -62.03
CA THR A 179 22.11 39.84 -62.05
C THR A 179 21.88 41.33 -61.86
N ARG A 180 22.51 41.91 -60.85
CA ARG A 180 22.31 43.33 -60.51
C ARG A 180 23.28 44.22 -61.25
N ALA A 181 23.13 45.53 -61.09
CA ALA A 181 24.01 46.53 -61.74
C ALA A 181 25.50 46.35 -61.44
N ASP A 182 25.86 45.99 -60.20
CA ASP A 182 27.26 45.79 -59.86
C ASP A 182 27.81 44.43 -60.30
N GLY A 183 26.98 43.63 -60.96
CA GLY A 183 27.43 42.33 -61.46
C GLY A 183 27.26 41.15 -60.51
N THR A 184 26.86 41.42 -59.26
CA THR A 184 26.58 40.31 -58.31
C THR A 184 25.26 39.60 -58.66
N VAL A 185 25.13 38.36 -58.20
CA VAL A 185 23.99 37.51 -58.51
C VAL A 185 23.19 37.22 -57.24
N GLU A 186 21.87 37.24 -57.39
CA GLU A 186 20.94 36.86 -56.34
C GLU A 186 20.11 35.70 -56.89
N LEU A 187 20.04 34.63 -56.11
CA LEU A 187 19.29 33.41 -56.41
C LEU A 187 18.16 33.29 -55.39
N SER A 188 16.98 32.87 -55.82
CA SER A 188 15.88 32.71 -54.88
C SER A 188 14.85 31.71 -55.37
N GLY A 189 14.10 31.16 -54.43
CA GLY A 189 13.06 30.18 -54.71
C GLY A 189 12.65 29.43 -53.47
N GLN A 190 12.20 28.18 -53.65
CA GLN A 190 11.72 27.37 -52.55
C GLN A 190 12.30 25.97 -52.62
N VAL A 191 12.37 25.33 -51.46
CA VAL A 191 12.72 23.93 -51.39
C VAL A 191 11.65 23.26 -50.55
N THR A 192 11.12 22.14 -51.04
CA THR A 192 10.14 21.35 -50.29
C THR A 192 10.72 19.97 -50.06
N GLY A 193 10.84 19.61 -48.79
CA GLY A 193 11.41 18.34 -48.40
C GLY A 193 10.41 17.53 -47.58
N TYR A 194 10.84 16.37 -47.10
CA TYR A 194 9.99 15.58 -46.25
C TYR A 194 10.85 14.88 -45.21
N PHE A 195 10.34 14.82 -43.99
CA PHE A 195 10.93 13.96 -42.96
C PHE A 195 9.86 13.39 -42.04
N TYR A 196 9.92 12.07 -41.87
CA TYR A 196 9.05 11.31 -40.97
C TYR A 196 7.54 11.38 -41.26
N ASN A 197 6.85 12.41 -40.78
CA ASN A 197 5.40 12.50 -40.97
C ASN A 197 4.96 13.53 -42.02
N ALA A 198 5.80 14.51 -42.30
CA ALA A 198 5.31 15.72 -42.96
C ALA A 198 6.28 16.29 -43.94
N ALA A 199 5.73 16.90 -44.99
CA ALA A 199 6.51 17.75 -45.87
C ALA A 199 6.62 19.13 -45.21
N TYR A 200 7.58 19.91 -45.67
CA TYR A 200 7.82 21.29 -45.22
C TYR A 200 8.35 22.11 -46.41
N THR A 201 8.07 23.41 -46.42
CA THR A 201 8.62 24.30 -47.43
C THR A 201 9.36 25.47 -46.78
N LEU A 202 10.53 25.78 -47.33
CA LEU A 202 11.29 26.99 -46.94
C LEU A 202 11.66 27.80 -48.18
N TYR A 203 11.57 29.12 -48.06
CA TYR A 203 11.99 30.02 -49.14
C TYR A 203 13.40 30.51 -48.85
N TYR A 204 14.15 30.81 -49.91
CA TYR A 204 15.53 31.24 -49.73
C TYR A 204 15.89 32.42 -50.64
N THR A 205 16.90 33.20 -50.23
CA THR A 205 17.58 34.15 -51.09
C THR A 205 19.09 33.98 -50.83
N ALA A 206 19.89 33.98 -51.89
CA ALA A 206 21.36 33.85 -51.76
C ALA A 206 21.97 34.85 -52.71
N ARG A 207 22.79 35.75 -52.19
CA ARG A 207 23.49 36.69 -53.05
C ARG A 207 24.98 36.45 -52.96
N THR A 208 25.70 36.67 -54.07
CA THR A 208 27.15 36.70 -54.05
C THR A 208 27.55 38.12 -53.65
N LEU A 209 28.79 38.26 -53.20
CA LEU A 209 29.32 39.57 -52.86
C LEU A 209 30.33 40.05 -53.91
N GLN A 210 30.64 39.17 -54.87
CA GLN A 210 31.50 39.49 -56.02
C GLN A 210 30.74 39.22 -57.30
N PRO A 211 31.17 39.84 -58.43
CA PRO A 211 30.46 39.60 -59.69
C PRO A 211 30.58 38.15 -60.13
N ALA A 212 29.50 37.64 -60.71
CA ALA A 212 29.46 36.24 -61.13
C ALA A 212 28.56 36.11 -62.34
N THR A 213 28.81 35.09 -63.16
CA THR A 213 27.86 34.70 -64.19
C THR A 213 27.23 33.39 -63.71
N VAL A 214 26.17 32.95 -64.37
CA VAL A 214 25.38 31.86 -63.81
C VAL A 214 24.66 31.03 -64.87
N GLN A 215 24.61 29.72 -64.62
CA GLN A 215 23.83 28.79 -65.41
C GLN A 215 22.98 27.96 -64.46
N THR A 216 21.86 27.47 -64.95
CA THR A 216 20.95 26.69 -64.10
C THR A 216 20.72 25.34 -64.73
N TRP A 217 20.17 24.42 -63.94
CA TRP A 217 19.69 23.14 -64.46
C TRP A 217 18.33 22.76 -63.88
N GLY A 218 17.58 21.98 -64.65
CA GLY A 218 16.33 21.39 -64.20
C GLY A 218 16.41 19.88 -64.35
N ASP A 219 15.24 19.25 -64.38
CA ASP A 219 15.13 17.79 -64.27
C ASP A 219 15.64 16.99 -65.48
N ASP A 220 15.83 17.67 -66.60
CA ASP A 220 16.45 17.04 -67.78
C ASP A 220 17.98 17.06 -67.73
N ASP A 221 18.54 17.49 -66.60
CA ASP A 221 19.99 17.56 -66.44
C ASP A 221 20.74 18.48 -67.41
N ARG A 222 20.02 19.30 -68.18
CA ARG A 222 20.70 20.26 -69.07
C ARG A 222 21.16 21.51 -68.31
N LEU A 223 22.42 21.87 -68.48
CA LEU A 223 22.95 23.09 -67.89
C LEU A 223 22.85 24.19 -68.91
N VAL A 224 22.00 25.18 -68.60
CA VAL A 224 21.60 26.17 -69.60
C VAL A 224 21.75 27.60 -69.10
N ASP A 225 21.57 28.56 -70.01
CA ASP A 225 21.67 29.96 -69.64
C ASP A 225 20.35 30.52 -69.09
N ALA A 226 19.28 29.73 -69.12
CA ALA A 226 17.98 30.22 -68.60
C ALA A 226 18.06 30.63 -67.13
N THR A 227 17.32 31.66 -66.78
CA THR A 227 17.44 32.28 -65.45
C THR A 227 16.42 31.75 -64.44
N ALA A 228 15.58 30.80 -64.86
CA ALA A 228 14.50 30.25 -64.00
C ALA A 228 14.38 28.73 -64.17
N GLN A 229 14.19 28.04 -63.05
CA GLN A 229 13.88 26.61 -63.06
C GLN A 229 12.85 26.34 -61.98
N ASP A 230 12.04 25.32 -62.21
CA ASP A 230 11.01 24.93 -61.27
C ASP A 230 10.68 23.45 -61.49
N GLY A 231 10.96 22.62 -60.49
CA GLY A 231 10.78 21.17 -60.67
C GLY A 231 11.12 20.44 -59.39
N VAL A 232 11.97 19.44 -59.50
CA VAL A 232 12.39 18.62 -58.36
C VAL A 232 13.90 18.74 -58.18
N ASP A 233 14.65 18.25 -59.17
CA ASP A 233 16.10 18.44 -59.23
C ASP A 233 16.38 19.72 -60.01
N THR A 234 16.70 20.80 -59.30
CA THR A 234 17.13 22.04 -59.94
C THR A 234 18.41 22.51 -59.26
N GLY A 235 19.11 23.43 -59.92
CA GLY A 235 20.29 24.04 -59.35
C GLY A 235 20.83 25.20 -60.15
N ALA A 236 21.86 25.83 -59.62
CA ALA A 236 22.57 26.92 -60.30
C ALA A 236 24.07 26.80 -60.07
N ILE A 237 24.85 27.24 -61.06
CA ILE A 237 26.30 27.25 -60.94
C ILE A 237 26.79 28.68 -61.14
N LEU A 238 27.44 29.20 -60.10
CA LEU A 238 27.99 30.55 -60.13
C LEU A 238 29.46 30.46 -60.49
N THR A 239 29.90 31.30 -61.43
CA THR A 239 31.30 31.35 -61.86
C THR A 239 31.82 32.78 -61.68
N PHE A 240 32.97 32.88 -61.01
CA PHE A 240 33.60 34.14 -60.66
C PHE A 240 34.86 34.42 -61.50
N ASP A 241 35.31 35.67 -61.47
CA ASP A 241 36.56 36.04 -62.11
C ASP A 241 37.77 35.53 -61.30
N PRO A 242 38.79 34.99 -61.99
CA PRO A 242 40.03 34.57 -61.31
C PRO A 242 40.64 35.68 -60.44
N ALA A 243 40.40 36.94 -60.76
CA ALA A 243 40.91 38.03 -59.93
C ALA A 243 40.30 38.05 -58.51
N ASP A 244 39.15 37.43 -58.33
CA ASP A 244 38.48 37.39 -57.03
C ASP A 244 38.77 36.12 -56.23
N ALA A 245 39.67 35.28 -56.74
CA ALA A 245 39.96 34.00 -56.12
C ALA A 245 40.32 34.08 -54.63
N GLY A 246 41.01 35.17 -54.24
CA GLY A 246 41.35 35.44 -52.83
C GLY A 246 40.16 35.61 -51.87
N GLU A 247 38.99 36.00 -52.39
CA GLU A 247 37.80 36.19 -51.54
C GLU A 247 36.47 36.07 -52.30
N ILE A 248 35.83 34.93 -52.11
CA ILE A 248 34.49 34.68 -52.65
C ILE A 248 33.50 34.57 -51.50
N GLY A 249 32.53 35.47 -51.47
CA GLY A 249 31.53 35.55 -50.39
C GLY A 249 30.11 35.23 -50.86
N LEU A 250 29.31 34.67 -49.96
CA LEU A 250 27.95 34.29 -50.25
C LEU A 250 27.14 34.44 -48.98
N GLN A 251 25.89 34.90 -49.14
CA GLN A 251 25.00 35.10 -48.00
C GLN A 251 23.66 34.47 -48.33
N VAL A 252 23.23 33.53 -47.49
CA VAL A 252 22.00 32.77 -47.74
C VAL A 252 21.04 32.99 -46.58
N THR A 253 19.82 33.42 -46.86
CA THR A 253 18.83 33.61 -45.80
C THR A 253 17.56 32.80 -46.11
N LEU A 254 16.99 32.19 -45.05
CA LEU A 254 15.81 31.32 -45.13
C LEU A 254 14.57 31.97 -44.50
N SER A 255 13.41 31.69 -45.07
CA SER A 255 12.15 32.19 -44.50
C SER A 255 11.06 31.18 -44.80
N PRO A 256 10.24 30.85 -43.78
CA PRO A 256 9.07 30.03 -43.99
C PRO A 256 7.94 30.79 -44.69
N VAL A 257 8.15 32.10 -44.88
CA VAL A 257 7.08 32.98 -45.37
C VAL A 257 7.13 33.25 -46.87
N SER A 258 8.27 33.73 -47.37
CA SER A 258 8.40 34.05 -48.79
C SER A 258 9.80 34.41 -49.14
N VAL A 259 10.06 34.45 -50.44
CA VAL A 259 11.36 34.90 -50.92
C VAL A 259 11.59 36.35 -50.52
N GLU A 260 10.58 37.20 -50.71
CA GLU A 260 10.75 38.58 -50.41
C GLU A 260 10.91 38.81 -48.91
N GLN A 261 10.20 38.04 -48.10
CA GLN A 261 10.46 38.09 -46.65
C GLN A 261 11.91 37.69 -46.32
N ALA A 262 12.45 36.68 -47.01
CA ALA A 262 13.84 36.27 -46.82
C ALA A 262 14.83 37.42 -47.16
N ARG A 263 14.53 38.15 -48.23
CA ARG A 263 15.30 39.34 -48.62
C ARG A 263 15.31 40.44 -47.56
N ILE A 264 14.13 40.73 -47.03
CA ILE A 264 13.98 41.68 -45.93
C ILE A 264 14.76 41.18 -44.70
N ASP A 265 14.55 39.92 -44.33
CA ASP A 265 15.26 39.32 -43.20
C ASP A 265 16.76 39.48 -43.37
N GLN A 266 17.23 39.28 -44.60
CA GLN A 266 18.65 39.35 -44.89
C GLN A 266 19.18 40.76 -44.68
N GLN A 267 18.44 41.77 -45.16
CA GLN A 267 18.86 43.16 -44.96
C GLN A 267 18.82 43.55 -43.47
N VAL A 268 17.83 43.03 -42.74
CA VAL A 268 17.72 43.29 -41.29
C VAL A 268 18.85 42.61 -40.53
N GLU A 269 19.04 41.32 -40.79
CA GLU A 269 19.99 40.49 -40.06
C GLU A 269 21.45 40.81 -40.34
N LEU A 270 21.77 40.99 -41.63
CA LEU A 270 23.15 41.09 -42.08
C LEU A 270 23.58 42.50 -42.50
N GLY A 271 22.63 43.30 -42.98
CA GLY A 271 22.90 44.62 -43.53
C GLY A 271 24.16 44.63 -44.37
N ASP A 272 25.08 45.56 -44.07
CA ASP A 272 26.39 45.64 -44.73
C ASP A 272 27.51 45.15 -43.82
N LEU A 273 27.15 44.43 -42.76
CA LEU A 273 28.14 43.83 -41.87
C LEU A 273 29.05 42.88 -42.64
N SER A 274 30.31 42.85 -42.21
CA SER A 274 31.31 41.94 -42.75
C SER A 274 31.10 40.53 -42.20
N PHE A 275 31.71 39.55 -42.88
CA PHE A 275 31.72 38.17 -42.41
C PHE A 275 32.17 38.06 -40.94
N ASP A 276 33.32 38.67 -40.63
CA ASP A 276 33.90 38.65 -39.27
C ASP A 276 32.95 39.17 -38.20
N ALA A 277 32.26 40.27 -38.52
CA ALA A 277 31.29 40.88 -37.58
C ALA A 277 30.03 40.05 -37.39
N ILE A 278 29.55 39.41 -38.45
CA ILE A 278 28.44 38.46 -38.32
C ILE A 278 28.84 37.25 -37.48
N ARG A 279 30.03 36.70 -37.75
CA ARG A 279 30.55 35.58 -36.96
C ARG A 279 30.73 36.00 -35.50
N ASP A 280 31.34 37.16 -35.30
CA ASP A 280 31.61 37.67 -33.95
C ASP A 280 30.32 37.89 -33.17
N ARG A 281 29.32 38.47 -33.83
CA ARG A 281 28.04 38.75 -33.17
C ARG A 281 27.30 37.49 -32.74
N THR A 282 27.39 36.43 -33.55
CA THR A 282 26.76 35.18 -33.16
C THR A 282 27.51 34.54 -32.00
N ARG A 283 28.84 34.66 -31.97
CA ARG A 283 29.62 34.15 -30.84
C ARG A 283 29.19 34.82 -29.54
N ALA A 284 28.98 36.15 -29.58
CA ALA A 284 28.53 36.90 -28.41
C ALA A 284 27.12 36.50 -27.99
N GLU A 285 26.23 36.35 -28.97
CA GLU A 285 24.90 35.82 -28.68
C GLU A 285 25.00 34.44 -27.97
N TRP A 286 25.92 33.58 -28.40
CA TRP A 286 26.07 32.27 -27.73
C TRP A 286 26.58 32.44 -26.31
N ASN A 287 27.54 33.36 -26.13
CA ASN A 287 28.09 33.63 -24.80
C ASN A 287 27.05 34.16 -23.81
N ALA A 288 26.11 34.96 -24.30
CA ALA A 288 25.00 35.43 -23.49
C ALA A 288 24.05 34.28 -23.12
N THR A 289 23.75 33.42 -24.10
CA THR A 289 22.90 32.25 -23.88
C THR A 289 23.55 31.24 -22.91
N LEU A 290 24.79 30.87 -23.19
CA LEU A 290 25.53 29.98 -22.30
C LEU A 290 25.77 30.59 -20.92
N GLY A 291 26.00 31.90 -20.89
CA GLY A 291 26.23 32.63 -19.64
C GLY A 291 25.09 32.67 -18.65
N ARG A 292 23.93 32.15 -19.07
CA ARG A 292 22.78 31.98 -18.19
C ARG A 292 23.08 30.99 -17.06
N VAL A 293 24.00 30.06 -17.34
CA VAL A 293 24.54 29.13 -16.32
C VAL A 293 26.03 29.34 -16.11
N ALA A 294 26.40 29.72 -14.90
CA ALA A 294 27.79 29.92 -14.53
C ALA A 294 28.24 28.88 -13.54
N ILE A 295 29.34 28.22 -13.87
CA ILE A 295 29.81 27.07 -13.10
C ILE A 295 31.20 27.28 -12.48
N ASP A 296 31.33 26.83 -11.24
CA ASP A 296 32.58 26.78 -10.53
C ASP A 296 32.80 25.30 -10.25
N ALA A 297 33.77 24.71 -10.93
CA ALA A 297 34.04 23.26 -10.80
C ALA A 297 35.47 23.01 -10.34
N SER A 298 35.64 22.53 -9.11
CA SER A 298 36.96 22.26 -8.52
C SER A 298 37.66 21.13 -9.25
N THR A 299 38.98 21.06 -9.06
CA THR A 299 39.79 19.90 -9.44
C THR A 299 39.18 18.61 -8.91
N ALA A 300 38.66 18.63 -7.69
CA ALA A 300 38.14 17.41 -7.04
C ALA A 300 37.03 16.72 -7.85
N THR A 301 36.12 17.50 -8.41
CA THR A 301 34.98 16.96 -9.15
C THR A 301 35.26 16.89 -10.67
N ASP A 302 36.20 17.69 -11.15
CA ASP A 302 36.52 17.77 -12.57
C ASP A 302 38.03 17.96 -12.75
N PRO A 303 38.82 16.90 -12.48
CA PRO A 303 40.29 17.06 -12.50
C PRO A 303 40.86 17.47 -13.87
N THR A 304 40.20 17.08 -14.97
CA THR A 304 40.72 17.33 -16.31
C THR A 304 40.08 18.54 -17.01
N GLY A 305 39.02 19.07 -16.41
CA GLY A 305 38.22 20.13 -17.07
C GLY A 305 37.24 19.66 -18.14
N GLU A 306 37.19 18.34 -18.39
CA GLU A 306 36.29 17.80 -19.43
C GLU A 306 34.82 17.80 -19.03
N LEU A 307 34.55 17.69 -17.74
CA LEU A 307 33.17 17.68 -17.30
C LEU A 307 32.54 19.07 -17.51
N GLN A 308 33.31 20.13 -17.27
CA GLN A 308 32.83 21.50 -17.53
C GLN A 308 32.61 21.73 -19.04
N ARG A 309 33.52 21.21 -19.87
CA ARG A 309 33.36 21.30 -21.32
C ARG A 309 32.13 20.50 -21.79
N LEU A 310 31.95 19.33 -21.19
CA LEU A 310 30.80 18.49 -21.48
C LEU A 310 29.53 19.22 -21.12
N PHE A 311 29.48 19.82 -19.93
CA PHE A 311 28.32 20.64 -19.58
C PHE A 311 27.98 21.70 -20.64
N TYR A 312 28.96 22.53 -20.99
CA TYR A 312 28.71 23.65 -21.90
C TYR A 312 28.39 23.21 -23.34
N THR A 313 28.98 22.10 -23.75
CA THR A 313 28.68 21.49 -25.04
C THR A 313 27.20 21.07 -25.07
N HIS A 314 26.74 20.44 -24.00
CA HIS A 314 25.34 19.99 -23.94
C HIS A 314 24.36 21.14 -23.66
N LEU A 315 24.81 22.16 -22.93
CA LEU A 315 23.99 23.37 -22.84
C LEU A 315 23.81 23.97 -24.25
N TYR A 316 24.88 24.02 -25.03
CA TYR A 316 24.81 24.47 -26.42
C TYR A 316 23.76 23.67 -27.21
N ARG A 317 23.79 22.35 -27.07
CA ARG A 317 22.86 21.46 -27.76
C ARG A 317 21.40 21.64 -27.30
N MET A 318 21.21 22.06 -26.05
CA MET A 318 19.87 22.32 -25.51
C MET A 318 19.12 23.48 -26.19
N PHE A 319 19.87 24.43 -26.75
CA PHE A 319 19.30 25.58 -27.46
C PHE A 319 19.37 25.41 -28.99
N ALA A 320 18.73 24.36 -29.51
CA ALA A 320 18.67 24.12 -30.96
C ALA A 320 17.23 24.01 -31.47
N MET A 321 16.41 23.16 -30.85
CA MET A 321 15.06 22.88 -31.35
C MET A 321 14.06 23.01 -30.21
N PRO A 322 12.82 23.49 -30.50
CA PRO A 322 12.35 23.97 -31.80
C PRO A 322 13.09 25.23 -32.29
N MET A 323 13.12 25.43 -33.61
CA MET A 323 13.87 26.51 -34.22
C MET A 323 13.01 27.74 -34.34
N ASN A 324 13.65 28.92 -34.33
CA ASN A 324 12.96 30.17 -34.61
C ASN A 324 12.38 30.09 -36.02
N ALA A 325 11.05 30.02 -36.10
CA ALA A 325 10.31 29.99 -37.38
C ALA A 325 9.57 31.30 -37.68
N THR A 326 10.08 32.40 -37.12
CA THR A 326 9.51 33.75 -37.24
C THR A 326 10.39 34.65 -38.11
N SER A 327 9.74 35.47 -38.94
CA SER A 327 10.43 36.47 -39.76
C SER A 327 10.86 37.66 -38.92
N THR A 328 11.71 38.52 -39.49
CA THR A 328 12.10 39.78 -38.82
C THR A 328 10.93 40.77 -38.73
N SER A 329 9.87 40.50 -39.50
CA SER A 329 8.68 41.32 -39.47
C SER A 329 7.64 40.83 -38.45
N GLY A 330 7.98 39.78 -37.70
CA GLY A 330 7.09 39.19 -36.70
C GLY A 330 5.97 38.33 -37.25
N THR A 331 6.17 37.72 -38.41
CA THR A 331 5.20 36.82 -39.02
C THR A 331 5.70 35.38 -39.12
N TYR A 332 4.78 34.43 -39.30
CA TYR A 332 5.11 33.02 -39.45
C TYR A 332 4.14 32.40 -40.47
N ARG A 333 4.43 31.20 -40.95
CA ARG A 333 3.47 30.54 -41.82
C ARG A 333 2.78 29.42 -41.08
N GLY A 334 1.46 29.40 -41.17
CA GLY A 334 0.65 28.43 -40.46
C GLY A 334 0.42 27.20 -41.30
N VAL A 335 0.03 26.10 -40.65
CA VAL A 335 -0.33 24.87 -41.36
C VAL A 335 -1.48 25.06 -42.35
N ASP A 336 -2.22 26.17 -42.25
CA ASP A 336 -3.23 26.51 -43.27
C ASP A 336 -2.59 27.04 -44.56
N GLY A 337 -1.30 27.34 -44.51
CA GLY A 337 -0.59 27.75 -45.72
C GLY A 337 -0.56 29.27 -45.85
N ALA A 338 -1.08 29.93 -44.83
CA ALA A 338 -1.17 31.38 -44.85
C ALA A 338 -0.24 32.04 -43.84
N VAL A 339 -0.02 33.35 -44.03
CA VAL A 339 0.86 34.13 -43.21
C VAL A 339 0.07 34.68 -42.02
N HIS A 340 0.65 34.60 -40.81
CA HIS A 340 0.00 35.08 -39.58
C HIS A 340 0.98 35.87 -38.73
N ALA A 341 0.43 36.73 -37.87
CA ALA A 341 1.25 37.47 -36.92
C ALA A 341 1.61 36.61 -35.70
N ALA A 342 2.87 36.64 -35.31
CA ALA A 342 3.26 36.11 -34.00
C ALA A 342 3.30 37.34 -33.12
N GLN A 343 2.15 37.75 -32.61
CA GLN A 343 2.01 39.03 -31.91
C GLN A 343 2.58 38.99 -30.50
N GLY A 344 3.66 39.75 -30.28
CA GLY A 344 4.24 39.91 -28.94
C GLY A 344 5.05 38.73 -28.42
N PHE A 345 5.42 37.83 -29.33
CA PHE A 345 6.18 36.62 -28.97
C PHE A 345 6.83 36.06 -30.22
N THR A 346 7.84 35.23 -30.03
CA THR A 346 8.52 34.58 -31.15
C THR A 346 7.91 33.22 -31.37
N TYR A 347 7.54 32.94 -32.62
CA TYR A 347 6.97 31.64 -32.98
C TYR A 347 8.11 30.66 -33.28
N TYR A 348 8.13 29.56 -32.53
CA TYR A 348 9.03 28.45 -32.77
C TYR A 348 8.27 27.26 -33.39
N ASP A 349 9.01 26.47 -34.17
CA ASP A 349 8.47 25.30 -34.86
C ASP A 349 9.59 24.28 -35.03
N SER A 350 9.18 23.03 -35.25
CA SER A 350 10.04 21.84 -35.43
C SER A 350 10.01 20.99 -34.19
N TRP A 351 9.16 19.96 -34.20
CA TRP A 351 8.82 19.25 -32.99
C TRP A 351 9.13 17.77 -33.13
N ALA A 352 9.57 17.14 -32.05
CA ALA A 352 9.79 15.69 -32.01
C ALA A 352 9.34 15.26 -30.62
N THR A 353 8.13 15.65 -30.27
CA THR A 353 7.70 15.66 -28.88
C THR A 353 7.51 14.26 -28.26
N TRP A 354 7.26 13.24 -29.08
CA TRP A 354 7.22 11.84 -28.60
C TRP A 354 8.55 11.46 -27.91
N ASP A 355 9.67 11.91 -28.49
CA ASP A 355 10.99 11.69 -27.92
C ASP A 355 11.39 12.71 -26.87
N ASP A 356 11.04 13.97 -27.08
CA ASP A 356 11.73 15.03 -26.35
C ASP A 356 10.96 15.75 -25.25
N PHE A 357 9.75 15.29 -24.94
CA PHE A 357 8.84 16.07 -24.10
C PHE A 357 9.42 16.52 -22.75
N ARG A 358 10.27 15.71 -22.14
CA ARG A 358 10.84 16.09 -20.83
C ARG A 358 11.85 17.26 -20.92
N LYS A 359 12.36 17.54 -22.11
CA LYS A 359 13.39 18.57 -22.25
C LYS A 359 12.84 19.97 -21.95
N PHE A 360 11.57 20.20 -22.30
CA PHE A 360 10.95 21.49 -22.12
C PHE A 360 10.88 21.85 -20.65
N SER A 361 10.60 20.86 -19.79
CA SER A 361 10.51 21.12 -18.36
C SER A 361 11.82 21.70 -17.81
N VAL A 362 12.95 21.29 -18.40
CA VAL A 362 14.29 21.78 -18.02
C VAL A 362 14.56 23.17 -18.61
N ILE A 363 14.27 23.35 -19.91
CA ILE A 363 14.31 24.67 -20.53
C ILE A 363 13.58 25.70 -19.65
N ALA A 364 12.41 25.32 -19.12
CA ALA A 364 11.66 26.20 -18.20
C ALA A 364 12.51 26.81 -17.09
N TYR A 365 13.44 26.05 -16.50
CA TYR A 365 14.22 26.64 -15.41
C TYR A 365 15.57 27.26 -15.82
N ILE A 366 15.94 27.08 -17.09
CA ILE A 366 17.17 27.68 -17.60
C ILE A 366 16.91 28.99 -18.36
N ASP A 367 15.85 29.00 -19.19
CA ASP A 367 15.45 30.17 -19.96
C ASP A 367 13.93 30.27 -20.01
N PRO A 368 13.32 30.80 -18.91
CA PRO A 368 11.85 30.79 -18.81
C PRO A 368 11.13 31.50 -19.98
N ALA A 369 11.68 32.62 -20.45
CA ALA A 369 11.07 33.41 -21.55
C ALA A 369 11.05 32.63 -22.85
N LEU A 370 12.14 31.93 -23.13
CA LEU A 370 12.19 31.11 -24.35
C LEU A 370 11.17 30.00 -24.26
N TYR A 371 11.15 29.33 -23.10
CA TYR A 371 10.19 28.25 -22.84
C TYR A 371 8.78 28.73 -23.03
N ARG A 372 8.44 29.90 -22.48
CA ARG A 372 7.11 30.45 -22.65
C ARG A 372 6.80 30.60 -24.15
N ASP A 373 7.74 31.15 -24.92
CA ASP A 373 7.46 31.36 -26.36
C ASP A 373 7.23 30.03 -27.08
N MET A 374 8.02 29.01 -26.70
CA MET A 374 7.85 27.69 -27.26
C MET A 374 6.46 27.10 -26.99
N VAL A 375 5.98 27.23 -25.76
CA VAL A 375 4.68 26.68 -25.40
C VAL A 375 3.58 27.45 -26.12
N GLN A 376 3.71 28.78 -26.16
CA GLN A 376 2.76 29.62 -26.89
C GLN A 376 2.72 29.21 -28.35
N SER A 377 3.90 28.89 -28.89
CA SER A 377 4.01 28.49 -30.30
C SER A 377 3.32 27.17 -30.53
N LEU A 378 3.51 26.24 -29.57
CA LEU A 378 2.88 24.92 -29.64
C LEU A 378 1.36 25.06 -29.62
N VAL A 379 0.87 25.98 -28.79
CA VAL A 379 -0.55 26.34 -28.74
C VAL A 379 -1.07 26.88 -30.09
N TYR A 380 -0.33 27.79 -30.72
CA TYR A 380 -0.71 28.34 -32.03
C TYR A 380 -0.75 27.29 -33.11
N LEU A 381 0.18 26.34 -33.03
CA LEU A 381 0.29 25.26 -34.01
C LEU A 381 -0.96 24.39 -34.03
N PHE A 382 -1.43 24.01 -32.85
CA PHE A 382 -2.67 23.23 -32.71
C PHE A 382 -3.92 24.07 -32.97
N ALA A 383 -3.87 25.35 -32.59
CA ALA A 383 -4.96 26.27 -32.84
C ALA A 383 -5.16 26.43 -34.36
N ASP A 384 -4.04 26.47 -35.08
CA ASP A 384 -4.04 26.54 -36.55
C ASP A 384 -4.63 25.30 -37.21
N ALA A 385 -4.24 24.11 -36.74
CA ALA A 385 -4.87 22.86 -37.23
C ALA A 385 -6.39 22.93 -37.06
N GLU A 386 -6.83 23.36 -35.89
CA GLU A 386 -8.27 23.50 -35.62
C GLU A 386 -8.94 24.51 -36.56
N ALA A 387 -8.28 25.65 -36.77
CA ALA A 387 -8.76 26.73 -37.65
C ALA A 387 -9.02 26.31 -39.10
N THR A 388 -8.28 25.33 -39.61
CA THR A 388 -8.47 24.83 -40.97
C THR A 388 -9.89 24.25 -41.14
N GLY A 389 -10.48 23.84 -40.02
CA GLY A 389 -11.78 23.18 -40.02
C GLY A 389 -11.77 21.77 -40.61
N THR A 390 -10.59 21.25 -40.94
CA THR A 390 -10.54 19.95 -41.65
C THR A 390 -10.59 18.74 -40.73
N GLY A 391 -10.31 18.95 -39.44
CA GLY A 391 -10.22 17.85 -38.47
C GLY A 391 -9.02 16.92 -38.66
N GLY A 392 -8.25 17.15 -39.72
CA GLY A 392 -7.07 16.34 -40.03
C GLY A 392 -5.95 16.51 -39.02
N GLY A 393 -5.08 15.50 -38.91
CA GLY A 393 -3.93 15.53 -38.01
C GLY A 393 -2.83 16.42 -38.57
N LEU A 394 -1.88 16.79 -37.72
CA LEU A 394 -0.80 17.66 -38.16
C LEU A 394 -0.01 17.06 -39.33
N GLY A 395 0.07 15.74 -39.40
CA GLY A 395 0.75 15.04 -40.50
C GLY A 395 0.22 15.31 -41.90
N GLY A 396 -1.01 15.84 -42.00
CA GLY A 396 -1.61 16.09 -43.30
C GLY A 396 -1.32 17.47 -43.91
N PHE A 397 -0.63 18.32 -43.16
CA PHE A 397 -0.33 19.66 -43.64
C PHE A 397 1.13 19.77 -44.05
N VAL A 398 1.42 20.78 -44.86
CA VAL A 398 2.80 21.15 -45.17
C VAL A 398 3.29 22.07 -44.05
N HIS A 399 4.40 21.70 -43.39
CA HIS A 399 4.90 22.50 -42.26
C HIS A 399 5.89 23.64 -42.61
N SER A 400 6.10 24.58 -41.68
CA SER A 400 6.86 25.82 -41.97
C SER A 400 8.36 25.63 -41.92
N VAL A 401 8.79 24.53 -41.28
CA VAL A 401 10.22 24.16 -41.11
C VAL A 401 10.26 22.63 -41.08
N PRO A 402 11.44 22.01 -41.33
CA PRO A 402 11.51 20.57 -41.16
C PRO A 402 11.07 20.21 -39.75
N THR A 403 10.33 19.12 -39.63
CA THR A 403 9.72 18.77 -38.35
C THR A 403 9.54 17.26 -38.25
N VAL A 404 9.15 16.77 -37.08
CA VAL A 404 9.14 15.31 -36.87
C VAL A 404 7.75 14.81 -36.46
N ARG A 405 7.38 15.02 -35.21
CA ARG A 405 6.19 14.37 -34.63
C ARG A 405 5.73 15.13 -33.38
N TRP A 406 4.47 14.92 -32.97
CA TRP A 406 3.82 15.85 -32.05
C TRP A 406 3.18 15.19 -30.82
N GLU A 407 3.29 13.89 -30.69
CA GLU A 407 2.73 13.20 -29.53
C GLU A 407 3.31 13.77 -28.24
N ARG A 408 2.50 13.76 -27.17
CA ARG A 408 2.89 14.27 -25.84
C ARG A 408 2.82 15.79 -25.73
N SER A 409 2.43 16.47 -26.83
CA SER A 409 2.23 17.94 -26.78
C SER A 409 1.33 18.36 -25.60
N SER A 410 0.29 17.57 -25.31
CA SER A 410 -0.64 17.91 -24.20
C SER A 410 0.09 17.98 -22.86
N VAL A 411 1.14 17.19 -22.73
CA VAL A 411 1.94 17.13 -21.50
C VAL A 411 2.78 18.38 -21.39
N VAL A 412 3.37 18.80 -22.52
CA VAL A 412 4.21 19.99 -22.57
C VAL A 412 3.40 21.26 -22.25
N VAL A 413 2.20 21.38 -22.83
CA VAL A 413 1.33 22.53 -22.55
C VAL A 413 0.98 22.53 -21.06
N ALA A 414 0.62 21.35 -20.55
CA ALA A 414 0.28 21.17 -19.15
C ALA A 414 1.45 21.53 -18.23
N ASP A 415 2.67 21.32 -18.72
CA ASP A 415 3.89 21.63 -17.99
C ASP A 415 3.96 23.12 -17.67
N ALA A 416 3.68 23.96 -18.66
CA ALA A 416 3.63 25.43 -18.46
C ALA A 416 2.47 25.83 -17.56
N ILE A 417 1.30 25.23 -17.75
CA ILE A 417 0.18 25.55 -16.88
C ILE A 417 0.48 25.16 -15.43
N ALA A 418 0.97 23.94 -15.20
CA ALA A 418 1.27 23.52 -13.81
C ALA A 418 2.31 24.44 -13.19
N LYS A 419 3.22 24.95 -14.02
CA LYS A 419 4.28 25.88 -13.59
C LYS A 419 3.81 27.34 -13.44
N GLY A 420 2.52 27.59 -13.60
CA GLY A 420 1.94 28.92 -13.32
C GLY A 420 2.01 29.94 -14.45
N PHE A 421 2.37 29.49 -15.65
CA PHE A 421 2.33 30.34 -16.84
C PHE A 421 0.90 30.52 -17.29
N ASP A 422 0.53 31.75 -17.62
CA ASP A 422 -0.83 31.98 -18.10
C ASP A 422 -0.90 33.00 -19.24
N GLY A 423 -2.11 33.31 -19.68
CA GLY A 423 -2.30 34.20 -20.82
C GLY A 423 -1.82 33.56 -22.12
N PHE A 424 -2.06 32.26 -22.29
CA PHE A 424 -1.69 31.59 -23.53
C PHE A 424 -2.81 31.80 -24.54
N ASP A 425 -2.59 32.77 -25.43
CA ASP A 425 -3.56 33.12 -26.43
C ASP A 425 -3.90 31.91 -27.30
N ARG A 426 -5.21 31.72 -27.55
CA ARG A 426 -5.76 30.68 -28.43
C ARG A 426 -5.70 29.26 -27.87
N LEU A 427 -5.56 29.13 -26.56
CA LEU A 427 -5.58 27.81 -25.91
C LEU A 427 -6.94 27.13 -26.11
N ASP A 428 -8.02 27.90 -26.02
CA ASP A 428 -9.35 27.34 -26.27
C ASP A 428 -9.46 26.68 -27.66
N GLU A 429 -8.82 27.27 -28.67
CA GLU A 429 -8.77 26.70 -30.03
C GLU A 429 -7.85 25.49 -30.13
N ALA A 430 -6.70 25.54 -29.46
CA ALA A 430 -5.76 24.44 -29.45
C ALA A 430 -6.39 23.16 -28.86
N TYR A 431 -7.19 23.33 -27.81
CA TYR A 431 -7.74 22.19 -27.05
C TYR A 431 -8.42 21.05 -27.87
N PRO A 432 -9.40 21.37 -28.73
CA PRO A 432 -10.00 20.26 -29.48
C PRO A 432 -9.02 19.53 -30.42
N ALA A 433 -8.05 20.26 -30.97
CA ALA A 433 -7.01 19.63 -31.78
C ALA A 433 -6.09 18.76 -30.92
N LEU A 434 -5.85 19.19 -29.69
CA LEU A 434 -5.08 18.38 -28.75
C LEU A 434 -5.88 17.14 -28.35
N GLN A 435 -7.20 17.26 -28.19
CA GLN A 435 -8.06 16.09 -27.95
C GLN A 435 -7.98 15.05 -29.08
N ARG A 436 -8.02 15.49 -30.33
CA ARG A 436 -7.92 14.55 -31.47
C ARG A 436 -6.55 13.89 -31.54
N LEU A 437 -5.51 14.64 -31.17
CA LEU A 437 -4.15 14.12 -31.10
C LEU A 437 -4.09 12.95 -30.12
N VAL A 438 -4.61 13.18 -28.93
CA VAL A 438 -4.62 12.18 -27.87
C VAL A 438 -5.50 10.96 -28.23
N GLY A 439 -6.62 11.22 -28.90
CA GLY A 439 -7.52 10.16 -29.33
C GLY A 439 -8.38 9.72 -28.17
N GLN A 440 -9.39 8.91 -28.49
CA GLN A 440 -10.29 8.34 -27.49
C GLN A 440 -10.17 6.82 -27.51
N TYR A 441 -10.29 6.19 -26.33
CA TYR A 441 -10.49 4.75 -26.27
C TYR A 441 -11.76 4.41 -27.08
N SER A 442 -11.76 3.26 -27.76
CA SER A 442 -12.98 2.78 -28.42
C SER A 442 -14.02 2.35 -27.37
N ALA A 443 -15.26 2.11 -27.81
CA ALA A 443 -16.29 1.57 -26.94
C ALA A 443 -15.78 0.39 -26.10
N ASP A 444 -15.25 -0.62 -26.76
CA ASP A 444 -14.79 -1.84 -26.05
C ASP A 444 -13.67 -1.51 -25.07
N GLU A 445 -12.80 -0.58 -25.47
CA GLU A 445 -11.69 -0.11 -24.63
C GLU A 445 -12.18 0.67 -23.40
N LEU A 446 -13.18 1.53 -23.60
CA LEU A 446 -13.80 2.24 -22.48
C LEU A 446 -14.37 1.26 -21.46
N ARG A 447 -15.07 0.23 -21.95
CA ARG A 447 -15.63 -0.79 -21.08
C ARG A 447 -14.56 -1.50 -20.23
N ARG A 448 -13.48 -1.96 -20.87
CA ARG A 448 -12.48 -2.75 -20.14
C ARG A 448 -11.40 -1.92 -19.46
N GLY A 449 -11.19 -0.69 -19.94
CA GLY A 449 -10.22 0.24 -19.35
C GLY A 449 -8.82 0.24 -19.92
N TYR A 450 -8.63 -0.38 -21.09
CA TYR A 450 -7.30 -0.47 -21.71
C TYR A 450 -7.35 -1.00 -23.16
N VAL A 451 -6.29 -0.73 -23.92
CA VAL A 451 -6.17 -1.26 -25.28
C VAL A 451 -5.65 -2.70 -25.21
N ALA A 452 -6.44 -3.64 -25.73
CA ALA A 452 -6.12 -5.07 -25.69
C ALA A 452 -4.77 -5.40 -26.33
N GLY A 453 -3.92 -6.11 -25.60
CA GLY A 453 -2.60 -6.50 -26.12
C GLY A 453 -1.62 -5.37 -26.45
N ASN A 454 -1.94 -4.14 -26.03
CA ASN A 454 -1.10 -2.99 -26.36
C ASN A 454 -0.81 -2.14 -25.11
N PRO A 455 0.05 -2.65 -24.20
CA PRO A 455 0.31 -1.90 -22.96
C PRO A 455 0.95 -0.53 -23.23
N GLY A 456 1.69 -0.42 -24.32
CA GLY A 456 2.39 0.83 -24.65
C GLY A 456 1.44 1.95 -24.99
N ALA A 457 0.46 1.67 -25.85
CA ALA A 457 -0.53 2.65 -26.24
C ALA A 457 -1.37 3.10 -25.03
N SER A 458 -1.64 2.16 -24.11
CA SER A 458 -2.41 2.45 -22.89
C SER A 458 -1.70 3.43 -21.97
N VAL A 459 -0.47 3.12 -21.57
CA VAL A 459 0.29 4.02 -20.69
C VAL A 459 0.51 5.38 -21.34
N GLN A 460 0.68 5.41 -22.66
CA GLN A 460 0.89 6.66 -23.38
C GLN A 460 -0.33 7.56 -23.35
N ARG A 461 -1.51 7.00 -23.62
CA ARG A 461 -2.75 7.75 -23.53
C ARG A 461 -2.97 8.22 -22.09
N GLY A 462 -2.56 7.42 -21.14
CA GLY A 462 -2.71 7.77 -19.73
C GLY A 462 -2.00 9.08 -19.45
N TYR A 463 -0.75 9.19 -19.88
CA TYR A 463 0.02 10.42 -19.68
C TYR A 463 -0.57 11.59 -20.50
N ASP A 464 -0.97 11.32 -21.74
CA ASP A 464 -1.63 12.34 -22.57
C ASP A 464 -2.87 12.90 -21.91
N GLN A 465 -3.67 12.00 -21.33
CA GLN A 465 -4.93 12.39 -20.68
C GLN A 465 -4.70 13.16 -19.38
N TYR A 466 -3.69 12.74 -18.61
CA TYR A 466 -3.26 13.58 -17.49
C TYR A 466 -2.98 15.01 -17.98
N GLY A 467 -2.19 15.15 -19.05
CA GLY A 467 -1.84 16.49 -19.56
C GLY A 467 -3.04 17.29 -20.04
N LEU A 468 -3.90 16.64 -20.81
CA LEU A 468 -5.15 17.24 -21.25
C LEU A 468 -5.99 17.70 -20.05
N SER A 469 -5.98 16.89 -18.98
CA SER A 469 -6.76 17.23 -17.79
C SER A 469 -6.35 18.58 -17.19
N VAL A 470 -5.05 18.84 -17.14
CA VAL A 470 -4.50 20.12 -16.67
C VAL A 470 -4.99 21.28 -17.57
N ILE A 471 -4.90 21.09 -18.89
CA ILE A 471 -5.42 22.06 -19.85
C ILE A 471 -6.94 22.26 -19.71
N ALA A 472 -7.66 21.17 -19.49
CA ALA A 472 -9.13 21.27 -19.34
C ALA A 472 -9.54 22.17 -18.15
N ASP A 473 -8.89 21.96 -17.00
CA ASP A 473 -9.15 22.74 -15.78
C ASP A 473 -8.79 24.22 -15.98
N GLU A 474 -7.73 24.46 -16.75
CA GLU A 474 -7.33 25.84 -17.05
C GLU A 474 -8.36 26.55 -17.92
N LEU A 475 -9.07 25.79 -18.75
CA LEU A 475 -10.08 26.37 -19.64
C LEU A 475 -11.46 26.40 -18.96
N GLY A 476 -11.49 25.97 -17.70
CA GLY A 476 -12.74 25.89 -16.95
C GLY A 476 -13.64 24.73 -17.34
N LEU A 477 -13.08 23.71 -17.97
CA LEU A 477 -13.85 22.51 -18.35
C LEU A 477 -13.71 21.45 -17.25
N THR A 478 -14.26 21.77 -16.08
CA THR A 478 -14.07 21.00 -14.85
C THR A 478 -14.50 19.56 -14.98
N GLU A 479 -15.67 19.35 -15.59
CA GLU A 479 -16.25 18.02 -15.78
C GLU A 479 -15.39 17.16 -16.72
N GLU A 480 -14.95 17.75 -17.83
CA GLU A 480 -14.00 17.09 -18.75
C GLU A 480 -12.70 16.69 -18.05
N ALA A 481 -12.15 17.60 -17.25
CA ALA A 481 -10.95 17.33 -16.49
C ALA A 481 -11.08 16.11 -15.57
N GLU A 482 -12.21 15.98 -14.88
CA GLU A 482 -12.46 14.84 -13.99
C GLU A 482 -12.47 13.50 -14.74
N THR A 483 -13.18 13.49 -15.87
CA THR A 483 -13.26 12.30 -16.72
C THR A 483 -11.87 11.92 -17.21
N LEU A 484 -11.11 12.92 -17.64
CA LEU A 484 -9.73 12.70 -18.11
C LEU A 484 -8.84 12.08 -17.03
N ARG A 485 -8.87 12.65 -15.83
CA ARG A 485 -8.12 12.11 -14.69
C ARG A 485 -8.52 10.67 -14.33
N GLU A 486 -9.82 10.39 -14.41
CA GLU A 486 -10.33 9.04 -14.22
C GLU A 486 -9.71 8.10 -15.26
N GLN A 487 -9.84 8.44 -16.54
CA GLN A 487 -9.26 7.61 -17.61
C GLN A 487 -7.74 7.45 -17.49
N ALA A 488 -7.06 8.51 -17.05
CA ALA A 488 -5.61 8.49 -16.86
C ALA A 488 -5.15 7.54 -15.75
N SER A 489 -6.05 7.20 -14.83
CA SER A 489 -5.73 6.25 -13.77
C SER A 489 -5.76 4.80 -14.30
N TRP A 490 -6.47 4.57 -15.41
CA TRP A 490 -6.76 3.21 -15.92
C TRP A 490 -5.52 2.33 -16.25
N PRO A 491 -4.51 2.90 -16.95
CA PRO A 491 -3.37 2.05 -17.34
C PRO A 491 -2.67 1.45 -16.12
N ILE A 492 -2.44 2.27 -15.09
CA ILE A 492 -1.82 1.77 -13.84
C ILE A 492 -2.68 0.69 -13.16
N GLU A 493 -3.96 0.96 -12.99
CA GLU A 493 -4.83 0.04 -12.26
C GLU A 493 -5.04 -1.27 -13.02
N LYS A 494 -5.26 -1.16 -14.33
CA LYS A 494 -5.71 -2.30 -15.13
C LYS A 494 -4.60 -3.11 -15.79
N LEU A 495 -3.40 -2.53 -15.96
CA LEU A 495 -2.31 -3.26 -16.62
C LEU A 495 -1.14 -3.67 -15.73
N THR A 496 -1.16 -3.30 -14.44
CA THR A 496 -0.08 -3.72 -13.54
C THR A 496 -0.45 -5.09 -12.99
N LYS A 497 0.15 -6.13 -13.55
CA LYS A 497 -0.15 -7.50 -13.16
C LYS A 497 0.51 -7.88 -11.85
N PRO A 498 -0.29 -8.24 -10.83
CA PRO A 498 0.32 -8.61 -9.54
C PRO A 498 1.22 -9.82 -9.68
N GLY A 499 2.31 -9.83 -8.93
CA GLY A 499 3.23 -10.97 -8.92
C GLY A 499 3.88 -11.28 -10.26
N ALA A 500 4.00 -10.27 -11.13
CA ALA A 500 4.66 -10.43 -12.43
C ALA A 500 6.13 -10.78 -12.25
N TRP A 501 6.74 -10.23 -11.20
CA TRP A 501 8.09 -10.56 -10.83
C TRP A 501 8.11 -10.87 -9.33
N THR A 502 8.87 -11.89 -8.93
CA THR A 502 8.99 -12.27 -7.52
C THR A 502 10.39 -11.96 -7.02
N ALA A 503 10.47 -11.13 -5.98
CA ALA A 503 11.75 -10.75 -5.39
C ALA A 503 12.47 -11.93 -4.71
N ALA A 504 13.77 -11.74 -4.40
CA ALA A 504 14.61 -12.79 -3.80
C ALA A 504 14.05 -13.32 -2.48
N ASP A 505 13.34 -12.48 -1.74
CA ASP A 505 12.74 -12.89 -0.48
C ASP A 505 11.25 -13.27 -0.63
N GLY A 506 10.79 -13.45 -1.87
CA GLY A 506 9.40 -13.87 -2.11
C GLY A 506 8.39 -12.76 -2.35
N THR A 507 8.77 -11.51 -2.09
CA THR A 507 7.87 -10.37 -2.25
C THR A 507 7.31 -10.31 -3.68
N GLN A 508 5.98 -10.14 -3.78
CA GLN A 508 5.29 -10.11 -5.07
C GLN A 508 5.24 -8.71 -5.68
N VAL A 509 5.86 -8.54 -6.83
CA VAL A 509 6.00 -7.23 -7.46
C VAL A 509 5.18 -7.17 -8.73
N GLY A 510 4.25 -6.22 -8.81
CA GLY A 510 3.43 -6.03 -9.99
C GLY A 510 4.14 -5.23 -11.07
N LEU A 511 3.89 -5.60 -12.32
CA LEU A 511 4.54 -4.94 -13.47
C LEU A 511 3.60 -4.82 -14.65
N LEU A 512 3.75 -3.73 -15.39
CA LEU A 512 3.07 -3.55 -16.66
C LEU A 512 3.22 -4.82 -17.49
N THR A 513 2.06 -5.34 -17.92
CA THR A 513 1.96 -6.60 -18.67
C THR A 513 0.82 -6.50 -19.70
N PRO A 514 1.02 -7.01 -20.94
CA PRO A 514 -0.09 -6.95 -21.89
C PRO A 514 -1.28 -7.80 -21.39
N ARG A 515 -2.48 -7.33 -21.68
CA ARG A 515 -3.69 -7.96 -21.19
C ARG A 515 -4.67 -8.13 -22.33
N ALA A 516 -5.21 -9.34 -22.45
CA ALA A 516 -6.14 -9.70 -23.51
C ALA A 516 -7.48 -8.98 -23.32
N ALA A 517 -8.30 -9.00 -24.37
CA ALA A 517 -9.63 -8.42 -24.31
C ALA A 517 -10.47 -8.97 -23.15
N ASP A 518 -10.39 -10.28 -22.89
CA ASP A 518 -11.20 -10.92 -21.85
C ASP A 518 -10.63 -10.75 -20.43
N GLY A 519 -9.62 -9.89 -20.29
CA GLY A 519 -8.94 -9.70 -19.00
C GLY A 519 -7.85 -10.71 -18.64
N SER A 520 -7.68 -11.78 -19.43
CA SER A 520 -6.55 -12.72 -19.26
C SER A 520 -5.27 -11.95 -19.44
N TRP A 521 -4.28 -12.21 -18.60
CA TRP A 521 -2.95 -11.65 -18.82
C TRP A 521 -2.27 -12.38 -19.98
N GLN A 522 -1.50 -11.65 -20.77
CA GLN A 522 -0.78 -12.28 -21.89
C GLN A 522 0.67 -12.54 -21.52
N SER A 523 1.20 -13.65 -22.01
CA SER A 523 2.57 -14.06 -21.73
C SER A 523 3.57 -13.06 -22.34
N ALA A 524 4.58 -12.68 -21.57
CA ALA A 524 5.60 -11.72 -22.03
C ALA A 524 6.88 -11.77 -21.19
N ASP A 525 8.04 -11.74 -21.84
CA ASP A 525 9.32 -11.50 -21.16
C ASP A 525 9.42 -9.99 -20.94
N HIS A 526 9.39 -9.58 -19.66
CA HIS A 526 9.35 -8.15 -19.32
C HIS A 526 10.67 -7.42 -19.61
N ALA A 527 11.72 -8.18 -19.91
CA ALA A 527 13.04 -7.61 -20.20
C ALA A 527 13.37 -7.64 -21.69
N LYS A 528 12.48 -8.20 -22.50
CA LYS A 528 12.72 -8.32 -23.93
C LYS A 528 12.39 -7.03 -24.67
N PHE A 529 13.35 -6.51 -25.42
CA PHE A 529 13.16 -5.30 -26.24
C PHE A 529 12.04 -5.51 -27.27
N GLU A 530 11.09 -4.59 -27.25
CA GLU A 530 9.96 -4.57 -28.18
C GLU A 530 9.01 -5.79 -28.14
N ALA A 531 8.93 -6.45 -26.99
CA ALA A 531 7.91 -7.46 -26.76
C ALA A 531 6.59 -6.72 -26.56
N ALA A 532 5.47 -7.45 -26.63
CA ALA A 532 4.13 -6.91 -26.32
C ALA A 532 3.69 -5.65 -27.09
N GLY A 533 4.13 -5.53 -28.35
CA GLY A 533 3.75 -4.41 -29.21
C GLY A 533 4.43 -3.08 -28.86
N LEU A 534 5.42 -3.11 -27.97
CA LEU A 534 6.07 -1.90 -27.48
C LEU A 534 7.06 -1.29 -28.47
N TYR A 535 7.14 0.04 -28.46
CA TYR A 535 8.07 0.74 -29.31
C TYR A 535 9.37 1.16 -28.61
N GLN A 536 10.48 0.63 -29.09
CA GLN A 536 11.83 1.00 -28.63
C GLN A 536 12.04 0.82 -27.12
N GLY A 537 11.44 -0.23 -26.55
CA GLY A 537 11.69 -0.55 -25.15
C GLY A 537 11.07 -1.84 -24.64
N THR A 538 11.22 -2.05 -23.32
CA THR A 538 10.79 -3.27 -22.67
C THR A 538 9.68 -2.93 -21.68
N LEU A 539 8.97 -3.94 -21.21
CA LEU A 539 7.94 -3.75 -20.18
C LEU A 539 8.50 -3.13 -18.88
N TRP A 540 9.65 -3.60 -18.42
CA TRP A 540 10.31 -2.99 -17.23
C TRP A 540 10.55 -1.49 -17.42
N GLN A 541 10.89 -1.09 -18.65
CA GLN A 541 11.20 0.32 -18.95
C GLN A 541 9.90 1.15 -19.07
N TYR A 542 8.94 0.61 -19.81
CA TYR A 542 7.61 1.21 -19.90
C TYR A 542 6.78 1.13 -18.63
N HIS A 543 7.11 0.19 -17.73
CA HIS A 543 6.39 0.09 -16.45
C HIS A 543 6.19 1.43 -15.72
N TRP A 544 7.24 2.26 -15.74
CA TRP A 544 7.32 3.52 -15.00
C TRP A 544 6.74 4.71 -15.77
N TYR A 545 6.12 4.46 -16.92
CA TYR A 545 5.74 5.54 -17.84
C TYR A 545 4.80 6.58 -17.26
N ASP A 546 3.83 6.13 -16.47
CA ASP A 546 2.81 7.04 -15.98
C ASP A 546 3.32 7.82 -14.79
N ALA A 547 4.28 8.69 -15.09
CA ALA A 547 5.09 9.37 -14.09
C ALA A 547 4.34 10.45 -13.30
N TYR A 548 3.09 10.68 -13.68
CA TYR A 548 2.17 11.60 -13.00
C TYR A 548 1.46 10.93 -11.81
N ASP A 549 1.74 9.65 -11.58
CA ASP A 549 1.11 8.92 -10.46
C ASP A 549 1.93 7.72 -9.94
N MET A 550 3.10 8.05 -9.43
CA MET A 550 3.96 7.10 -8.74
C MET A 550 3.29 6.51 -7.53
N ASP A 551 2.43 7.28 -6.86
CA ASP A 551 1.75 6.74 -5.67
C ASP A 551 0.84 5.59 -6.05
N ALA A 552 0.01 5.79 -7.08
CA ALA A 552 -0.89 4.74 -7.56
C ALA A 552 -0.07 3.59 -8.14
N LEU A 553 1.05 3.91 -8.80
CA LEU A 553 1.90 2.87 -9.35
C LEU A 553 2.50 2.01 -8.24
N VAL A 554 3.00 2.65 -7.18
CA VAL A 554 3.53 1.90 -6.01
C VAL A 554 2.48 0.93 -5.44
N GLU A 555 1.27 1.42 -5.22
CA GLU A 555 0.13 0.58 -4.78
C GLU A 555 -0.20 -0.57 -5.75
N ALA A 556 -0.28 -0.27 -7.04
CA ALA A 556 -0.61 -1.31 -8.02
C ALA A 556 0.48 -2.37 -8.10
N MET A 557 1.72 -1.98 -7.78
CA MET A 557 2.87 -2.87 -7.74
C MET A 557 2.85 -3.84 -6.56
N GLY A 558 2.03 -3.52 -5.56
CA GLY A 558 1.89 -4.36 -4.38
C GLY A 558 2.50 -3.70 -3.14
N GLY A 559 2.60 -2.37 -3.15
CA GLY A 559 3.01 -1.62 -1.97
C GLY A 559 4.46 -1.17 -1.97
N HIS A 560 4.86 -0.51 -0.89
CA HIS A 560 6.13 0.18 -0.83
C HIS A 560 7.33 -0.76 -0.98
N GLU A 561 7.31 -1.84 -0.21
CA GLU A 561 8.42 -2.79 -0.25
C GLU A 561 8.56 -3.42 -1.65
N ALA A 562 7.43 -3.69 -2.30
CA ALA A 562 7.44 -4.27 -3.64
C ALA A 562 8.10 -3.30 -4.62
N ALA A 563 7.71 -2.02 -4.55
CA ALA A 563 8.30 -0.95 -5.40
C ALA A 563 9.80 -0.81 -5.15
N ARG A 564 10.17 -0.80 -3.87
CA ARG A 564 11.55 -0.59 -3.45
C ARG A 564 12.43 -1.69 -4.01
N LEU A 565 11.95 -2.93 -3.93
CA LEU A 565 12.69 -4.09 -4.42
C LEU A 565 12.69 -4.13 -5.96
N GLY A 566 11.57 -3.71 -6.58
CA GLY A 566 11.51 -3.56 -8.04
C GLY A 566 12.55 -2.60 -8.60
N MET A 567 12.66 -1.44 -7.94
CA MET A 567 13.60 -0.39 -8.33
C MET A 567 15.03 -0.88 -8.22
N ARG A 568 15.35 -1.55 -7.11
CA ARG A 568 16.64 -2.19 -6.97
C ARG A 568 16.93 -3.21 -8.07
N HIS A 569 15.96 -4.06 -8.41
CA HIS A 569 16.12 -5.04 -9.49
C HIS A 569 16.27 -4.36 -10.87
N MET A 570 15.52 -3.29 -11.10
CA MET A 570 15.64 -2.47 -12.33
C MET A 570 17.08 -2.07 -12.65
N PHE A 571 17.84 -1.81 -11.60
CA PHE A 571 19.24 -1.39 -11.76
C PHE A 571 20.28 -2.45 -11.38
N GLY A 572 19.85 -3.70 -11.29
CA GLY A 572 20.74 -4.82 -10.99
C GLY A 572 21.56 -4.66 -9.73
N GLU A 573 20.97 -4.03 -8.71
CA GLU A 573 21.69 -3.74 -7.44
C GLU A 573 22.19 -5.00 -6.70
N HIS A 574 21.48 -6.10 -6.89
CA HIS A 574 21.85 -7.41 -6.34
C HIS A 574 22.98 -8.09 -7.11
N ALA A 575 23.30 -7.61 -8.31
CA ALA A 575 24.43 -8.14 -9.08
C ALA A 575 25.17 -7.04 -9.85
N PRO A 576 25.95 -6.20 -9.14
CA PRO A 576 26.55 -4.96 -9.68
C PRO A 576 27.57 -5.18 -10.82
N ASP A 577 28.10 -6.40 -10.92
CA ASP A 577 29.07 -6.74 -11.94
C ASP A 577 28.47 -7.56 -13.10
N ASP A 578 27.17 -7.79 -13.09
CA ASP A 578 26.49 -8.51 -14.18
C ASP A 578 25.77 -7.50 -15.09
N GLY A 579 26.38 -7.22 -16.24
CA GLY A 579 25.77 -6.40 -17.28
C GLY A 579 24.34 -6.78 -17.68
N LYS A 580 24.01 -8.07 -17.60
CA LYS A 580 22.70 -8.55 -18.02
C LYS A 580 21.58 -8.22 -17.01
N ALA A 581 21.96 -7.90 -15.77
CA ALA A 581 20.96 -7.54 -14.74
C ALA A 581 20.53 -6.06 -14.80
N MET A 582 21.05 -5.32 -15.78
CA MET A 582 20.70 -3.93 -15.96
C MET A 582 19.43 -3.82 -16.83
N LEU A 583 18.30 -3.51 -16.19
CA LEU A 583 17.00 -3.50 -16.90
C LEU A 583 16.66 -2.11 -17.42
N HIS A 584 17.31 -1.11 -16.84
CA HIS A 584 17.20 0.26 -17.31
C HIS A 584 17.98 0.44 -18.62
N SER A 585 17.47 1.29 -19.52
CA SER A 585 18.24 1.68 -20.70
C SER A 585 18.67 3.12 -20.60
N ASN A 586 19.95 3.36 -20.89
CA ASN A 586 20.49 4.73 -21.01
C ASN A 586 20.42 5.31 -22.44
N ALA A 587 20.11 4.46 -23.41
CA ALA A 587 20.29 4.79 -24.82
C ALA A 587 19.05 5.42 -25.45
N ASN A 588 17.93 5.33 -24.75
CA ASN A 588 16.64 5.86 -25.21
C ASN A 588 15.91 6.63 -24.09
N GLU A 589 14.89 7.39 -24.48
CA GLU A 589 14.18 8.28 -23.57
C GLU A 589 13.02 7.64 -22.80
N ILE A 590 12.69 6.39 -23.13
CA ILE A 590 11.53 5.72 -22.54
C ILE A 590 11.58 5.75 -21.01
N ASP A 591 12.70 5.31 -20.44
CA ASP A 591 12.81 5.33 -18.98
C ASP A 591 13.89 6.30 -18.47
N LEU A 592 13.94 7.48 -19.09
CA LEU A 592 14.89 8.54 -18.72
C LEU A 592 14.83 8.89 -17.24
N GLN A 593 13.61 8.87 -16.70
CA GLN A 593 13.36 9.28 -15.33
C GLN A 593 13.73 8.19 -14.33
N ALA A 594 13.97 6.96 -14.81
CA ALA A 594 14.11 5.81 -13.89
C ALA A 594 15.19 5.95 -12.81
N PRO A 595 16.35 6.55 -13.14
CA PRO A 595 17.36 6.73 -12.09
C PRO A 595 16.93 7.60 -10.92
N TYR A 596 15.96 8.48 -11.14
CA TYR A 596 15.48 9.37 -10.11
C TYR A 596 14.31 8.80 -9.31
N LEU A 597 13.91 7.56 -9.58
CA LEU A 597 12.75 6.99 -8.86
C LEU A 597 13.08 6.40 -7.49
N PHE A 598 14.37 6.23 -7.20
CA PHE A 598 14.80 5.79 -5.88
C PHE A 598 14.39 6.77 -4.78
N ASN A 599 14.25 8.05 -5.13
CA ASN A 599 13.71 9.08 -4.24
C ASN A 599 12.30 8.72 -3.77
N TYR A 600 11.56 8.01 -4.61
CA TYR A 600 10.18 7.63 -4.31
C TYR A 600 10.10 6.34 -3.49
N THR A 601 11.16 5.54 -3.52
CA THR A 601 11.17 4.30 -2.75
C THR A 601 11.95 4.44 -1.46
N GLY A 602 12.19 5.67 -1.03
CA GLY A 602 12.88 5.97 0.24
C GLY A 602 14.37 5.70 0.20
N GLU A 603 14.94 5.69 -1.01
CA GLU A 603 16.38 5.43 -1.13
C GLU A 603 17.06 6.50 -1.98
N PRO A 604 16.97 7.78 -1.54
CA PRO A 604 17.49 8.85 -2.38
C PRO A 604 19.00 8.71 -2.65
N SER A 605 19.75 8.09 -1.75
CA SER A 605 21.20 7.88 -1.98
C SER A 605 21.45 7.13 -3.31
N LEU A 606 20.56 6.19 -3.66
CA LEU A 606 20.73 5.41 -4.88
C LEU A 606 20.47 6.24 -6.13
N THR A 607 19.55 7.19 -6.05
CA THR A 607 19.31 8.15 -7.12
C THR A 607 20.58 8.98 -7.34
N GLN A 608 21.15 9.47 -6.24
CA GLN A 608 22.40 10.22 -6.31
C GLN A 608 23.51 9.44 -6.97
N LYS A 609 23.69 8.18 -6.54
CA LYS A 609 24.70 7.31 -7.13
C LYS A 609 24.49 7.16 -8.64
N TRP A 610 23.28 6.79 -9.03
CA TRP A 610 22.98 6.50 -10.43
C TRP A 610 23.03 7.72 -11.32
N ALA A 611 22.57 8.86 -10.81
CA ALA A 611 22.67 10.13 -11.54
C ALA A 611 24.14 10.48 -11.82
N ARG A 612 24.97 10.45 -10.78
CA ARG A 612 26.39 10.74 -10.99
C ARG A 612 27.05 9.70 -11.93
N ALA A 613 26.66 8.43 -11.79
CA ALA A 613 27.30 7.33 -12.55
C ALA A 613 26.96 7.33 -14.05
N ILE A 614 25.67 7.38 -14.35
CA ILE A 614 25.21 7.37 -15.75
C ILE A 614 25.81 8.54 -16.52
N TYR A 615 25.85 9.70 -15.90
CA TYR A 615 26.21 10.91 -16.64
C TYR A 615 27.70 11.26 -16.61
N THR A 616 28.45 10.74 -15.62
CA THR A 616 29.85 11.16 -15.49
C THR A 616 30.85 10.02 -15.32
N LYS A 617 30.37 8.77 -15.27
CA LYS A 617 31.21 7.61 -15.04
C LYS A 617 30.88 6.49 -16.06
N GLU A 618 31.53 5.34 -15.91
CA GLU A 618 31.22 4.15 -16.69
C GLU A 618 30.08 3.43 -16.02
N THR A 619 29.11 2.96 -16.80
CA THR A 619 28.05 2.10 -16.30
C THR A 619 27.88 0.86 -17.17
N TRP A 620 27.19 -0.14 -16.63
CA TRP A 620 26.74 -1.29 -17.40
C TRP A 620 25.61 -0.91 -18.34
N ASN A 621 25.77 -1.27 -19.61
CA ASN A 621 24.76 -1.01 -20.62
C ASN A 621 24.32 -2.27 -21.32
N ARG A 622 23.08 -2.66 -21.07
CA ARG A 622 22.48 -3.85 -21.68
C ARG A 622 21.75 -3.50 -22.98
N TYR A 623 21.12 -2.33 -23.02
CA TYR A 623 20.25 -2.00 -24.15
C TYR A 623 20.76 -0.89 -25.07
N ILE A 624 20.55 -1.09 -26.37
CA ILE A 624 20.69 -0.04 -27.40
C ILE A 624 19.29 0.51 -27.71
N ALA A 625 19.18 1.45 -28.64
CA ALA A 625 17.93 2.16 -28.85
C ALA A 625 17.10 1.56 -29.98
N THR A 626 17.63 0.53 -30.64
CA THR A 626 16.97 -0.11 -31.77
C THR A 626 17.40 -1.59 -31.81
N GLY A 627 16.79 -2.38 -32.69
CA GLY A 627 17.03 -3.82 -32.75
C GLY A 627 18.51 -4.22 -32.79
N SER A 628 19.24 -3.62 -33.70
CA SER A 628 20.65 -3.94 -33.83
C SER A 628 21.43 -2.78 -34.45
N SER A 629 22.75 -2.84 -34.33
CA SER A 629 23.65 -1.80 -34.84
C SER A 629 24.96 -2.42 -35.33
N SER A 630 25.39 -2.01 -36.52
CA SER A 630 26.70 -2.43 -37.04
C SER A 630 27.84 -1.76 -36.29
N ALA A 631 27.53 -0.74 -35.49
CA ALA A 631 28.55 0.00 -34.77
C ALA A 631 29.05 -0.70 -33.51
N VAL A 632 28.35 -1.74 -33.05
CA VAL A 632 28.73 -2.46 -31.83
C VAL A 632 28.06 -3.81 -31.87
N PRO A 633 28.76 -4.88 -31.42
CA PRO A 633 28.12 -6.21 -31.40
C PRO A 633 26.81 -6.20 -30.61
N SER A 634 25.71 -6.49 -31.31
CA SER A 634 24.37 -6.24 -30.79
C SER A 634 23.33 -7.11 -31.47
N GLY A 635 22.17 -7.22 -30.85
CA GLY A 635 21.05 -7.96 -31.41
C GLY A 635 19.90 -7.97 -30.44
N GLY A 636 18.68 -8.01 -30.98
CA GLY A 636 17.49 -8.11 -30.15
C GLY A 636 17.33 -6.92 -29.23
N GLY A 637 17.83 -5.75 -29.66
CA GLY A 637 17.78 -4.51 -28.87
C GLY A 637 18.84 -4.40 -27.78
N GLU A 638 19.81 -5.31 -27.79
CA GLU A 638 20.82 -5.34 -26.73
C GLU A 638 22.26 -5.31 -27.23
N PHE A 639 23.14 -4.77 -26.40
CA PHE A 639 24.59 -4.98 -26.50
C PHE A 639 24.85 -6.46 -26.21
N THR A 640 25.48 -7.18 -27.13
CA THR A 640 25.77 -8.61 -26.93
C THR A 640 27.28 -8.83 -27.10
N PRO A 641 28.02 -8.91 -25.98
CA PRO A 641 27.53 -8.87 -24.60
C PRO A 641 27.25 -7.46 -24.07
N PRO A 642 26.60 -7.35 -22.89
CA PRO A 642 26.50 -6.07 -22.22
C PRO A 642 27.86 -5.40 -22.06
N LEU A 643 27.88 -4.06 -22.09
CA LEU A 643 29.12 -3.30 -22.16
C LEU A 643 29.24 -2.27 -21.02
N LYS A 644 30.40 -2.24 -20.36
CA LYS A 644 30.67 -1.22 -19.34
C LYS A 644 31.41 -0.07 -19.99
N THR A 645 30.78 1.09 -20.02
CA THR A 645 31.25 2.21 -20.83
C THR A 645 30.59 3.48 -20.33
N LYS A 646 31.20 4.63 -20.65
CA LYS A 646 30.57 5.92 -20.37
C LYS A 646 29.45 6.12 -21.36
N VAL A 647 28.34 6.65 -20.87
CA VAL A 647 27.17 6.90 -21.72
C VAL A 647 27.41 8.17 -22.51
N TYR A 648 28.01 9.15 -21.83
CA TYR A 648 28.35 10.44 -22.40
C TYR A 648 29.86 10.60 -22.46
N ARG A 649 30.41 10.90 -23.64
CA ARG A 649 31.86 11.14 -23.81
C ARG A 649 32.12 12.51 -24.44
N LEU A 650 33.22 13.17 -24.06
CA LEU A 650 33.66 14.34 -24.80
C LEU A 650 34.51 13.84 -25.97
N ASP A 651 33.80 13.33 -26.98
CA ASP A 651 34.38 12.69 -28.14
C ASP A 651 33.40 12.83 -29.28
N PRO A 652 33.90 12.78 -30.54
CA PRO A 652 32.98 12.66 -31.66
C PRO A 652 32.00 11.47 -31.49
N ARG A 653 32.48 10.37 -30.91
CA ARG A 653 31.59 9.30 -30.51
C ARG A 653 31.00 9.73 -29.16
N GLY A 654 30.00 10.62 -29.20
CA GLY A 654 29.54 11.35 -28.02
C GLY A 654 28.57 10.63 -27.11
N MET A 655 27.66 9.85 -27.71
CA MET A 655 26.72 9.04 -26.95
C MET A 655 27.01 7.58 -27.24
N LEU A 656 26.27 6.70 -26.56
CA LEU A 656 26.25 5.28 -26.91
C LEU A 656 25.93 5.10 -28.40
N PRO A 657 26.41 4.01 -29.01
CA PRO A 657 25.95 3.72 -30.37
C PRO A 657 24.40 3.57 -30.36
N THR A 658 23.75 4.07 -31.40
CA THR A 658 22.27 4.15 -31.56
C THR A 658 21.57 5.24 -30.71
N MET A 659 22.29 5.82 -29.77
CA MET A 659 21.68 6.77 -28.84
C MET A 659 21.57 8.16 -29.46
N ASP A 660 20.50 8.41 -30.21
CA ASP A 660 20.31 9.69 -30.87
C ASP A 660 20.00 10.74 -29.82
N ASN A 661 20.51 11.95 -30.01
CA ASN A 661 20.25 13.03 -29.05
C ASN A 661 18.74 13.39 -29.05
N ASP A 662 18.09 13.24 -30.21
CA ASP A 662 16.68 13.61 -30.42
C ASP A 662 16.37 15.07 -30.07
N ALA A 663 16.73 15.97 -30.98
CA ALA A 663 16.43 17.40 -30.80
C ALA A 663 16.96 17.93 -29.46
N GLY A 664 18.14 17.45 -29.08
CA GLY A 664 18.82 17.93 -27.89
C GLY A 664 18.32 17.35 -26.58
N THR A 665 17.51 16.30 -26.63
CA THR A 665 16.99 15.69 -25.38
C THR A 665 18.09 15.10 -24.50
N MET A 666 18.92 14.24 -25.07
CA MET A 666 19.98 13.63 -24.26
C MET A 666 20.90 14.71 -23.66
N SER A 667 21.25 15.73 -24.45
CA SER A 667 22.02 16.89 -23.97
C SER A 667 21.33 17.63 -22.82
N THR A 668 20.03 17.88 -22.98
CA THR A 668 19.22 18.55 -21.98
C THR A 668 19.13 17.76 -20.67
N MET A 669 18.98 16.43 -20.76
CA MET A 669 19.06 15.59 -19.56
C MET A 669 20.42 15.67 -18.87
N PHE A 670 21.49 15.79 -19.65
CA PHE A 670 22.82 15.96 -19.04
C PHE A 670 22.89 17.26 -18.25
N VAL A 671 22.44 18.36 -18.86
CA VAL A 671 22.38 19.63 -18.13
C VAL A 671 21.60 19.48 -16.82
N ALA A 672 20.43 18.85 -16.90
CA ALA A 672 19.55 18.67 -15.73
C ALA A 672 20.24 17.86 -14.63
N ALA A 673 20.93 16.79 -15.02
CA ALA A 673 21.67 15.97 -14.07
C ALA A 673 22.77 16.80 -13.39
N ALA A 674 23.45 17.64 -14.18
CA ALA A 674 24.56 18.49 -13.70
C ALA A 674 24.08 19.51 -12.69
N VAL A 675 22.96 20.16 -13.00
CA VAL A 675 22.32 21.07 -12.03
C VAL A 675 21.84 20.26 -10.81
N GLY A 676 21.27 19.09 -11.10
CA GLY A 676 20.81 18.19 -10.07
C GLY A 676 19.31 18.20 -9.86
N LEU A 677 18.57 18.77 -10.81
CA LEU A 677 17.12 18.85 -10.76
C LEU A 677 16.51 18.25 -12.02
N PHE A 678 15.76 17.18 -11.83
CA PHE A 678 15.22 16.41 -12.95
C PHE A 678 13.69 16.37 -12.96
N PRO A 679 13.07 16.49 -14.16
CA PRO A 679 11.61 16.46 -14.18
C PRO A 679 11.08 15.03 -14.34
N VAL A 680 10.91 14.31 -13.25
CA VAL A 680 10.22 13.01 -13.34
C VAL A 680 8.81 13.22 -13.92
N THR A 681 8.05 14.12 -13.33
CA THR A 681 6.73 14.43 -13.84
C THR A 681 6.76 15.70 -14.68
N ALA A 682 6.93 15.54 -16.00
CA ALA A 682 6.66 16.59 -16.94
C ALA A 682 5.16 16.82 -16.85
N GLY A 683 4.73 18.07 -16.99
CA GLY A 683 3.32 18.39 -16.81
C GLY A 683 2.97 18.64 -15.36
N SER A 684 3.99 18.80 -14.52
CA SER A 684 3.81 19.25 -13.14
C SER A 684 4.78 20.40 -12.90
N SER A 685 4.82 20.94 -11.69
CA SER A 685 5.74 22.02 -11.39
C SER A 685 6.95 21.52 -10.60
N GLN A 686 7.10 20.20 -10.49
CA GLN A 686 8.15 19.62 -9.62
C GLN A 686 9.41 19.09 -10.32
N PHE A 687 10.52 19.13 -9.58
CA PHE A 687 11.79 18.57 -10.03
C PHE A 687 12.34 17.70 -8.93
N GLN A 688 12.91 16.56 -9.30
CA GLN A 688 13.54 15.66 -8.35
C GLN A 688 15.04 15.97 -8.17
N VAL A 689 15.49 15.90 -6.92
CA VAL A 689 16.88 16.15 -6.56
C VAL A 689 17.74 14.95 -6.94
N GLY A 690 18.87 15.23 -7.59
CA GLY A 690 19.84 14.18 -7.95
C GLY A 690 21.17 14.36 -7.25
N SER A 691 22.25 14.38 -8.02
CA SER A 691 23.59 14.57 -7.51
C SER A 691 24.28 15.71 -8.26
N PRO A 692 24.09 16.97 -7.80
CA PRO A 692 24.71 18.11 -8.49
C PRO A 692 26.21 17.88 -8.69
N PHE A 693 26.71 18.14 -9.90
CA PHE A 693 28.10 17.82 -10.27
C PHE A 693 29.12 18.82 -9.75
N PHE A 694 28.72 20.07 -9.63
CA PHE A 694 29.69 21.17 -9.46
C PHE A 694 29.61 21.85 -8.11
N ASP A 695 30.74 22.42 -7.68
CA ASP A 695 30.82 23.12 -6.40
C ASP A 695 29.78 24.23 -6.29
N SER A 696 29.61 24.99 -7.38
CA SER A 696 28.57 25.99 -7.47
C SER A 696 28.04 26.04 -8.91
N THR A 697 26.72 26.11 -9.04
CA THR A 697 26.06 26.33 -10.34
C THR A 697 25.00 27.45 -10.18
N THR A 698 25.13 28.53 -10.96
CA THR A 698 24.28 29.72 -10.86
C THR A 698 23.51 29.94 -12.17
N ILE A 699 22.18 29.93 -12.07
CA ILE A 699 21.33 30.29 -13.19
C ILE A 699 20.84 31.72 -12.99
N THR A 700 21.27 32.62 -13.88
CA THR A 700 20.89 34.04 -13.82
C THR A 700 19.72 34.32 -14.77
N TYR A 701 18.63 34.84 -14.21
CA TYR A 701 17.43 35.16 -14.98
C TYR A 701 17.47 36.57 -15.56
N ASP A 702 16.55 36.87 -16.48
CA ASP A 702 16.58 38.13 -17.22
C ASP A 702 16.57 39.38 -16.35
N ASP A 703 15.96 39.30 -15.17
CA ASP A 703 15.97 40.45 -14.25
C ASP A 703 17.22 40.57 -13.38
N GLY A 704 18.14 39.61 -13.51
CA GLY A 704 19.39 39.67 -12.74
C GLY A 704 19.34 38.91 -11.42
N SER A 705 18.15 38.48 -11.01
CA SER A 705 18.06 37.50 -9.92
C SER A 705 18.67 36.16 -10.40
N ALA A 706 18.98 35.27 -9.46
CA ALA A 706 19.72 34.03 -9.78
C ALA A 706 19.33 32.87 -8.88
N PHE A 707 19.23 31.66 -9.46
CA PHE A 707 19.12 30.43 -8.66
C PHE A 707 20.52 29.90 -8.44
N THR A 708 20.85 29.59 -7.18
CA THR A 708 22.17 29.07 -6.91
C THR A 708 22.05 27.74 -6.21
N VAL A 709 22.61 26.71 -6.83
CA VAL A 709 22.72 25.42 -6.19
C VAL A 709 24.20 25.14 -5.95
N THR A 710 24.55 24.91 -4.67
CA THR A 710 25.93 24.54 -4.32
C THR A 710 26.02 23.11 -3.80
N ALA A 711 27.19 22.51 -4.02
CA ALA A 711 27.46 21.16 -3.58
C ALA A 711 28.80 21.17 -2.87
N ASP A 712 28.75 21.47 -1.57
CA ASP A 712 29.96 21.69 -0.80
C ASP A 712 30.74 20.41 -0.63
N GLY A 713 32.01 20.42 -1.01
CA GLY A 713 32.81 19.20 -0.97
C GLY A 713 32.53 18.15 -2.05
N VAL A 714 31.76 18.48 -3.08
CA VAL A 714 31.53 17.52 -4.19
C VAL A 714 32.85 17.12 -4.86
N SER A 715 32.97 15.86 -5.22
CA SER A 715 34.12 15.37 -5.98
C SER A 715 33.65 14.20 -6.81
N GLU A 716 34.58 13.57 -7.54
CA GLU A 716 34.29 12.36 -8.28
C GLU A 716 33.85 11.23 -7.36
N ASP A 717 34.24 11.31 -6.09
CA ASP A 717 33.93 10.28 -5.12
C ASP A 717 32.84 10.74 -4.18
N ALA A 718 32.76 12.05 -3.95
CA ALA A 718 31.80 12.61 -3.02
C ALA A 718 30.55 13.08 -3.76
N PHE A 719 29.71 12.14 -4.14
CA PHE A 719 28.52 12.43 -4.93
C PHE A 719 27.20 12.14 -4.20
N TYR A 720 27.29 11.85 -2.89
CA TYR A 720 26.10 11.59 -2.06
C TYR A 720 25.81 12.82 -1.22
N VAL A 721 24.53 13.17 -1.13
CA VAL A 721 24.11 14.29 -0.29
C VAL A 721 24.12 13.85 1.17
N GLN A 722 24.73 14.66 2.05
CA GLN A 722 24.79 14.36 3.48
C GLN A 722 23.77 15.18 4.26
N SER A 723 23.53 16.40 3.79
CA SER A 723 22.56 17.30 4.40
C SER A 723 22.32 18.42 3.40
N ALA A 724 21.29 19.23 3.65
CA ALA A 724 20.95 20.33 2.74
C ALA A 724 20.29 21.49 3.46
N THR A 725 20.44 22.69 2.90
CA THR A 725 19.63 23.85 3.31
C THR A 725 18.97 24.53 2.10
N LEU A 726 17.83 25.16 2.35
CA LEU A 726 17.12 25.98 1.37
C LEU A 726 16.96 27.38 1.94
N ASP A 727 17.62 28.36 1.32
CA ASP A 727 17.64 29.74 1.80
C ASP A 727 17.99 29.79 3.30
N GLY A 728 19.04 29.04 3.67
CA GLY A 728 19.58 29.03 5.04
C GLY A 728 18.96 28.05 6.03
N ALA A 729 17.81 27.48 5.68
CA ALA A 729 17.05 26.64 6.62
C ALA A 729 17.12 25.17 6.23
N THR A 730 17.16 24.30 7.24
CA THR A 730 17.27 22.85 7.03
C THR A 730 16.24 22.38 6.01
N PHE A 731 16.71 21.64 5.02
CA PHE A 731 15.87 21.17 3.93
C PHE A 731 16.00 19.65 3.80
N GLY A 732 14.86 18.95 3.82
CA GLY A 732 14.87 17.50 3.82
C GLY A 732 13.99 16.84 2.78
N ASN A 733 13.55 17.59 1.78
CA ASN A 733 12.77 17.03 0.68
C ASN A 733 13.68 16.70 -0.49
N THR A 734 13.31 15.67 -1.25
CA THR A 734 14.10 15.22 -2.40
C THR A 734 13.50 15.72 -3.73
N TRP A 735 12.65 16.74 -3.63
CA TRP A 735 12.06 17.44 -4.77
C TRP A 735 11.95 18.92 -4.43
N VAL A 736 12.01 19.77 -5.45
CA VAL A 736 11.76 21.20 -5.27
C VAL A 736 10.76 21.70 -6.30
N ASP A 737 10.02 22.75 -5.93
CA ASP A 737 9.08 23.34 -6.86
C ASP A 737 9.76 24.30 -7.83
N TYR A 738 9.23 24.35 -9.04
CA TYR A 738 9.69 25.31 -10.06
C TYR A 738 9.75 26.74 -9.53
N ALA A 739 8.72 27.13 -8.77
CA ALA A 739 8.65 28.48 -8.22
C ALA A 739 9.88 28.80 -7.35
N THR A 740 10.35 27.80 -6.62
CA THR A 740 11.48 27.98 -5.71
C THR A 740 12.74 28.28 -6.51
N VAL A 741 12.91 27.54 -7.59
CA VAL A 741 14.05 27.70 -8.48
C VAL A 741 14.08 29.09 -9.13
N VAL A 742 13.06 29.41 -9.94
CA VAL A 742 13.07 30.68 -10.68
C VAL A 742 12.91 31.90 -9.75
N GLY A 743 12.43 31.64 -8.53
CA GLY A 743 12.39 32.63 -7.46
C GLY A 743 13.75 33.07 -6.94
N GLY A 744 14.80 32.34 -7.33
CA GLY A 744 16.18 32.76 -7.01
C GLY A 744 16.66 32.23 -5.68
N ALA A 745 16.25 31.01 -5.36
CA ALA A 745 16.60 30.39 -4.08
C ALA A 745 18.09 29.98 -4.00
N ASP A 746 18.59 29.82 -2.76
CA ASP A 746 19.90 29.26 -2.50
C ASP A 746 19.74 27.84 -1.99
N LEU A 747 19.99 26.87 -2.84
CA LEU A 747 19.92 25.46 -2.45
C LEU A 747 21.36 24.98 -2.24
N ALA A 748 21.70 24.67 -1.00
CA ALA A 748 23.06 24.30 -0.64
C ALA A 748 23.14 22.87 -0.14
N PHE A 749 23.89 22.04 -0.86
CA PHE A 749 24.09 20.66 -0.42
C PHE A 749 25.46 20.45 0.22
N ARG A 750 25.51 19.56 1.20
CA ARG A 750 26.78 19.08 1.76
C ARG A 750 27.01 17.66 1.22
N MET A 751 28.09 17.48 0.47
CA MET A 751 28.36 16.20 -0.20
C MET A 751 29.36 15.35 0.57
N GLY A 752 29.33 14.04 0.33
CA GLY A 752 30.25 13.12 1.01
C GLY A 752 30.39 11.83 0.22
N GLU A 753 31.32 11.00 0.65
CA GLU A 753 31.71 9.83 -0.12
C GLU A 753 30.88 8.59 0.22
N GLN A 754 30.04 8.69 1.25
CA GLN A 754 29.19 7.58 1.66
C GLN A 754 27.71 7.94 1.56
N PRO A 755 26.84 6.95 1.27
CA PRO A 755 25.39 7.17 1.34
C PRO A 755 24.94 7.64 2.72
N SER A 756 23.98 8.55 2.75
CA SER A 756 23.38 9.00 4.01
C SER A 756 21.86 8.77 3.96
N ASP A 757 21.19 8.98 5.10
CA ASP A 757 19.74 8.91 5.16
C ASP A 757 19.08 10.29 4.93
N TRP A 758 19.83 11.28 4.43
CA TRP A 758 19.21 12.56 4.03
C TRP A 758 18.05 12.33 3.07
N GLY A 759 16.95 13.03 3.30
CA GLY A 759 15.78 12.97 2.44
C GLY A 759 14.85 11.79 2.59
N THR A 760 15.16 10.86 3.49
CA THR A 760 14.34 9.67 3.68
C THR A 760 13.09 9.94 4.50
N ASP A 761 12.92 11.20 4.94
CA ASP A 761 11.66 11.64 5.54
C ASP A 761 11.05 12.76 4.71
N THR A 762 11.22 12.67 3.39
CA THR A 762 10.70 13.70 2.48
C THR A 762 9.17 13.86 2.56
N ALA A 763 8.69 15.10 2.42
CA ALA A 763 7.27 15.32 2.16
C ALA A 763 7.00 14.65 0.81
N PRO A 764 5.83 13.99 0.63
CA PRO A 764 5.54 13.28 -0.63
C PRO A 764 5.60 14.19 -1.85
N ALA A 765 6.03 13.64 -2.97
CA ALA A 765 6.08 14.37 -4.24
C ALA A 765 4.72 14.28 -4.92
N PHE A 766 4.57 15.00 -6.02
CA PHE A 766 3.29 14.99 -6.74
C PHE A 766 2.91 13.63 -7.31
N SER A 767 1.65 13.26 -7.06
CA SER A 767 0.98 12.15 -7.73
C SER A 767 -0.46 12.59 -7.89
N MET A 768 -0.99 12.43 -9.11
CA MET A 768 -2.37 12.81 -9.43
C MET A 768 -3.39 12.29 -8.41
N SER A 769 -3.27 11.02 -8.03
CA SER A 769 -4.24 10.36 -7.14
C SER A 769 -4.27 10.89 -5.71
N THR A 770 -3.15 11.43 -5.25
CA THR A 770 -3.01 11.88 -3.86
C THR A 770 -2.97 13.40 -3.73
N ALA A 771 -2.97 14.11 -4.84
CA ALA A 771 -2.77 15.57 -4.85
C ALA A 771 -3.88 16.33 -4.11
N ASP B 8 -11.17 5.88 28.41
CA ASP B 8 -11.85 6.08 27.08
C ASP B 8 -12.56 4.81 26.62
N TYR B 9 -11.81 3.71 26.46
CA TYR B 9 -12.41 2.45 26.01
C TYR B 9 -13.38 1.89 27.04
N ALA B 10 -13.02 2.00 28.32
CA ALA B 10 -13.86 1.51 29.42
C ALA B 10 -15.28 2.10 29.35
N SER B 11 -15.39 3.34 28.86
CA SER B 11 -16.71 3.99 28.76
C SER B 11 -17.62 3.37 27.68
N LEU B 12 -17.04 2.61 26.77
CA LEU B 12 -17.79 1.92 25.73
C LEU B 12 -18.39 0.60 26.22
N VAL B 13 -17.91 0.14 27.37
CA VAL B 13 -18.29 -1.19 27.90
C VAL B 13 -19.57 -1.03 28.67
N ASP B 14 -20.55 -1.88 28.36
CA ASP B 14 -21.85 -1.84 29.07
C ASP B 14 -21.96 -3.12 29.89
N VAL B 15 -21.65 -3.04 31.19
CA VAL B 15 -21.55 -4.22 32.06
C VAL B 15 -22.90 -4.81 32.42
N PHE B 16 -23.96 -4.08 32.08
CA PHE B 16 -25.34 -4.56 32.26
C PHE B 16 -25.86 -5.40 31.11
N VAL B 17 -25.10 -5.45 30.01
CA VAL B 17 -25.47 -6.30 28.89
C VAL B 17 -25.42 -7.76 29.34
N GLY B 18 -26.54 -8.45 29.20
CA GLY B 18 -26.64 -9.86 29.59
C GLY B 18 -26.99 -10.10 31.04
N THR B 19 -27.30 -9.03 31.79
CA THR B 19 -27.62 -9.18 33.23
C THR B 19 -29.09 -9.33 33.60
N GLU B 20 -29.95 -9.52 32.59
CA GLU B 20 -31.38 -9.77 32.84
C GLU B 20 -31.78 -11.22 32.66
N GLY B 21 -32.59 -11.70 33.61
CA GLY B 21 -33.25 -12.99 33.52
C GLY B 21 -32.33 -14.09 33.04
N ASP B 22 -32.82 -14.83 32.06
CA ASP B 22 -32.10 -15.94 31.47
C ASP B 22 -31.62 -15.52 30.08
N PHE B 23 -30.92 -14.38 29.99
CA PHE B 23 -30.46 -13.84 28.72
C PHE B 23 -28.96 -13.58 28.75
N GLY B 24 -28.22 -14.56 29.28
CA GLY B 24 -26.75 -14.48 29.29
C GLY B 24 -26.09 -15.01 30.55
N ASN B 25 -26.71 -14.76 31.70
CA ASN B 25 -26.12 -15.07 32.99
C ASN B 25 -24.77 -14.39 33.27
N ASP B 26 -24.65 -13.15 32.82
CA ASP B 26 -23.50 -12.31 33.12
C ASP B 26 -23.78 -11.36 34.28
N MET B 27 -22.71 -10.75 34.82
CA MET B 27 -22.79 -9.91 36.01
C MET B 27 -22.32 -8.49 35.74
N PRO B 28 -22.92 -7.50 36.44
CA PRO B 28 -22.44 -6.12 36.44
C PRO B 28 -21.37 -5.89 37.51
N ALA B 29 -20.87 -7.00 38.07
CA ALA B 29 -19.96 -6.99 39.20
C ALA B 29 -18.73 -6.16 38.90
N ALA B 30 -18.21 -5.46 39.91
CA ALA B 30 -16.92 -4.81 39.77
C ALA B 30 -15.84 -5.90 39.75
N GLN B 31 -14.99 -5.88 38.72
CA GLN B 31 -13.84 -6.80 38.59
C GLN B 31 -12.74 -6.28 37.66
N ALA B 32 -11.49 -6.65 37.98
CA ALA B 32 -10.30 -6.41 37.14
C ALA B 32 -10.17 -7.43 36.00
N PRO B 33 -9.37 -7.13 34.96
CA PRO B 33 -9.21 -8.15 33.92
C PRO B 33 -8.86 -9.54 34.48
N ASN B 34 -9.65 -10.56 34.15
CA ASN B 34 -9.42 -11.92 34.69
C ASN B 34 -9.30 -11.95 36.22
N GLY B 35 -10.07 -11.09 36.88
CA GLY B 35 -9.98 -10.94 38.33
C GLY B 35 -10.56 -12.10 39.09
N LEU B 36 -9.99 -12.35 40.27
CA LEU B 36 -10.53 -13.33 41.21
C LEU B 36 -11.68 -12.71 42.01
N ALA B 37 -11.47 -11.50 42.49
CA ALA B 37 -12.56 -10.77 43.15
C ALA B 37 -13.57 -10.35 42.10
N LYS B 38 -14.82 -10.65 42.38
CA LYS B 38 -15.93 -10.22 41.55
C LYS B 38 -16.96 -9.72 42.54
N VAL B 39 -16.99 -8.40 42.70
CA VAL B 39 -17.87 -7.76 43.69
C VAL B 39 -19.22 -7.48 43.04
N ASN B 40 -20.14 -8.45 43.23
CA ASN B 40 -21.42 -8.49 42.52
C ASN B 40 -22.57 -8.10 43.44
N PRO B 41 -23.34 -7.08 43.04
CA PRO B 41 -24.54 -6.83 43.81
C PRO B 41 -25.44 -8.08 43.74
N ARG B 42 -26.23 -8.28 44.78
CA ARG B 42 -27.14 -9.43 44.82
C ARG B 42 -28.56 -8.92 44.88
N THR B 43 -29.36 -9.20 43.84
CA THR B 43 -30.78 -8.82 43.83
C THR B 43 -31.63 -9.82 44.58
N THR B 44 -32.85 -9.41 44.95
CA THR B 44 -33.82 -10.23 45.68
C THR B 44 -35.25 -9.75 45.37
N PRO B 45 -36.22 -10.67 45.35
CA PRO B 45 -36.15 -12.11 45.63
C PRO B 45 -35.55 -12.94 44.47
N GLY B 46 -35.49 -12.36 43.28
CA GLY B 46 -34.99 -13.06 42.09
C GLY B 46 -33.57 -12.65 41.78
N ARG B 47 -32.90 -13.44 40.94
CA ARG B 47 -31.49 -13.24 40.58
C ARG B 47 -31.24 -14.03 39.30
N ASN B 48 -30.24 -13.63 38.53
CA ASN B 48 -29.68 -14.57 37.54
C ASN B 48 -28.66 -15.45 38.25
N ASN B 49 -28.00 -16.35 37.53
CA ASN B 49 -27.06 -17.29 38.16
C ASN B 49 -25.89 -16.65 38.93
N THR B 50 -25.48 -15.45 38.53
CA THR B 50 -24.40 -14.72 39.21
C THR B 50 -24.86 -14.08 40.53
N GLY B 51 -26.16 -13.80 40.63
CA GLY B 51 -26.77 -13.22 41.86
C GLY B 51 -27.57 -11.95 41.59
N TYR B 52 -27.56 -11.49 40.34
CA TYR B 52 -28.15 -10.22 39.97
C TYR B 52 -29.00 -10.34 38.72
N ASP B 53 -30.29 -10.02 38.85
CA ASP B 53 -31.16 -9.94 37.72
C ASP B 53 -31.62 -8.49 37.57
N TYR B 54 -31.28 -7.91 36.42
CA TYR B 54 -31.64 -6.54 36.06
C TYR B 54 -33.14 -6.20 36.20
N ALA B 55 -33.99 -7.19 36.03
CA ALA B 55 -35.45 -7.00 36.12
C ALA B 55 -35.97 -6.79 37.54
N GLN B 56 -35.13 -7.02 38.55
CA GLN B 56 -35.53 -6.85 39.96
C GLN B 56 -35.36 -5.42 40.45
N SER B 57 -35.91 -5.15 41.64
CA SER B 57 -35.82 -3.79 42.20
C SER B 57 -35.41 -3.78 43.67
N LYS B 58 -34.89 -4.88 44.17
CA LYS B 58 -34.26 -4.88 45.49
C LYS B 58 -32.88 -5.51 45.46
N ILE B 59 -31.96 -4.96 46.25
CA ILE B 59 -30.63 -5.53 46.43
C ILE B 59 -30.38 -5.77 47.93
N SER B 60 -29.77 -6.91 48.26
CA SER B 60 -29.34 -7.14 49.64
C SER B 60 -27.98 -6.51 49.87
N GLY B 61 -26.94 -7.15 49.30
CA GLY B 61 -25.58 -6.66 49.40
C GLY B 61 -24.72 -7.14 48.25
N PHE B 62 -23.42 -7.26 48.52
CA PHE B 62 -22.42 -7.61 47.53
C PHE B 62 -21.71 -8.92 47.87
N THR B 63 -21.65 -9.83 46.90
CA THR B 63 -20.82 -11.03 47.02
C THR B 63 -19.44 -10.78 46.42
N HIS B 64 -18.50 -11.71 46.61
CA HIS B 64 -17.11 -11.45 46.26
C HIS B 64 -16.48 -12.50 45.34
N THR B 65 -17.17 -13.62 45.15
CA THR B 65 -16.66 -14.67 44.25
C THR B 65 -17.74 -15.00 43.25
N ASN B 66 -17.37 -15.47 42.07
CA ASN B 66 -18.37 -15.77 41.07
C ASN B 66 -17.79 -16.43 39.84
N LEU B 67 -18.68 -16.80 38.94
CA LEU B 67 -18.39 -17.41 37.66
C LEU B 67 -19.28 -16.74 36.61
N ASP B 68 -18.65 -16.23 35.57
CA ASP B 68 -19.33 -15.51 34.49
C ASP B 68 -20.07 -16.42 33.53
N GLY B 69 -21.36 -16.17 33.37
CA GLY B 69 -22.15 -16.73 32.26
C GLY B 69 -22.41 -18.22 32.31
N VAL B 70 -22.41 -18.80 33.51
CA VAL B 70 -22.52 -20.26 33.67
C VAL B 70 -23.95 -20.68 33.96
N GLY B 71 -24.23 -21.98 33.83
CA GLY B 71 -25.58 -22.54 34.03
C GLY B 71 -25.84 -22.95 35.49
N GLY B 72 -26.75 -23.93 35.67
CA GLY B 72 -27.14 -24.42 37.00
C GLY B 72 -27.80 -23.30 37.78
N SER B 73 -27.40 -23.15 39.04
CA SER B 73 -27.78 -21.96 39.82
C SER B 73 -26.59 -21.01 40.02
N GLY B 74 -25.51 -21.24 39.26
CA GLY B 74 -24.32 -20.39 39.31
C GLY B 74 -23.31 -20.82 40.35
N GLY B 75 -22.07 -20.42 40.18
CA GLY B 75 -21.03 -20.75 41.14
C GLY B 75 -20.57 -19.54 41.92
N GLY B 76 -19.79 -19.78 42.97
CA GLY B 76 -19.30 -18.72 43.81
C GLY B 76 -20.45 -18.12 44.56
N GLY B 77 -20.49 -16.78 44.59
CA GLY B 77 -21.44 -16.06 45.42
C GLY B 77 -21.13 -16.06 46.89
N ASP B 78 -19.85 -16.25 47.23
CA ASP B 78 -19.35 -16.28 48.61
C ASP B 78 -19.11 -14.89 49.15
N LEU B 79 -19.25 -14.76 50.47
CA LEU B 79 -18.92 -13.52 51.21
C LEU B 79 -19.87 -12.39 50.86
N LEU B 80 -21.07 -12.46 51.42
CA LEU B 80 -22.10 -11.45 51.22
C LEU B 80 -21.94 -10.34 52.25
N VAL B 81 -21.73 -9.11 51.77
CA VAL B 81 -21.58 -7.93 52.61
C VAL B 81 -22.84 -7.08 52.45
N VAL B 82 -23.55 -6.88 53.55
CA VAL B 82 -24.83 -6.17 53.56
C VAL B 82 -24.76 -4.91 54.44
N PRO B 83 -24.96 -3.71 53.83
CA PRO B 83 -25.03 -2.50 54.68
C PRO B 83 -26.45 -2.34 55.26
N THR B 84 -26.53 -1.89 56.50
CA THR B 84 -27.80 -1.79 57.22
C THR B 84 -27.66 -0.82 58.41
N SER B 85 -28.77 -0.15 58.75
CA SER B 85 -28.83 0.68 59.94
C SER B 85 -29.60 -0.07 61.01
N GLY B 86 -29.98 -1.30 60.68
CA GLY B 86 -30.71 -2.16 61.61
C GLY B 86 -29.83 -2.81 62.65
N SER B 87 -30.52 -3.46 63.60
CA SER B 87 -29.92 -4.14 64.75
C SER B 87 -30.35 -5.60 64.78
N TYR B 88 -29.47 -6.47 65.23
CA TYR B 88 -29.76 -7.92 65.33
C TYR B 88 -29.42 -8.50 66.72
N THR B 89 -30.17 -9.50 67.14
CA THR B 89 -29.94 -10.24 68.41
C THR B 89 -29.81 -11.75 68.16
N ALA B 90 -29.88 -12.14 66.88
CA ALA B 90 -29.76 -13.51 66.43
C ALA B 90 -29.24 -13.48 65.00
N ARG B 91 -29.00 -14.66 64.43
CA ARG B 91 -28.55 -14.78 63.05
C ARG B 91 -29.57 -14.06 62.18
N PRO B 92 -29.12 -13.16 61.29
CA PRO B 92 -30.06 -12.38 60.48
C PRO B 92 -30.90 -13.24 59.57
N GLY B 93 -32.20 -12.93 59.51
CA GLY B 93 -33.09 -13.48 58.49
C GLY B 93 -32.68 -12.85 57.16
N THR B 94 -32.58 -13.66 56.11
CA THR B 94 -32.08 -13.17 54.81
C THR B 94 -32.97 -12.09 54.20
N GLY B 95 -34.26 -12.11 54.54
CA GLY B 95 -35.21 -11.15 54.01
C GLY B 95 -34.89 -9.74 54.48
N THR B 96 -34.39 -9.62 55.70
CA THR B 96 -34.09 -8.32 56.30
C THR B 96 -32.95 -7.55 55.62
N TYR B 97 -32.24 -8.21 54.69
CA TYR B 97 -31.15 -7.56 53.95
C TYR B 97 -31.64 -6.68 52.80
N ALA B 98 -32.90 -6.83 52.41
CA ALA B 98 -33.42 -6.23 51.18
C ALA B 98 -33.54 -4.73 51.26
N HIS B 99 -33.00 -4.04 50.24
CA HIS B 99 -33.10 -2.59 50.10
C HIS B 99 -33.73 -2.29 48.75
N PRO B 100 -34.61 -1.26 48.65
CA PRO B 100 -35.08 -0.89 47.32
C PRO B 100 -33.98 -0.24 46.51
N PHE B 101 -33.95 -0.50 45.21
CA PHE B 101 -33.04 0.24 44.33
C PHE B 101 -33.68 0.55 42.98
N SER B 102 -33.11 1.53 42.28
CA SER B 102 -33.55 1.91 40.94
C SER B 102 -32.36 1.97 40.01
N HIS B 103 -32.52 1.47 38.79
CA HIS B 103 -31.47 1.64 37.76
C HIS B 103 -31.15 3.11 37.49
N ASP B 104 -32.06 4.02 37.86
CA ASP B 104 -31.80 5.48 37.73
C ASP B 104 -30.80 6.02 38.76
N ASP B 105 -30.52 5.24 39.81
CA ASP B 105 -29.52 5.60 40.82
C ASP B 105 -28.57 4.40 40.97
N GLU B 106 -27.87 4.12 39.87
CA GLU B 106 -27.01 2.95 39.69
C GLU B 106 -26.06 3.24 38.54
N ASP B 107 -24.77 3.08 38.78
CA ASP B 107 -23.77 3.33 37.75
C ASP B 107 -22.63 2.29 37.86
N ALA B 108 -22.19 1.77 36.71
CA ALA B 108 -21.16 0.75 36.72
C ALA B 108 -20.42 0.71 35.41
N GLY B 109 -19.21 0.17 35.46
CA GLY B 109 -18.35 -0.01 34.29
C GLY B 109 -17.12 -0.77 34.77
N PRO B 110 -16.16 -1.01 33.85
CA PRO B 110 -14.94 -1.76 34.16
C PRO B 110 -14.24 -1.32 35.46
N GLY B 111 -14.37 -2.15 36.50
CA GLY B 111 -13.67 -1.89 37.77
C GLY B 111 -14.55 -1.41 38.91
N PHE B 112 -15.80 -1.09 38.62
CA PHE B 112 -16.62 -0.45 39.64
C PHE B 112 -18.11 -0.68 39.47
N TYR B 113 -18.82 -0.56 40.58
CA TYR B 113 -20.27 -0.56 40.59
C TYR B 113 -20.75 0.31 41.73
N SER B 114 -21.75 1.15 41.45
CA SER B 114 -22.36 1.99 42.46
C SER B 114 -23.89 1.90 42.40
N VAL B 115 -24.55 2.09 43.55
CA VAL B 115 -26.00 2.07 43.62
C VAL B 115 -26.51 2.77 44.89
N GLY B 116 -27.60 3.52 44.76
CA GLY B 116 -28.34 3.99 45.93
C GLY B 116 -29.30 2.94 46.44
N LEU B 117 -29.12 2.56 47.70
CA LEU B 117 -29.93 1.53 48.35
C LEU B 117 -30.80 2.19 49.41
N GLY B 118 -32.12 1.96 49.37
CA GLY B 118 -33.01 2.52 50.40
C GLY B 118 -32.51 2.07 51.78
N ASN B 119 -32.42 3.02 52.71
CA ASN B 119 -31.93 2.73 54.08
C ASN B 119 -32.88 1.75 54.78
N VAL B 120 -32.35 0.87 55.64
CA VAL B 120 -33.19 -0.04 56.39
C VAL B 120 -32.78 -0.05 57.87
N ALA B 121 -33.76 -0.23 58.77
CA ALA B 121 -33.48 -0.20 60.21
C ALA B 121 -34.55 -0.94 60.99
N GLY B 122 -34.39 -0.99 62.31
CA GLY B 122 -35.25 -1.78 63.19
C GLY B 122 -34.45 -2.94 63.75
N THR B 123 -35.14 -3.97 64.22
CA THR B 123 -34.50 -5.07 64.96
C THR B 123 -34.96 -6.42 64.42
N ASP B 124 -33.99 -7.29 64.12
CA ASP B 124 -34.27 -8.64 63.61
C ASP B 124 -35.31 -8.69 62.49
N GLY B 125 -36.28 -9.59 62.59
CA GLY B 125 -37.32 -9.80 61.56
C GLY B 125 -38.17 -8.58 61.23
N ALA B 126 -38.22 -7.62 62.14
CA ALA B 126 -39.01 -6.40 61.95
C ALA B 126 -38.29 -5.32 61.13
N ILE B 127 -37.04 -5.57 60.76
CA ILE B 127 -36.25 -4.60 60.00
C ILE B 127 -36.95 -4.26 58.69
N THR B 128 -37.00 -2.97 58.37
CA THR B 128 -37.65 -2.52 57.16
C THR B 128 -37.12 -1.13 56.78
N GLY B 129 -37.72 -0.53 55.74
CA GLY B 129 -37.37 0.83 55.31
C GLY B 129 -37.20 1.81 56.45
N ALA B 130 -36.17 2.66 56.34
CA ALA B 130 -35.84 3.72 57.29
C ALA B 130 -35.48 4.97 56.48
N PRO B 131 -35.34 6.15 57.13
CA PRO B 131 -35.14 7.39 56.33
C PRO B 131 -33.86 7.39 55.50
N GLY B 132 -33.94 7.93 54.29
CA GLY B 132 -32.79 8.18 53.45
C GLY B 132 -32.22 7.01 52.65
N THR B 133 -30.99 7.20 52.19
CA THR B 133 -30.40 6.31 51.20
C THR B 133 -29.01 5.90 51.66
N ILE B 134 -28.70 4.61 51.56
CA ILE B 134 -27.35 4.14 51.78
C ILE B 134 -26.66 4.19 50.43
N GLU B 135 -25.73 5.14 50.29
CA GLU B 135 -24.97 5.30 49.04
C GLU B 135 -23.83 4.27 49.02
N ALA B 136 -23.95 3.29 48.12
CA ALA B 136 -22.99 2.19 48.04
C ALA B 136 -22.05 2.33 46.86
N GLU B 137 -20.77 2.14 47.07
CA GLU B 137 -19.80 2.13 45.98
C GLU B 137 -18.81 0.98 46.21
N VAL B 138 -18.60 0.17 45.17
CA VAL B 138 -17.59 -0.86 45.24
C VAL B 138 -16.68 -0.79 44.02
N ALA B 139 -15.46 -1.28 44.21
CA ALA B 139 -14.47 -1.38 43.14
C ALA B 139 -13.65 -2.67 43.36
N ALA B 140 -12.96 -3.11 42.33
CA ALA B 140 -12.15 -4.32 42.49
C ALA B 140 -10.76 -4.15 41.92
N ALA B 141 -9.77 -4.77 42.58
CA ALA B 141 -8.47 -5.02 41.99
C ALA B 141 -8.45 -6.53 41.76
N THR B 142 -7.33 -7.09 41.30
CA THR B 142 -7.27 -8.52 40.91
C THR B 142 -7.84 -9.48 41.98
N ARG B 143 -7.41 -9.29 43.22
CA ARG B 143 -7.71 -10.18 44.34
C ARG B 143 -8.60 -9.53 45.38
N SER B 144 -8.91 -8.24 45.16
CA SER B 144 -9.57 -7.44 46.21
C SER B 144 -10.88 -6.76 45.79
N GLY B 145 -11.82 -6.73 46.71
CA GLY B 145 -13.03 -5.90 46.61
C GLY B 145 -12.95 -4.82 47.67
N VAL B 146 -13.18 -3.57 47.27
CA VAL B 146 -13.18 -2.47 48.20
C VAL B 146 -14.55 -1.81 48.20
N HIS B 147 -14.96 -1.36 49.38
CA HIS B 147 -16.31 -0.80 49.59
C HIS B 147 -16.19 0.58 50.22
N ARG B 148 -17.06 1.49 49.79
CA ARG B 148 -17.28 2.78 50.47
C ARG B 148 -18.79 3.06 50.54
N TYR B 149 -19.32 3.20 51.76
CA TYR B 149 -20.75 3.48 51.97
C TYR B 149 -20.98 4.82 52.67
N ALA B 150 -22.06 5.50 52.31
CA ALA B 150 -22.53 6.68 53.05
C ALA B 150 -23.94 6.43 53.62
N PHE B 151 -24.08 6.47 54.94
CA PHE B 151 -25.35 6.19 55.60
C PHE B 151 -26.04 7.52 55.93
N PRO B 152 -27.37 7.53 56.05
CA PRO B 152 -27.94 8.82 56.43
C PRO B 152 -27.49 9.24 57.83
N ALA B 153 -27.32 10.56 58.02
CA ALA B 153 -26.97 11.11 59.32
C ALA B 153 -27.87 10.57 60.43
N GLY B 154 -27.26 10.15 61.53
CA GLY B 154 -28.02 9.62 62.66
C GLY B 154 -28.09 8.10 62.69
N SER B 155 -27.92 7.46 61.53
CA SER B 155 -27.84 5.99 61.46
C SER B 155 -26.72 5.45 62.32
N THR B 156 -26.99 4.31 62.98
CA THR B 156 -25.92 3.46 63.49
C THR B 156 -25.58 2.49 62.36
N PRO B 157 -24.46 2.74 61.66
CA PRO B 157 -24.12 1.95 60.48
C PRO B 157 -23.63 0.56 60.84
N SER B 158 -23.93 -0.41 60.00
CA SER B 158 -23.55 -1.77 60.27
C SER B 158 -23.28 -2.48 58.96
N LEU B 159 -22.31 -3.37 58.98
CA LEU B 159 -22.11 -4.30 57.88
C LEU B 159 -22.23 -5.75 58.35
N VAL B 160 -23.14 -6.49 57.71
CA VAL B 160 -23.24 -7.92 57.95
C VAL B 160 -22.33 -8.63 56.96
N VAL B 161 -21.58 -9.60 57.45
CA VAL B 161 -20.71 -10.40 56.60
C VAL B 161 -21.25 -11.83 56.68
N ASP B 162 -22.08 -12.19 55.71
CA ASP B 162 -22.78 -13.47 55.73
C ASP B 162 -21.94 -14.51 55.01
N LEU B 163 -21.43 -15.51 55.75
CA LEU B 163 -20.54 -16.53 55.18
C LEU B 163 -21.26 -17.84 54.82
N GLU B 164 -22.59 -17.82 54.93
CA GLU B 164 -23.43 -18.93 54.44
C GLU B 164 -23.65 -18.82 52.92
N THR B 165 -23.93 -17.61 52.43
CA THR B 165 -24.37 -17.36 51.05
C THR B 165 -23.48 -18.07 50.03
N ASN B 166 -24.12 -18.77 49.10
CA ASN B 166 -23.41 -19.33 47.96
C ASN B 166 -24.45 -19.50 46.88
N ASN B 167 -24.03 -19.45 45.62
CA ASN B 167 -24.97 -19.59 44.52
C ASN B 167 -25.47 -21.03 44.33
N THR B 168 -24.70 -22.01 44.83
CA THR B 168 -25.12 -23.42 44.74
C THR B 168 -25.07 -24.18 46.07
N SER B 169 -23.92 -24.19 46.73
CA SER B 169 -23.74 -25.02 47.93
C SER B 169 -22.61 -24.46 48.77
N ARG B 170 -22.96 -24.07 50.00
CA ARG B 170 -21.98 -23.78 51.04
C ARG B 170 -21.64 -25.09 51.73
N ARG B 171 -20.40 -25.54 51.54
CA ARG B 171 -19.89 -26.72 52.22
C ARG B 171 -19.45 -26.41 53.65
N SER B 172 -18.64 -25.36 53.82
CA SER B 172 -18.13 -25.00 55.13
C SER B 172 -17.64 -23.58 55.10
N SER B 173 -17.51 -22.98 56.28
CA SER B 173 -16.95 -21.62 56.41
C SER B 173 -16.42 -21.38 57.82
N SER B 174 -15.57 -20.35 57.94
CA SER B 174 -15.02 -19.96 59.23
C SER B 174 -14.76 -18.45 59.23
N VAL B 175 -14.77 -17.87 60.42
CA VAL B 175 -14.45 -16.47 60.61
C VAL B 175 -13.68 -16.30 61.93
N GLN B 176 -12.57 -15.57 61.85
CA GLN B 176 -11.86 -15.13 63.04
C GLN B 176 -11.86 -13.61 63.07
N VAL B 177 -12.08 -13.07 64.26
CA VAL B 177 -12.15 -11.65 64.46
C VAL B 177 -10.93 -11.12 65.21
N GLU B 178 -10.42 -9.99 64.74
CA GLU B 178 -9.29 -9.30 65.38
C GLU B 178 -9.62 -7.81 65.46
N THR B 179 -9.53 -7.24 66.67
CA THR B 179 -9.61 -5.79 66.85
C THR B 179 -8.20 -5.25 67.10
N ARG B 180 -7.79 -4.27 66.28
CA ARG B 180 -6.45 -3.67 66.32
C ARG B 180 -6.39 -2.44 67.23
N ALA B 181 -5.18 -1.92 67.44
CA ALA B 181 -4.94 -0.82 68.38
C ALA B 181 -5.73 0.45 68.02
N ASP B 182 -5.94 0.69 66.73
CA ASP B 182 -6.69 1.87 66.28
C ASP B 182 -8.22 1.65 66.29
N GLY B 183 -8.65 0.49 66.77
CA GLY B 183 -10.08 0.15 66.88
C GLY B 183 -10.70 -0.53 65.66
N THR B 184 -9.97 -0.58 64.55
CA THR B 184 -10.50 -1.23 63.33
C THR B 184 -10.54 -2.76 63.48
N VAL B 185 -11.35 -3.41 62.66
CA VAL B 185 -11.53 -4.85 62.76
C VAL B 185 -11.03 -5.54 61.49
N GLU B 186 -10.33 -6.66 61.68
CA GLU B 186 -10.03 -7.61 60.62
C GLU B 186 -10.83 -8.93 60.82
N LEU B 187 -11.43 -9.42 59.74
CA LEU B 187 -12.05 -10.74 59.75
C LEU B 187 -11.29 -11.62 58.80
N SER B 188 -11.05 -12.87 59.19
CA SER B 188 -10.35 -13.75 58.25
C SER B 188 -10.86 -15.17 58.40
N GLY B 189 -10.73 -15.98 57.36
CA GLY B 189 -11.13 -17.39 57.40
C GLY B 189 -11.14 -18.00 56.00
N GLN B 190 -11.98 -19.01 55.84
CA GLN B 190 -12.11 -19.72 54.58
C GLN B 190 -13.59 -19.85 54.23
N VAL B 191 -13.87 -19.97 52.94
CA VAL B 191 -15.18 -20.42 52.44
C VAL B 191 -14.93 -21.59 51.46
N THR B 192 -15.74 -22.62 51.62
CA THR B 192 -15.65 -23.78 50.75
C THR B 192 -17.02 -23.95 50.15
N GLY B 193 -17.06 -23.90 48.82
CA GLY B 193 -18.29 -24.02 48.08
C GLY B 193 -18.24 -25.19 47.14
N TYR B 194 -19.32 -25.40 46.41
CA TYR B 194 -19.36 -26.43 45.37
C TYR B 194 -20.14 -25.90 44.17
N PHE B 195 -19.66 -26.25 42.97
CA PHE B 195 -20.42 -26.00 41.75
C PHE B 195 -20.07 -26.99 40.66
N TYR B 196 -21.11 -27.67 40.18
CA TYR B 196 -21.07 -28.49 38.99
C TYR B 196 -20.34 -29.80 39.22
N ASN B 197 -19.02 -29.79 39.12
CA ASN B 197 -18.22 -31.00 39.27
C ASN B 197 -17.35 -31.04 40.52
N ALA B 198 -17.09 -29.90 41.15
CA ALA B 198 -16.01 -29.82 42.17
C ALA B 198 -16.22 -28.83 43.30
N ALA B 199 -15.74 -29.18 44.49
CA ALA B 199 -15.65 -28.23 45.59
C ALA B 199 -14.44 -27.34 45.36
N TYR B 200 -14.46 -26.15 45.98
CA TYR B 200 -13.31 -25.22 45.97
C TYR B 200 -13.20 -24.53 47.34
N THR B 201 -12.00 -24.04 47.66
CA THR B 201 -11.77 -23.28 48.89
C THR B 201 -10.99 -21.99 48.63
N LEU B 202 -11.53 -20.89 49.15
CA LEU B 202 -10.85 -19.61 49.11
C LEU B 202 -10.67 -19.08 50.52
N TYR B 203 -9.52 -18.47 50.77
CA TYR B 203 -9.24 -17.80 52.04
C TYR B 203 -9.46 -16.31 51.84
N TYR B 204 -9.89 -15.63 52.89
CA TYR B 204 -10.16 -14.21 52.80
C TYR B 204 -9.62 -13.47 54.01
N THR B 205 -9.36 -12.17 53.78
CA THR B 205 -9.19 -11.22 54.85
C THR B 205 -9.97 -9.94 54.52
N ALA B 206 -10.63 -9.40 55.54
CA ALA B 206 -11.46 -8.22 55.38
C ALA B 206 -11.20 -7.28 56.53
N ARG B 207 -10.95 -6.01 56.21
CA ARG B 207 -10.70 -5.06 57.28
C ARG B 207 -11.58 -3.84 57.11
N THR B 208 -11.97 -3.27 58.25
CA THR B 208 -12.68 -2.01 58.26
C THR B 208 -11.65 -0.90 58.18
N LEU B 209 -12.09 0.27 57.70
CA LEU B 209 -11.24 1.44 57.66
C LEU B 209 -11.57 2.41 58.82
N GLN B 210 -12.69 2.15 59.50
CA GLN B 210 -13.13 2.93 60.66
C GLN B 210 -13.31 2.00 61.85
N PRO B 211 -13.22 2.54 63.09
CA PRO B 211 -13.39 1.62 64.23
C PRO B 211 -14.76 0.92 64.25
N ALA B 212 -14.76 -0.34 64.67
CA ALA B 212 -15.97 -1.16 64.73
C ALA B 212 -15.98 -2.06 65.96
N THR B 213 -17.18 -2.37 66.43
CA THR B 213 -17.36 -3.49 67.34
C THR B 213 -17.95 -4.65 66.53
N VAL B 214 -17.89 -5.86 67.06
CA VAL B 214 -18.18 -7.03 66.22
C VAL B 214 -18.82 -8.16 67.00
N GLN B 215 -19.83 -8.77 66.41
CA GLN B 215 -20.43 -9.99 66.94
C GLN B 215 -20.41 -11.04 65.85
N THR B 216 -20.37 -12.32 66.22
CA THR B 216 -20.26 -13.38 65.21
C THR B 216 -21.35 -14.39 65.43
N TRP B 217 -21.62 -15.20 64.41
CA TRP B 217 -22.61 -16.27 64.57
C TRP B 217 -22.15 -17.58 63.99
N GLY B 218 -22.65 -18.66 64.56
CA GLY B 218 -22.34 -19.97 64.07
C GLY B 218 -23.62 -20.69 63.78
N ASP B 219 -23.48 -22.00 63.67
CA ASP B 219 -24.57 -22.86 63.21
C ASP B 219 -25.73 -22.96 64.21
N ASP B 220 -25.50 -22.54 65.45
CA ASP B 220 -26.59 -22.50 66.44
C ASP B 220 -27.52 -21.29 66.30
N ASP B 221 -27.28 -20.45 65.30
CA ASP B 221 -28.03 -19.19 65.08
C ASP B 221 -27.92 -18.11 66.16
N ARG B 222 -27.05 -18.30 67.13
CA ARG B 222 -26.90 -17.33 68.20
C ARG B 222 -25.82 -16.29 67.87
N LEU B 223 -26.13 -15.02 68.14
CA LEU B 223 -25.25 -13.92 67.81
C LEU B 223 -24.50 -13.53 69.08
N VAL B 224 -23.18 -13.60 69.05
CA VAL B 224 -22.40 -13.66 70.28
C VAL B 224 -21.14 -12.82 70.20
N ASP B 225 -20.54 -12.54 71.35
CA ASP B 225 -19.32 -11.76 71.41
C ASP B 225 -18.06 -12.57 71.08
N ALA B 226 -18.21 -13.90 70.97
CA ALA B 226 -17.09 -14.80 70.64
C ALA B 226 -16.42 -14.35 69.35
N THR B 227 -15.09 -14.46 69.32
CA THR B 227 -14.32 -13.96 68.20
C THR B 227 -14.00 -15.03 67.14
N ALA B 228 -14.47 -16.26 67.34
CA ALA B 228 -14.16 -17.36 66.40
C ALA B 228 -15.38 -18.22 66.09
N GLN B 229 -15.59 -18.49 64.81
CA GLN B 229 -16.60 -19.46 64.38
C GLN B 229 -16.02 -20.35 63.28
N ASP B 230 -16.51 -21.57 63.21
CA ASP B 230 -16.02 -22.59 62.29
C ASP B 230 -17.07 -23.68 62.16
N GLY B 231 -17.76 -23.67 61.02
CA GLY B 231 -18.85 -24.58 60.75
C GLY B 231 -19.28 -24.45 59.30
N VAL B 232 -20.59 -24.31 59.09
CA VAL B 232 -21.16 -24.19 57.75
C VAL B 232 -21.84 -22.81 57.59
N ASP B 233 -22.82 -22.52 58.45
CA ASP B 233 -23.49 -21.21 58.41
C ASP B 233 -22.93 -20.31 59.51
N THR B 234 -22.04 -19.41 59.11
CA THR B 234 -21.37 -18.52 60.06
C THR B 234 -21.34 -17.12 59.48
N GLY B 235 -20.99 -16.14 60.32
CA GLY B 235 -20.84 -14.79 59.86
C GLY B 235 -20.54 -13.83 60.97
N ALA B 236 -20.52 -12.56 60.62
CA ALA B 236 -20.10 -11.52 61.53
C ALA B 236 -20.91 -10.26 61.20
N ILE B 237 -21.21 -9.50 62.24
CA ILE B 237 -21.86 -8.20 62.12
C ILE B 237 -20.96 -7.11 62.72
N LEU B 238 -20.57 -6.18 61.86
CA LEU B 238 -19.73 -5.03 62.22
C LEU B 238 -20.63 -3.82 62.51
N THR B 239 -20.42 -3.18 63.66
CA THR B 239 -21.18 -1.99 64.03
C THR B 239 -20.27 -0.79 64.23
N PHE B 240 -20.66 0.33 63.64
CA PHE B 240 -19.84 1.53 63.65
C PHE B 240 -20.55 2.64 64.44
N ASP B 241 -19.78 3.67 64.78
CA ASP B 241 -20.31 4.83 65.47
C ASP B 241 -21.06 5.71 64.47
N PRO B 242 -22.15 6.34 64.92
CA PRO B 242 -22.86 7.28 64.04
C PRO B 242 -21.97 8.40 63.51
N ALA B 243 -20.94 8.79 64.27
CA ALA B 243 -20.03 9.83 63.81
C ALA B 243 -19.42 9.49 62.45
N ASP B 244 -19.33 8.18 62.14
CA ASP B 244 -18.70 7.72 60.90
C ASP B 244 -19.67 7.44 59.75
N ALA B 245 -20.95 7.75 59.94
CA ALA B 245 -21.98 7.41 58.96
C ALA B 245 -21.67 7.89 57.54
N GLY B 246 -21.07 9.08 57.43
CA GLY B 246 -20.71 9.64 56.13
C GLY B 246 -19.73 8.86 55.29
N GLU B 247 -19.01 7.92 55.91
CA GLU B 247 -18.00 7.13 55.19
C GLU B 247 -17.61 5.86 55.94
N ILE B 248 -18.12 4.72 55.46
CA ILE B 248 -17.79 3.42 56.01
C ILE B 248 -17.01 2.63 54.96
N GLY B 249 -15.80 2.21 55.32
CA GLY B 249 -14.89 1.54 54.39
C GLY B 249 -14.62 0.08 54.72
N LEU B 250 -14.57 -0.75 53.67
CA LEU B 250 -14.22 -2.16 53.83
C LEU B 250 -13.31 -2.64 52.70
N GLN B 251 -12.33 -3.46 53.04
CA GLN B 251 -11.42 -4.05 52.04
C GLN B 251 -11.36 -5.55 52.23
N VAL B 252 -11.65 -6.27 51.15
CA VAL B 252 -11.74 -7.73 51.18
C VAL B 252 -10.70 -8.28 50.18
N THR B 253 -9.82 -9.14 50.66
CA THR B 253 -8.87 -9.77 49.74
C THR B 253 -8.97 -11.29 49.81
N LEU B 254 -8.89 -11.92 48.63
CA LEU B 254 -9.08 -13.37 48.47
C LEU B 254 -7.84 -14.12 48.01
N SER B 255 -7.66 -15.35 48.50
CA SER B 255 -6.49 -16.16 48.15
C SER B 255 -6.80 -17.66 48.13
N PRO B 256 -6.38 -18.36 47.06
CA PRO B 256 -6.47 -19.81 47.06
C PRO B 256 -5.39 -20.42 47.97
N VAL B 257 -4.47 -19.60 48.48
CA VAL B 257 -3.35 -20.10 49.28
C VAL B 257 -3.65 -20.28 50.77
N SER B 258 -3.93 -19.18 51.46
CA SER B 258 -4.09 -19.16 52.90
C SER B 258 -4.53 -17.75 53.30
N VAL B 259 -4.96 -17.61 54.55
CA VAL B 259 -5.24 -16.30 55.16
C VAL B 259 -3.97 -15.45 55.23
N GLU B 260 -2.87 -16.07 55.58
CA GLU B 260 -1.63 -15.35 55.75
C GLU B 260 -1.26 -14.74 54.40
N GLN B 261 -1.47 -15.51 53.33
CA GLN B 261 -1.22 -15.00 51.97
C GLN B 261 -2.17 -13.88 51.59
N ALA B 262 -3.45 -14.00 51.94
CA ALA B 262 -4.45 -13.00 51.62
C ALA B 262 -4.10 -11.65 52.23
N ARG B 263 -3.62 -11.68 53.47
CA ARG B 263 -3.13 -10.48 54.15
C ARG B 263 -1.92 -9.87 53.45
N ILE B 264 -0.96 -10.71 53.07
CA ILE B 264 0.19 -10.25 52.27
C ILE B 264 -0.27 -9.64 50.95
N ASP B 265 -1.14 -10.36 50.21
CA ASP B 265 -1.65 -9.82 48.93
C ASP B 265 -2.36 -8.49 49.14
N GLN B 266 -3.07 -8.35 50.26
CA GLN B 266 -3.80 -7.11 50.50
C GLN B 266 -2.84 -5.95 50.73
N GLN B 267 -1.77 -6.19 51.50
CA GLN B 267 -0.71 -5.17 51.66
C GLN B 267 -0.12 -4.76 50.31
N VAL B 268 0.26 -5.74 49.51
CA VAL B 268 0.92 -5.51 48.21
C VAL B 268 -0.04 -4.80 47.23
N GLU B 269 -1.22 -5.37 47.05
CA GLU B 269 -2.18 -4.92 46.05
C GLU B 269 -2.83 -3.58 46.39
N LEU B 270 -3.15 -3.34 47.66
CA LEU B 270 -3.94 -2.17 48.05
C LEU B 270 -3.14 -1.15 48.87
N GLY B 271 -2.25 -1.66 49.70
CA GLY B 271 -1.45 -0.81 50.58
C GLY B 271 -2.28 0.25 51.24
N ASP B 272 -1.76 1.48 51.20
CA ASP B 272 -2.42 2.65 51.78
C ASP B 272 -3.19 3.47 50.73
N LEU B 273 -3.45 2.87 49.58
CA LEU B 273 -4.18 3.57 48.51
C LEU B 273 -5.62 3.87 48.88
N SER B 274 -6.09 5.01 48.42
CA SER B 274 -7.46 5.42 48.63
C SER B 274 -8.44 4.59 47.74
N PHE B 275 -9.70 4.58 48.13
CA PHE B 275 -10.75 3.93 47.34
C PHE B 275 -10.75 4.46 45.90
N ASP B 276 -10.65 5.78 45.75
CA ASP B 276 -10.68 6.38 44.42
C ASP B 276 -9.49 5.91 43.60
N ALA B 277 -8.30 5.87 44.21
CA ALA B 277 -7.06 5.43 43.53
C ALA B 277 -7.12 3.97 43.07
N ILE B 278 -7.68 3.10 43.91
CA ILE B 278 -7.84 1.70 43.53
C ILE B 278 -8.80 1.55 42.34
N ARG B 279 -9.94 2.22 42.43
CA ARG B 279 -10.90 2.21 41.36
C ARG B 279 -10.30 2.76 40.06
N ASP B 280 -9.58 3.89 40.16
CA ASP B 280 -8.97 4.52 38.98
C ASP B 280 -7.88 3.64 38.34
N ARG B 281 -7.06 3.01 39.17
CA ARG B 281 -6.05 2.06 38.68
C ARG B 281 -6.66 0.92 37.88
N THR B 282 -7.72 0.29 38.42
CA THR B 282 -8.42 -0.76 37.69
C THR B 282 -9.05 -0.24 36.37
N ARG B 283 -9.52 1.01 36.37
CA ARG B 283 -10.01 1.60 35.14
C ARG B 283 -8.89 1.71 34.09
N ALA B 284 -7.72 2.17 34.50
CA ALA B 284 -6.56 2.24 33.61
C ALA B 284 -6.13 0.83 33.12
N GLU B 285 -6.13 -0.15 34.03
CA GLU B 285 -5.83 -1.54 33.67
C GLU B 285 -6.77 -2.04 32.56
N TRP B 286 -8.07 -1.78 32.71
CA TRP B 286 -9.03 -2.13 31.66
C TRP B 286 -8.79 -1.37 30.35
N ASN B 287 -8.46 -0.08 30.45
CA ASN B 287 -8.18 0.71 29.25
C ASN B 287 -6.88 0.25 28.55
N ALA B 288 -5.95 -0.33 29.31
CA ALA B 288 -4.75 -0.96 28.72
C ALA B 288 -5.10 -2.27 28.03
N THR B 289 -6.04 -3.02 28.61
CA THR B 289 -6.45 -4.33 28.06
C THR B 289 -7.29 -4.18 26.80
N LEU B 290 -8.32 -3.34 26.87
CA LEU B 290 -9.28 -3.15 25.79
C LEU B 290 -8.59 -2.44 24.64
N GLY B 291 -7.60 -1.63 24.98
CA GLY B 291 -6.85 -0.82 24.03
C GLY B 291 -5.91 -1.63 23.17
N ARG B 292 -5.80 -2.93 23.45
CA ARG B 292 -5.10 -3.84 22.55
C ARG B 292 -5.78 -3.84 21.20
N VAL B 293 -7.10 -3.66 21.20
CA VAL B 293 -7.87 -3.58 19.96
C VAL B 293 -8.42 -2.18 19.76
N ALA B 294 -8.00 -1.57 18.65
CA ALA B 294 -8.49 -0.26 18.24
C ALA B 294 -9.35 -0.36 16.97
N ILE B 295 -10.56 0.17 17.03
CA ILE B 295 -11.44 0.10 15.87
C ILE B 295 -11.79 1.49 15.31
N ASP B 296 -11.97 1.51 13.99
CA ASP B 296 -12.46 2.67 13.26
C ASP B 296 -13.73 2.18 12.55
N ALA B 297 -14.86 2.82 12.86
CA ALA B 297 -16.18 2.34 12.39
C ALA B 297 -17.06 3.47 11.85
N SER B 298 -17.20 3.52 10.52
CA SER B 298 -18.01 4.54 9.85
C SER B 298 -19.48 4.42 10.25
N THR B 299 -20.25 5.47 9.95
CA THR B 299 -21.69 5.47 10.11
C THR B 299 -22.31 4.41 9.21
N ALA B 300 -21.65 4.09 8.09
CA ALA B 300 -22.21 3.15 7.13
C ALA B 300 -22.29 1.72 7.68
N THR B 301 -21.25 1.29 8.41
CA THR B 301 -21.27 -0.06 9.01
C THR B 301 -21.89 -0.09 10.42
N ASP B 302 -21.81 1.03 11.14
CA ASP B 302 -22.32 1.10 12.52
C ASP B 302 -23.14 2.40 12.75
N PRO B 303 -24.31 2.51 12.10
CA PRO B 303 -25.04 3.80 12.13
C PRO B 303 -25.49 4.22 13.54
N THR B 304 -25.73 3.24 14.42
CA THR B 304 -26.19 3.54 15.78
C THR B 304 -25.08 3.59 16.82
N GLY B 305 -23.86 3.21 16.42
CA GLY B 305 -22.77 3.11 17.38
C GLY B 305 -22.86 1.87 18.26
N GLU B 306 -23.94 1.10 18.14
CA GLU B 306 -24.14 -0.07 19.00
C GLU B 306 -23.14 -1.21 18.75
N LEU B 307 -22.67 -1.37 17.51
CA LEU B 307 -21.70 -2.43 17.19
C LEU B 307 -20.35 -2.20 17.86
N GLN B 308 -19.88 -0.96 17.88
CA GLN B 308 -18.67 -0.61 18.61
C GLN B 308 -18.82 -0.94 20.09
N ARG B 309 -19.95 -0.55 20.67
CA ARG B 309 -20.18 -0.76 22.11
C ARG B 309 -20.30 -2.24 22.43
N LEU B 310 -20.95 -2.99 21.54
CA LEU B 310 -21.01 -4.45 21.67
C LEU B 310 -19.60 -5.04 21.57
N PHE B 311 -18.82 -4.58 20.59
CA PHE B 311 -17.44 -5.07 20.49
C PHE B 311 -16.65 -4.93 21.82
N TYR B 312 -16.60 -3.72 22.38
CA TYR B 312 -15.86 -3.50 23.63
C TYR B 312 -16.47 -4.14 24.87
N THR B 313 -17.80 -4.20 24.90
CA THR B 313 -18.50 -4.94 25.96
C THR B 313 -18.12 -6.44 25.90
N HIS B 314 -18.00 -7.00 24.71
CA HIS B 314 -17.68 -8.42 24.62
C HIS B 314 -16.17 -8.71 24.74
N LEU B 315 -15.35 -7.73 24.36
CA LEU B 315 -13.92 -7.82 24.61
C LEU B 315 -13.71 -7.82 26.13
N TYR B 316 -14.42 -6.94 26.84
CA TYR B 316 -14.45 -6.98 28.31
C TYR B 316 -14.81 -8.38 28.87
N ARG B 317 -15.85 -9.01 28.30
CA ARG B 317 -16.33 -10.30 28.79
C ARG B 317 -15.34 -11.41 28.46
N MET B 318 -14.55 -11.21 27.41
CA MET B 318 -13.57 -12.18 26.97
C MET B 318 -12.42 -12.39 27.97
N PHE B 319 -12.07 -11.33 28.70
CA PHE B 319 -11.04 -11.39 29.72
C PHE B 319 -11.62 -11.51 31.15
N ALA B 320 -12.41 -12.56 31.38
CA ALA B 320 -13.02 -12.81 32.68
C ALA B 320 -12.52 -14.13 33.26
N MET B 321 -12.57 -15.19 32.44
CA MET B 321 -12.14 -16.54 32.87
C MET B 321 -11.25 -17.18 31.81
N PRO B 322 -10.25 -17.97 32.23
CA PRO B 322 -9.96 -18.30 33.63
C PRO B 322 -9.47 -17.11 34.45
N MET B 323 -9.63 -17.21 35.77
CA MET B 323 -9.24 -16.17 36.71
C MET B 323 -7.79 -16.28 37.13
N ASN B 324 -7.20 -15.12 37.43
CA ASN B 324 -5.88 -15.10 38.01
C ASN B 324 -5.93 -15.81 39.36
N ALA B 325 -5.26 -16.95 39.47
CA ALA B 325 -5.31 -17.72 40.72
C ALA B 325 -3.96 -17.78 41.42
N THR B 326 -3.16 -16.73 41.23
CA THR B 326 -1.79 -16.65 41.71
C THR B 326 -1.71 -15.57 42.79
N SER B 327 -0.94 -15.83 43.84
CA SER B 327 -0.76 -14.87 44.91
C SER B 327 0.16 -13.74 44.44
N THR B 328 0.27 -12.66 45.21
CA THR B 328 1.27 -11.62 44.90
C THR B 328 2.70 -12.13 45.15
N SER B 329 2.82 -13.25 45.88
CA SER B 329 4.11 -13.90 46.06
C SER B 329 4.42 -14.93 44.96
N GLY B 330 3.66 -14.92 43.87
CA GLY B 330 3.85 -15.87 42.76
C GLY B 330 3.57 -17.34 43.05
N THR B 331 2.64 -17.62 43.95
CA THR B 331 2.32 -18.99 44.32
C THR B 331 0.86 -19.32 44.00
N TYR B 332 0.58 -20.61 43.91
CA TYR B 332 -0.76 -21.09 43.58
C TYR B 332 -0.99 -22.39 44.36
N ARG B 333 -2.24 -22.82 44.44
CA ARG B 333 -2.56 -24.04 45.17
C ARG B 333 -3.02 -25.09 44.17
N GLY B 334 -2.38 -26.26 44.23
CA GLY B 334 -2.61 -27.36 43.29
C GLY B 334 -3.75 -28.26 43.73
N VAL B 335 -4.34 -29.00 42.79
CA VAL B 335 -5.34 -30.01 43.15
C VAL B 335 -4.74 -31.15 43.96
N ASP B 336 -3.40 -31.20 44.05
CA ASP B 336 -2.74 -32.21 44.89
C ASP B 336 -2.70 -31.80 46.37
N GLY B 337 -3.33 -30.67 46.66
CA GLY B 337 -3.50 -30.20 48.03
C GLY B 337 -2.34 -29.38 48.54
N ALA B 338 -1.35 -29.12 47.69
CA ALA B 338 -0.14 -28.42 48.14
C ALA B 338 0.02 -27.08 47.43
N VAL B 339 0.72 -26.14 48.06
CA VAL B 339 1.01 -24.85 47.46
C VAL B 339 2.27 -25.04 46.61
N HIS B 340 2.33 -24.39 45.45
CA HIS B 340 3.48 -24.51 44.53
C HIS B 340 3.89 -23.16 43.98
N ALA B 341 5.08 -23.08 43.39
CA ALA B 341 5.47 -21.87 42.67
C ALA B 341 4.93 -21.84 41.24
N ALA B 342 4.44 -20.67 40.81
CA ALA B 342 4.20 -20.43 39.38
C ALA B 342 5.42 -19.67 38.91
N GLN B 343 6.44 -20.41 38.50
CA GLN B 343 7.77 -19.84 38.30
C GLN B 343 7.88 -19.21 36.91
N GLY B 344 7.96 -17.88 36.87
CA GLY B 344 8.13 -17.13 35.64
C GLY B 344 6.85 -16.80 34.87
N PHE B 345 5.72 -17.36 35.31
CA PHE B 345 4.41 -17.12 34.67
C PHE B 345 3.31 -16.92 35.70
N THR B 346 2.13 -16.50 35.24
CA THR B 346 0.97 -16.34 36.11
C THR B 346 0.00 -17.52 35.94
N TYR B 347 -0.39 -18.12 37.04
CA TYR B 347 -1.24 -19.30 37.00
C TYR B 347 -2.71 -18.87 37.03
N TYR B 348 -3.48 -19.40 36.08
CA TYR B 348 -4.90 -19.13 35.94
C TYR B 348 -5.67 -20.41 36.20
N ASP B 349 -6.89 -20.26 36.71
CA ASP B 349 -7.71 -21.42 37.03
C ASP B 349 -9.17 -20.98 36.93
N SER B 350 -10.05 -21.94 36.68
CA SER B 350 -11.50 -21.80 36.50
C SER B 350 -11.81 -22.03 35.04
N TRP B 351 -12.31 -23.23 34.77
CA TRP B 351 -12.38 -23.76 33.41
C TRP B 351 -13.78 -24.26 33.13
N ALA B 352 -14.20 -24.12 31.87
CA ALA B 352 -15.50 -24.59 31.39
C ALA B 352 -15.21 -24.99 29.96
N THR B 353 -14.25 -25.89 29.81
CA THR B 353 -13.58 -26.09 28.55
C THR B 353 -14.44 -26.85 27.54
N TRP B 354 -15.39 -27.65 28.04
CA TRP B 354 -16.40 -28.26 27.17
C TRP B 354 -17.07 -27.19 26.30
N ASP B 355 -17.38 -26.04 26.91
CA ASP B 355 -18.10 -24.97 26.22
C ASP B 355 -17.16 -23.99 25.53
N ASP B 356 -16.05 -23.65 26.19
CA ASP B 356 -15.24 -22.50 25.79
C ASP B 356 -13.94 -22.77 25.05
N PHE B 357 -13.67 -24.02 24.68
CA PHE B 357 -12.36 -24.35 24.11
C PHE B 357 -11.88 -23.49 22.94
N ARG B 358 -12.80 -23.02 22.11
CA ARG B 358 -12.48 -22.14 20.95
C ARG B 358 -12.11 -20.72 21.34
N LYS B 359 -12.62 -20.27 22.50
CA LYS B 359 -12.29 -18.99 23.08
C LYS B 359 -10.77 -18.76 23.13
N PHE B 360 -10.05 -19.78 23.58
CA PHE B 360 -8.60 -19.70 23.74
C PHE B 360 -7.86 -19.43 22.42
N SER B 361 -8.33 -19.99 21.32
CA SER B 361 -7.74 -19.74 20.01
C SER B 361 -7.78 -18.25 19.63
N VAL B 362 -8.81 -17.55 20.10
CA VAL B 362 -9.04 -16.14 19.80
C VAL B 362 -8.24 -15.25 20.74
N ILE B 363 -8.22 -15.61 22.02
CA ILE B 363 -7.35 -14.93 22.96
C ILE B 363 -5.91 -15.01 22.43
N ALA B 364 -5.52 -16.15 21.88
CA ALA B 364 -4.19 -16.29 21.30
C ALA B 364 -3.77 -15.12 20.41
N TYR B 365 -4.68 -14.59 19.59
CA TYR B 365 -4.29 -13.54 18.63
C TYR B 365 -4.54 -12.09 19.10
N ILE B 366 -5.14 -11.96 20.28
CA ILE B 366 -5.45 -10.68 20.89
C ILE B 366 -4.45 -10.36 21.99
N ASP B 367 -4.17 -11.35 22.84
CA ASP B 367 -3.25 -11.18 23.96
C ASP B 367 -2.39 -12.45 24.08
N PRO B 368 -1.40 -12.60 23.19
CA PRO B 368 -0.61 -13.83 23.13
C PRO B 368 0.03 -14.25 24.46
N ALA B 369 0.50 -13.29 25.25
CA ALA B 369 1.18 -13.59 26.52
C ALA B 369 0.19 -14.15 27.56
N LEU B 370 -1.01 -13.58 27.61
CA LEU B 370 -2.05 -14.10 28.48
C LEU B 370 -2.44 -15.52 28.10
N TYR B 371 -2.57 -15.74 26.79
CA TYR B 371 -2.93 -17.03 26.25
C TYR B 371 -1.88 -18.07 26.66
N ARG B 372 -0.60 -17.68 26.56
CA ARG B 372 0.49 -18.59 26.90
C ARG B 372 0.42 -19.00 28.38
N ASP B 373 0.23 -18.02 29.26
CA ASP B 373 0.10 -18.31 30.71
C ASP B 373 -1.07 -19.23 31.00
N MET B 374 -2.18 -18.99 30.32
CA MET B 374 -3.36 -19.85 30.45
C MET B 374 -3.12 -21.30 30.06
N VAL B 375 -2.44 -21.54 28.94
CA VAL B 375 -2.12 -22.90 28.52
C VAL B 375 -1.13 -23.55 29.47
N GLN B 376 -0.11 -22.80 29.90
CA GLN B 376 0.84 -23.33 30.87
C GLN B 376 0.15 -23.70 32.19
N SER B 377 -0.84 -22.90 32.57
CA SER B 377 -1.67 -23.20 33.74
C SER B 377 -2.42 -24.54 33.59
N LEU B 378 -3.05 -24.74 32.43
CA LEU B 378 -3.82 -25.98 32.12
C LEU B 378 -2.88 -27.20 32.18
N VAL B 379 -1.68 -27.02 31.63
CA VAL B 379 -0.66 -28.05 31.74
C VAL B 379 -0.38 -28.35 33.22
N TYR B 380 -0.19 -27.32 34.06
CA TYR B 380 0.10 -27.55 35.49
C TYR B 380 -1.04 -28.24 36.23
N LEU B 381 -2.26 -27.85 35.91
CA LEU B 381 -3.45 -28.43 36.53
C LEU B 381 -3.48 -29.94 36.32
N PHE B 382 -3.28 -30.39 35.09
CA PHE B 382 -3.24 -31.84 34.82
C PHE B 382 -1.98 -32.52 35.36
N ALA B 383 -0.87 -31.78 35.37
CA ALA B 383 0.37 -32.29 35.95
C ALA B 383 0.20 -32.52 37.45
N ASP B 384 -0.49 -31.61 38.11
CA ASP B 384 -0.80 -31.73 39.54
C ASP B 384 -1.75 -32.91 39.83
N ALA B 385 -2.74 -33.12 38.95
CA ALA B 385 -3.62 -34.27 39.11
C ALA B 385 -2.83 -35.58 38.94
N GLU B 386 -1.88 -35.59 38.01
CA GLU B 386 -0.97 -36.73 37.85
C GLU B 386 -0.04 -36.94 39.05
N ALA B 387 0.45 -35.83 39.61
CA ALA B 387 1.29 -35.88 40.81
C ALA B 387 0.63 -36.55 42.04
N THR B 388 -0.70 -36.50 42.16
CA THR B 388 -1.38 -37.15 43.31
C THR B 388 -1.21 -38.69 43.35
N GLY B 389 -0.88 -39.28 42.20
CA GLY B 389 -0.70 -40.73 42.10
C GLY B 389 -1.98 -41.54 42.24
N THR B 390 -3.12 -40.86 42.35
CA THR B 390 -4.39 -41.56 42.58
C THR B 390 -5.03 -42.01 41.27
N GLY B 391 -4.62 -41.41 40.16
CA GLY B 391 -5.23 -41.67 38.87
C GLY B 391 -6.66 -41.16 38.79
N GLY B 392 -7.08 -40.34 39.76
CA GLY B 392 -8.45 -39.80 39.81
C GLY B 392 -8.71 -38.65 38.83
N GLY B 393 -9.96 -38.53 38.36
CA GLY B 393 -10.36 -37.40 37.51
C GLY B 393 -10.39 -36.09 38.29
N LEU B 394 -10.32 -34.97 37.57
CA LEU B 394 -10.26 -33.64 38.20
C LEU B 394 -11.39 -33.34 39.18
N GLY B 395 -12.57 -33.88 38.90
CA GLY B 395 -13.73 -33.67 39.76
C GLY B 395 -13.64 -34.23 41.16
N GLY B 396 -12.70 -35.15 41.39
CA GLY B 396 -12.52 -35.77 42.72
C GLY B 396 -11.66 -34.98 43.70
N PHE B 397 -11.01 -33.92 43.23
CA PHE B 397 -10.17 -33.07 44.09
C PHE B 397 -10.86 -31.78 44.46
N VAL B 398 -10.31 -31.08 45.45
CA VAL B 398 -10.78 -29.75 45.82
C VAL B 398 -10.00 -28.71 45.00
N HIS B 399 -10.74 -27.82 44.34
CA HIS B 399 -10.09 -26.90 43.43
C HIS B 399 -9.74 -25.57 44.11
N SER B 400 -8.95 -24.75 43.44
CA SER B 400 -8.37 -23.57 44.11
C SER B 400 -9.24 -22.35 43.93
N VAL B 401 -10.14 -22.41 42.96
CA VAL B 401 -11.10 -21.34 42.67
C VAL B 401 -12.39 -22.03 42.21
N PRO B 402 -13.55 -21.34 42.28
CA PRO B 402 -14.74 -21.95 41.69
C PRO B 402 -14.49 -22.29 40.22
N THR B 403 -14.98 -23.44 39.78
CA THR B 403 -14.62 -23.97 38.48
C THR B 403 -15.80 -24.80 37.95
N VAL B 404 -15.74 -25.16 36.67
CA VAL B 404 -16.82 -25.90 36.01
C VAL B 404 -16.41 -27.30 35.48
N ARG B 405 -15.69 -27.35 34.36
CA ARG B 405 -15.42 -28.63 33.70
C ARG B 405 -14.23 -28.58 32.73
N TRP B 406 -13.74 -29.74 32.34
CA TRP B 406 -12.39 -29.80 31.75
C TRP B 406 -12.29 -30.58 30.43
N GLU B 407 -13.41 -31.08 29.91
CA GLU B 407 -13.39 -31.76 28.62
C GLU B 407 -12.86 -30.82 27.53
N ARG B 408 -12.27 -31.37 26.47
CA ARG B 408 -11.64 -30.59 25.39
C ARG B 408 -10.28 -29.96 25.77
N SER B 409 -9.82 -30.12 27.02
CA SER B 409 -8.50 -29.60 27.42
C SER B 409 -7.35 -30.09 26.51
N SER B 410 -7.41 -31.34 26.02
CA SER B 410 -6.40 -31.75 25.04
C SER B 410 -6.34 -30.82 23.82
N VAL B 411 -7.48 -30.29 23.43
CA VAL B 411 -7.55 -29.44 22.23
C VAL B 411 -6.92 -28.06 22.51
N VAL B 412 -7.11 -27.54 23.72
CA VAL B 412 -6.56 -26.22 24.07
C VAL B 412 -5.04 -26.26 24.10
N VAL B 413 -4.47 -27.31 24.69
CA VAL B 413 -3.02 -27.47 24.75
C VAL B 413 -2.47 -27.71 23.34
N ALA B 414 -3.15 -28.55 22.56
CA ALA B 414 -2.79 -28.78 21.16
C ALA B 414 -2.85 -27.50 20.34
N ASP B 415 -3.79 -26.63 20.69
CA ASP B 415 -3.92 -25.32 20.04
C ASP B 415 -2.65 -24.47 20.17
N ALA B 416 -2.08 -24.41 21.37
CA ALA B 416 -0.82 -23.68 21.59
C ALA B 416 0.35 -24.31 20.84
N ILE B 417 0.47 -25.65 20.91
CA ILE B 417 1.57 -26.37 20.28
C ILE B 417 1.51 -26.15 18.76
N ALA B 418 0.31 -26.29 18.18
CA ALA B 418 0.14 -26.08 16.73
C ALA B 418 0.49 -24.65 16.33
N LYS B 419 0.34 -23.72 17.27
CA LYS B 419 0.56 -22.30 17.02
C LYS B 419 2.00 -21.87 17.30
N GLY B 420 2.86 -22.83 17.62
CA GLY B 420 4.30 -22.55 17.72
C GLY B 420 4.82 -22.28 19.12
N PHE B 421 3.95 -22.34 20.12
CA PHE B 421 4.37 -22.12 21.50
C PHE B 421 5.07 -23.36 22.06
N ASP B 422 6.16 -23.13 22.77
CA ASP B 422 6.85 -24.25 23.41
C ASP B 422 7.42 -23.84 24.76
N GLY B 423 8.20 -24.74 25.35
CA GLY B 423 8.70 -24.55 26.71
C GLY B 423 7.57 -24.66 27.73
N PHE B 424 6.62 -25.55 27.46
CA PHE B 424 5.60 -25.82 28.47
C PHE B 424 6.11 -26.82 29.49
N ASP B 425 6.63 -26.26 30.57
CA ASP B 425 7.05 -27.01 31.75
C ASP B 425 5.97 -28.03 32.13
N ARG B 426 6.39 -29.27 32.38
CA ARG B 426 5.56 -30.34 32.95
C ARG B 426 4.54 -30.95 31.97
N LEU B 427 4.72 -30.68 30.67
CA LEU B 427 3.85 -31.29 29.65
C LEU B 427 3.90 -32.81 29.73
N ASP B 428 5.09 -33.35 30.03
CA ASP B 428 5.30 -34.80 30.16
C ASP B 428 4.50 -35.41 31.31
N GLU B 429 4.36 -34.64 32.40
CA GLU B 429 3.55 -35.05 33.54
C GLU B 429 2.06 -34.92 33.24
N ALA B 430 1.69 -33.83 32.57
CA ALA B 430 0.28 -33.61 32.21
C ALA B 430 -0.26 -34.70 31.29
N TYR B 431 0.59 -35.22 30.41
CA TYR B 431 0.12 -36.11 29.33
C TYR B 431 -0.75 -37.32 29.79
N PRO B 432 -0.27 -38.13 30.76
CA PRO B 432 -1.07 -39.26 31.24
C PRO B 432 -2.46 -38.84 31.79
N ALA B 433 -2.52 -37.71 32.49
CA ALA B 433 -3.79 -37.21 33.05
C ALA B 433 -4.72 -36.77 31.92
N LEU B 434 -4.13 -36.14 30.90
CA LEU B 434 -4.86 -35.81 29.68
C LEU B 434 -5.41 -37.07 28.97
N GLN B 435 -4.62 -38.13 28.92
CA GLN B 435 -5.07 -39.39 28.35
C GLN B 435 -6.24 -39.99 29.15
N ARG B 436 -6.17 -39.93 30.48
CA ARG B 436 -7.28 -40.36 31.33
C ARG B 436 -8.55 -39.52 31.08
N LEU B 437 -8.37 -38.20 30.95
CA LEU B 437 -9.47 -37.29 30.65
C LEU B 437 -10.19 -37.68 29.37
N VAL B 438 -9.39 -37.93 28.32
CA VAL B 438 -9.92 -38.33 27.02
C VAL B 438 -10.60 -39.71 27.12
N GLY B 439 -9.94 -40.65 27.82
CA GLY B 439 -10.45 -42.00 27.97
C GLY B 439 -10.11 -42.90 26.78
N GLN B 440 -10.33 -44.21 26.98
CA GLN B 440 -10.01 -45.23 25.99
C GLN B 440 -11.27 -45.90 25.46
N TYR B 441 -11.27 -46.24 24.17
CA TYR B 441 -12.29 -47.12 23.62
C TYR B 441 -12.15 -48.49 24.24
N SER B 442 -13.27 -49.15 24.56
CA SER B 442 -13.24 -50.53 25.04
C SER B 442 -12.78 -51.45 23.90
N ALA B 443 -12.45 -52.70 24.23
CA ALA B 443 -12.05 -53.69 23.21
C ALA B 443 -13.09 -53.80 22.10
N ASP B 444 -14.37 -53.84 22.47
CA ASP B 444 -15.41 -53.95 21.47
C ASP B 444 -15.55 -52.67 20.65
N GLU B 445 -15.35 -51.54 21.32
CA GLU B 445 -15.40 -50.24 20.65
C GLU B 445 -14.24 -50.10 19.67
N LEU B 446 -13.08 -50.63 20.06
CA LEU B 446 -11.92 -50.64 19.18
C LEU B 446 -12.21 -51.44 17.90
N ARG B 447 -12.78 -52.63 18.04
CA ARG B 447 -13.05 -53.46 16.85
C ARG B 447 -14.05 -52.79 15.88
N ARG B 448 -15.09 -52.16 16.41
CA ARG B 448 -16.12 -51.59 15.53
C ARG B 448 -15.82 -50.13 15.17
N GLY B 449 -15.08 -49.43 16.03
CA GLY B 449 -14.65 -48.07 15.73
C GLY B 449 -15.53 -46.93 16.24
N TYR B 450 -16.46 -47.22 17.16
CA TYR B 450 -17.36 -46.18 17.68
C TYR B 450 -18.09 -46.68 18.94
N VAL B 451 -18.63 -45.73 19.72
CA VAL B 451 -19.49 -46.06 20.86
C VAL B 451 -20.90 -46.35 20.32
N ALA B 452 -21.34 -47.58 20.54
CA ALA B 452 -22.65 -48.06 20.08
C ALA B 452 -23.76 -47.18 20.62
N GLY B 453 -24.57 -46.63 19.73
CA GLY B 453 -25.70 -45.82 20.13
C GLY B 453 -25.37 -44.48 20.75
N ASN B 454 -24.10 -44.08 20.71
CA ASN B 454 -23.68 -42.79 21.27
C ASN B 454 -22.81 -42.00 20.29
N PRO B 455 -23.42 -41.40 19.24
CA PRO B 455 -22.60 -40.67 18.28
C PRO B 455 -21.99 -39.40 18.90
N GLY B 456 -22.65 -38.86 19.93
CA GLY B 456 -22.14 -37.74 20.71
C GLY B 456 -20.76 -38.01 21.32
N ALA B 457 -20.65 -39.05 22.13
CA ALA B 457 -19.37 -39.39 22.76
C ALA B 457 -18.29 -39.75 21.73
N SER B 458 -18.71 -40.33 20.61
CA SER B 458 -17.74 -40.74 19.57
C SER B 458 -17.04 -39.55 18.88
N VAL B 459 -17.81 -38.59 18.37
CA VAL B 459 -17.22 -37.41 17.72
C VAL B 459 -16.41 -36.56 18.70
N GLN B 460 -16.87 -36.50 19.94
CA GLN B 460 -16.17 -35.75 20.96
C GLN B 460 -14.82 -36.37 21.26
N ARG B 461 -14.79 -37.70 21.37
CA ARG B 461 -13.51 -38.38 21.60
C ARG B 461 -12.58 -38.20 20.41
N GLY B 462 -13.14 -38.18 19.20
CA GLY B 462 -12.34 -37.92 18.00
C GLY B 462 -11.57 -36.61 18.09
N TYR B 463 -12.25 -35.53 18.49
CA TYR B 463 -11.55 -34.25 18.63
C TYR B 463 -10.51 -34.33 19.77
N ASP B 464 -10.90 -34.91 20.91
CA ASP B 464 -9.98 -35.09 22.01
C ASP B 464 -8.72 -35.84 21.56
N GLN B 465 -8.91 -36.85 20.71
CA GLN B 465 -7.81 -37.69 20.27
C GLN B 465 -6.93 -37.00 19.26
N TYR B 466 -7.56 -36.19 18.39
CA TYR B 466 -6.80 -35.29 17.54
C TYR B 466 -5.87 -34.41 18.40
N GLY B 467 -6.45 -33.75 19.41
CA GLY B 467 -5.70 -32.86 20.29
C GLY B 467 -4.57 -33.60 20.98
N LEU B 468 -4.88 -34.77 21.50
CA LEU B 468 -3.89 -35.60 22.18
C LEU B 468 -2.74 -35.99 21.25
N SER B 469 -3.07 -36.25 19.98
CA SER B 469 -2.08 -36.62 18.97
C SER B 469 -1.02 -35.53 18.79
N VAL B 470 -1.47 -34.26 18.70
CA VAL B 470 -0.58 -33.10 18.66
C VAL B 470 0.37 -33.06 19.86
N ILE B 471 -0.17 -33.25 21.07
CA ILE B 471 0.64 -33.28 22.29
C ILE B 471 1.62 -34.45 22.29
N ALA B 472 1.13 -35.62 21.86
CA ALA B 472 1.98 -36.81 21.75
C ALA B 472 3.22 -36.56 20.90
N ASP B 473 3.03 -36.05 19.68
CA ASP B 473 4.13 -35.70 18.79
C ASP B 473 5.13 -34.74 19.43
N GLU B 474 4.61 -33.69 20.08
CA GLU B 474 5.45 -32.71 20.73
C GLU B 474 6.31 -33.36 21.81
N LEU B 475 5.80 -34.42 22.43
CA LEU B 475 6.55 -35.16 23.43
C LEU B 475 7.41 -36.29 22.82
N GLY B 476 7.46 -36.36 21.50
CA GLY B 476 8.21 -37.39 20.79
C GLY B 476 7.61 -38.78 20.87
N LEU B 477 6.35 -38.90 21.32
CA LEU B 477 5.66 -40.18 21.36
C LEU B 477 5.00 -40.47 20.00
N THR B 478 5.88 -40.68 19.02
CA THR B 478 5.55 -40.80 17.60
C THR B 478 4.49 -41.84 17.33
N GLU B 479 4.64 -43.02 17.92
CA GLU B 479 3.73 -44.14 17.65
C GLU B 479 2.33 -43.91 18.27
N GLU B 480 2.28 -43.36 19.49
CA GLU B 480 1.00 -43.04 20.14
C GLU B 480 0.22 -41.97 19.37
N ALA B 481 0.95 -40.97 18.87
CA ALA B 481 0.37 -39.95 17.98
C ALA B 481 -0.31 -40.55 16.74
N GLU B 482 0.36 -41.50 16.10
CA GLU B 482 -0.18 -42.19 14.92
C GLU B 482 -1.45 -42.95 15.26
N THR B 483 -1.40 -43.70 16.36
CA THR B 483 -2.56 -44.43 16.89
C THR B 483 -3.71 -43.47 17.17
N LEU B 484 -3.42 -42.37 17.85
CA LEU B 484 -4.43 -41.36 18.16
C LEU B 484 -5.02 -40.76 16.88
N ARG B 485 -4.19 -40.49 15.87
CA ARG B 485 -4.71 -39.97 14.58
C ARG B 485 -5.57 -41.00 13.85
N GLU B 486 -5.17 -42.27 13.88
CA GLU B 486 -6.00 -43.35 13.33
C GLU B 486 -7.40 -43.36 13.97
N GLN B 487 -7.43 -43.35 15.30
CA GLN B 487 -8.68 -43.43 16.05
C GLN B 487 -9.57 -42.19 15.86
N ALA B 488 -8.95 -41.02 15.74
CA ALA B 488 -9.65 -39.75 15.49
C ALA B 488 -10.37 -39.69 14.15
N SER B 489 -9.97 -40.54 13.22
CA SER B 489 -10.61 -40.56 11.91
C SER B 489 -11.90 -41.41 11.95
N TRP B 490 -12.03 -42.24 12.99
CA TRP B 490 -13.11 -43.22 13.10
C TRP B 490 -14.51 -42.65 13.17
N PRO B 491 -14.76 -41.61 14.00
CA PRO B 491 -16.12 -41.04 14.04
C PRO B 491 -16.64 -40.60 12.66
N ILE B 492 -15.83 -39.88 11.91
CA ILE B 492 -16.26 -39.43 10.58
C ILE B 492 -16.53 -40.61 9.65
N GLU B 493 -15.58 -41.54 9.58
CA GLU B 493 -15.70 -42.73 8.72
C GLU B 493 -16.84 -43.64 9.12
N LYS B 494 -16.91 -43.97 10.41
CA LYS B 494 -17.83 -45.02 10.86
C LYS B 494 -19.27 -44.58 11.12
N LEU B 495 -19.46 -43.29 11.38
CA LEU B 495 -20.76 -42.81 11.83
C LEU B 495 -21.50 -41.91 10.86
N THR B 496 -20.91 -41.67 9.69
CA THR B 496 -21.58 -40.87 8.67
C THR B 496 -22.36 -41.82 7.76
N LYS B 497 -23.68 -41.87 7.94
CA LYS B 497 -24.55 -42.77 7.18
C LYS B 497 -24.91 -42.17 5.81
N PRO B 498 -24.50 -42.84 4.72
CA PRO B 498 -24.83 -42.32 3.38
C PRO B 498 -26.35 -42.22 3.17
N GLY B 499 -26.79 -41.13 2.54
CA GLY B 499 -28.21 -40.95 2.24
C GLY B 499 -29.10 -40.72 3.46
N ALA B 500 -28.52 -40.16 4.52
CA ALA B 500 -29.28 -39.78 5.72
C ALA B 500 -30.19 -38.58 5.45
N TRP B 501 -29.81 -37.75 4.48
CA TRP B 501 -30.71 -36.71 3.98
C TRP B 501 -30.59 -36.65 2.47
N THR B 502 -31.72 -36.40 1.79
CA THR B 502 -31.78 -36.35 0.33
C THR B 502 -32.08 -34.94 -0.17
N ALA B 503 -31.14 -34.36 -0.93
CA ALA B 503 -31.31 -33.00 -1.50
C ALA B 503 -32.46 -32.87 -2.52
N ALA B 504 -32.83 -31.62 -2.82
CA ALA B 504 -33.75 -31.30 -3.91
C ALA B 504 -33.35 -32.02 -5.21
N ASP B 505 -32.09 -31.85 -5.58
CA ASP B 505 -31.32 -32.66 -6.57
C ASP B 505 -31.64 -34.15 -6.65
N GLY B 506 -31.98 -34.75 -5.52
CA GLY B 506 -31.96 -36.21 -5.37
C GLY B 506 -30.58 -36.69 -4.92
N THR B 507 -29.63 -35.76 -4.79
CA THR B 507 -28.29 -36.05 -4.25
C THR B 507 -28.42 -36.58 -2.83
N GLN B 508 -27.75 -37.70 -2.57
CA GLN B 508 -27.77 -38.34 -1.25
C GLN B 508 -26.63 -37.79 -0.37
N VAL B 509 -27.00 -37.32 0.81
CA VAL B 509 -26.04 -36.67 1.68
C VAL B 509 -25.87 -37.45 2.98
N GLY B 510 -24.61 -37.81 3.27
CA GLY B 510 -24.27 -38.57 4.46
C GLY B 510 -24.18 -37.69 5.68
N LEU B 511 -24.74 -38.16 6.79
CA LEU B 511 -24.79 -37.40 8.03
C LEU B 511 -24.50 -38.26 9.24
N LEU B 512 -23.88 -37.66 10.26
CA LEU B 512 -23.67 -38.35 11.54
C LEU B 512 -24.98 -39.02 11.98
N THR B 513 -24.91 -40.30 12.35
CA THR B 513 -26.11 -41.06 12.71
C THR B 513 -25.74 -42.11 13.76
N PRO B 514 -26.56 -42.30 14.82
CA PRO B 514 -26.25 -43.34 15.80
C PRO B 514 -26.18 -44.72 15.14
N ARG B 515 -25.22 -45.53 15.55
CA ARG B 515 -25.05 -46.85 14.95
C ARG B 515 -25.04 -47.88 16.06
N ALA B 516 -25.72 -49.00 15.84
CA ALA B 516 -25.79 -50.08 16.82
C ALA B 516 -24.47 -50.84 16.88
N ALA B 517 -24.31 -51.66 17.92
CA ALA B 517 -23.10 -52.49 18.13
C ALA B 517 -22.80 -53.42 16.94
N ASP B 518 -23.84 -53.96 16.32
CA ASP B 518 -23.68 -54.90 15.19
C ASP B 518 -23.43 -54.21 13.84
N GLY B 519 -23.35 -52.88 13.84
CA GLY B 519 -23.12 -52.15 12.60
C GLY B 519 -24.36 -51.55 11.93
N SER B 520 -25.55 -51.97 12.34
CA SER B 520 -26.78 -51.43 11.75
C SER B 520 -27.04 -50.01 12.23
N TRP B 521 -27.62 -49.20 11.36
CA TRP B 521 -27.99 -47.82 11.67
C TRP B 521 -29.29 -47.75 12.47
N GLN B 522 -29.27 -46.99 13.56
CA GLN B 522 -30.46 -46.75 14.37
C GLN B 522 -31.18 -45.54 13.81
N SER B 523 -32.50 -45.57 13.87
CA SER B 523 -33.28 -44.46 13.30
C SER B 523 -33.21 -43.22 14.19
N ALA B 524 -33.36 -42.06 13.58
CA ALA B 524 -33.38 -40.81 14.32
C ALA B 524 -33.92 -39.66 13.48
N ASP B 525 -34.38 -38.63 14.15
CA ASP B 525 -34.62 -37.36 13.49
C ASP B 525 -33.35 -36.52 13.67
N HIS B 526 -32.66 -36.24 12.57
CA HIS B 526 -31.38 -35.55 12.62
C HIS B 526 -31.53 -34.09 13.07
N ALA B 527 -32.75 -33.59 13.07
CA ALA B 527 -33.07 -32.22 13.52
C ALA B 527 -33.64 -32.12 14.94
N LYS B 528 -33.81 -33.26 15.59
CA LYS B 528 -34.45 -33.29 16.90
C LYS B 528 -33.45 -33.10 18.02
N PHE B 529 -33.73 -32.12 18.88
CA PHE B 529 -32.91 -31.75 20.03
C PHE B 529 -32.77 -32.94 20.98
N GLU B 530 -31.53 -33.26 21.32
CA GLU B 530 -31.19 -34.42 22.17
C GLU B 530 -31.77 -35.79 21.73
N ALA B 531 -31.89 -35.98 20.42
CA ALA B 531 -32.04 -37.33 19.86
C ALA B 531 -30.73 -38.11 20.03
N ALA B 532 -30.82 -39.44 19.95
CA ALA B 532 -29.65 -40.33 19.86
C ALA B 532 -28.60 -40.14 20.97
N GLY B 533 -29.06 -39.80 22.17
CA GLY B 533 -28.18 -39.65 23.34
C GLY B 533 -27.34 -38.38 23.36
N LEU B 534 -27.62 -37.46 22.42
CA LEU B 534 -26.85 -36.20 22.30
C LEU B 534 -27.07 -35.21 23.42
N TYR B 535 -25.97 -34.54 23.79
CA TYR B 535 -26.00 -33.52 24.81
C TYR B 535 -26.29 -32.15 24.21
N GLN B 536 -27.46 -31.61 24.54
CA GLN B 536 -27.84 -30.23 24.20
C GLN B 536 -27.72 -29.87 22.70
N GLY B 537 -27.97 -30.84 21.83
CA GLY B 537 -27.94 -30.54 20.40
C GLY B 537 -28.49 -31.65 19.53
N THR B 538 -28.49 -31.40 18.23
CA THR B 538 -29.03 -32.31 17.22
C THR B 538 -27.90 -32.92 16.42
N LEU B 539 -28.25 -33.92 15.60
CA LEU B 539 -27.25 -34.62 14.79
C LEU B 539 -26.71 -33.74 13.70
N TRP B 540 -27.56 -32.90 13.12
CA TRP B 540 -27.17 -31.94 12.09
C TRP B 540 -26.15 -30.97 12.67
N GLN B 541 -26.30 -30.67 13.95
CA GLN B 541 -25.39 -29.76 14.67
C GLN B 541 -24.10 -30.46 15.07
N TYR B 542 -24.20 -31.66 15.64
CA TYR B 542 -23.02 -32.47 15.94
C TYR B 542 -22.29 -33.06 14.71
N HIS B 543 -22.97 -33.08 13.57
CA HIS B 543 -22.37 -33.62 12.34
C HIS B 543 -21.00 -33.00 12.04
N TRP B 544 -20.89 -31.71 12.33
CA TRP B 544 -19.71 -30.92 11.96
C TRP B 544 -18.66 -30.87 13.05
N TYR B 545 -18.88 -31.62 14.12
CA TYR B 545 -18.06 -31.52 15.33
C TYR B 545 -16.58 -31.74 15.10
N ASP B 546 -16.23 -32.72 14.27
CA ASP B 546 -14.83 -33.12 14.09
C ASP B 546 -14.13 -32.17 13.12
N ALA B 547 -13.92 -30.95 13.62
CA ALA B 547 -13.52 -29.78 12.83
C ALA B 547 -12.08 -29.87 12.35
N TYR B 548 -11.35 -30.85 12.86
CA TYR B 548 -9.95 -31.10 12.51
C TYR B 548 -9.81 -31.85 11.19
N ASP B 549 -10.91 -32.36 10.65
CA ASP B 549 -10.86 -33.08 9.38
C ASP B 549 -12.09 -32.86 8.49
N MET B 550 -12.28 -31.62 8.05
CA MET B 550 -13.38 -31.31 7.15
C MET B 550 -13.23 -32.04 5.81
N ASP B 551 -11.99 -32.26 5.39
CA ASP B 551 -11.73 -32.96 4.15
C ASP B 551 -12.28 -34.38 4.21
N ALA B 552 -11.95 -35.10 5.28
CA ALA B 552 -12.56 -36.41 5.55
C ALA B 552 -14.11 -36.35 5.61
N LEU B 553 -14.65 -35.32 6.27
CA LEU B 553 -16.10 -35.25 6.49
C LEU B 553 -16.84 -34.99 5.18
N VAL B 554 -16.31 -34.07 4.39
CA VAL B 554 -16.79 -33.82 3.04
C VAL B 554 -16.85 -35.11 2.22
N GLU B 555 -15.78 -35.91 2.26
CA GLU B 555 -15.75 -37.18 1.53
C GLU B 555 -16.83 -38.14 2.05
N ALA B 556 -16.95 -38.25 3.36
CA ALA B 556 -17.91 -39.17 4.00
C ALA B 556 -19.37 -38.81 3.74
N MET B 557 -19.63 -37.52 3.57
CA MET B 557 -20.94 -37.01 3.19
C MET B 557 -21.31 -37.44 1.76
N GLY B 558 -20.29 -37.70 0.94
CA GLY B 558 -20.52 -38.16 -0.43
C GLY B 558 -19.79 -37.36 -1.48
N GLY B 559 -19.03 -36.36 -1.03
CA GLY B 559 -18.22 -35.57 -1.95
C GLY B 559 -18.53 -34.10 -1.86
N HIS B 560 -17.77 -33.30 -2.60
CA HIS B 560 -17.91 -31.84 -2.55
C HIS B 560 -19.36 -31.38 -2.72
N GLU B 561 -20.06 -31.93 -3.72
CA GLU B 561 -21.45 -31.54 -4.02
C GLU B 561 -22.42 -31.89 -2.90
N ALA B 562 -22.25 -33.07 -2.32
CA ALA B 562 -23.07 -33.49 -1.19
C ALA B 562 -22.92 -32.50 -0.03
N ALA B 563 -21.68 -32.13 0.26
CA ALA B 563 -21.39 -31.21 1.36
C ALA B 563 -21.88 -29.79 1.10
N ARG B 564 -21.76 -29.34 -0.15
CA ARG B 564 -22.25 -28.03 -0.55
C ARG B 564 -23.75 -27.86 -0.29
N LEU B 565 -24.53 -28.85 -0.72
CA LEU B 565 -25.98 -28.86 -0.53
C LEU B 565 -26.33 -29.07 0.95
N GLY B 566 -25.51 -29.85 1.65
CA GLY B 566 -25.66 -30.07 3.08
C GLY B 566 -25.52 -28.78 3.86
N MET B 567 -24.52 -27.97 3.53
CA MET B 567 -24.30 -26.68 4.20
C MET B 567 -25.43 -25.68 3.95
N ARG B 568 -25.89 -25.58 2.69
CA ARG B 568 -27.03 -24.70 2.38
C ARG B 568 -28.28 -25.15 3.13
N HIS B 569 -28.55 -26.46 3.19
CA HIS B 569 -29.71 -26.97 3.93
C HIS B 569 -29.64 -26.67 5.44
N MET B 570 -28.43 -26.85 5.99
CA MET B 570 -28.11 -26.46 7.36
C MET B 570 -28.62 -25.05 7.72
N PHE B 571 -28.45 -24.11 6.81
CA PHE B 571 -28.88 -22.72 7.03
C PHE B 571 -30.20 -22.33 6.37
N GLY B 572 -31.00 -23.32 5.97
CA GLY B 572 -32.29 -23.06 5.32
C GLY B 572 -32.25 -22.12 4.11
N GLU B 573 -31.18 -22.21 3.32
CA GLU B 573 -31.00 -21.36 2.12
C GLU B 573 -32.17 -21.45 1.12
N HIS B 574 -32.69 -22.67 0.94
CA HIS B 574 -33.81 -22.94 0.04
C HIS B 574 -35.16 -22.36 0.54
N ALA B 575 -35.22 -21.94 1.80
CA ALA B 575 -36.47 -21.42 2.38
C ALA B 575 -36.17 -20.32 3.38
N PRO B 576 -35.74 -19.15 2.88
CA PRO B 576 -35.12 -18.15 3.76
C PRO B 576 -36.10 -17.50 4.72
N ASP B 577 -37.39 -17.70 4.45
CA ASP B 577 -38.43 -17.08 5.24
C ASP B 577 -39.07 -18.06 6.20
N ASP B 578 -38.57 -19.30 6.19
CA ASP B 578 -39.08 -20.33 7.07
C ASP B 578 -38.10 -20.57 8.24
N GLY B 579 -38.55 -20.18 9.43
CA GLY B 579 -37.77 -20.37 10.66
C GLY B 579 -37.41 -21.79 11.01
N LYS B 580 -38.32 -22.73 10.72
CA LYS B 580 -38.05 -24.13 11.07
C LYS B 580 -37.01 -24.80 10.14
N ALA B 581 -36.57 -24.05 9.12
CA ALA B 581 -35.54 -24.50 8.19
C ALA B 581 -34.14 -24.16 8.69
N MET B 582 -34.06 -23.47 9.82
CA MET B 582 -32.77 -23.12 10.43
C MET B 582 -32.28 -24.27 11.30
N LEU B 583 -31.38 -25.10 10.78
CA LEU B 583 -30.88 -26.28 11.51
C LEU B 583 -29.67 -25.97 12.41
N HIS B 584 -29.02 -24.84 12.14
CA HIS B 584 -28.00 -24.27 13.00
C HIS B 584 -28.61 -23.68 14.27
N SER B 585 -27.91 -23.85 15.39
CA SER B 585 -28.28 -23.15 16.61
C SER B 585 -27.25 -22.06 16.93
N ASN B 586 -27.74 -20.87 17.28
CA ASN B 586 -26.93 -19.75 17.74
C ASN B 586 -26.80 -19.72 19.27
N ALA B 587 -27.64 -20.51 19.95
CA ALA B 587 -27.80 -20.44 21.42
C ALA B 587 -26.85 -21.26 22.28
N ASN B 588 -26.22 -22.27 21.70
CA ASN B 588 -25.29 -23.17 22.41
C ASN B 588 -24.02 -23.31 21.58
N GLU B 589 -22.98 -23.91 22.15
CA GLU B 589 -21.65 -23.87 21.53
C GLU B 589 -21.33 -25.00 20.54
N ILE B 590 -22.23 -25.98 20.46
CA ILE B 590 -21.99 -27.19 19.68
C ILE B 590 -21.55 -26.95 18.23
N ASP B 591 -22.29 -26.11 17.50
CA ASP B 591 -21.93 -25.79 16.12
C ASP B 591 -21.64 -24.29 15.91
N LEU B 592 -20.86 -23.69 16.81
CA LEU B 592 -20.45 -22.29 16.68
C LEU B 592 -19.71 -22.01 15.38
N GLN B 593 -18.97 -23.01 14.92
CA GLN B 593 -18.13 -22.91 13.76
C GLN B 593 -18.88 -23.05 12.46
N ALA B 594 -20.13 -23.52 12.53
CA ALA B 594 -20.92 -23.81 11.32
C ALA B 594 -21.03 -22.66 10.28
N PRO B 595 -21.27 -21.39 10.72
CA PRO B 595 -21.35 -20.34 9.68
C PRO B 595 -20.11 -20.21 8.78
N TYR B 596 -18.96 -20.67 9.27
CA TYR B 596 -17.71 -20.51 8.53
C TYR B 596 -17.38 -21.72 7.66
N LEU B 597 -18.27 -22.71 7.65
CA LEU B 597 -18.03 -23.94 6.89
C LEU B 597 -18.32 -23.79 5.39
N PHE B 598 -19.04 -22.73 5.02
CA PHE B 598 -19.25 -22.43 3.59
C PHE B 598 -17.92 -22.16 2.87
N ASN B 599 -16.91 -21.68 3.60
CA ASN B 599 -15.56 -21.50 3.06
C ASN B 599 -15.02 -22.82 2.52
N TYR B 600 -15.37 -23.91 3.19
CA TYR B 600 -14.91 -25.27 2.84
C TYR B 600 -15.69 -25.90 1.69
N THR B 601 -16.86 -25.37 1.38
CA THR B 601 -17.72 -25.92 0.32
C THR B 601 -17.71 -25.04 -0.94
N GLY B 602 -16.71 -24.16 -1.03
CA GLY B 602 -16.51 -23.31 -2.20
C GLY B 602 -17.49 -22.15 -2.32
N GLU B 603 -18.15 -21.82 -1.22
CA GLU B 603 -19.10 -20.71 -1.23
C GLU B 603 -18.84 -19.69 -0.12
N PRO B 604 -17.62 -19.08 -0.11
CA PRO B 604 -17.24 -18.19 0.98
C PRO B 604 -18.17 -17.00 1.15
N SER B 605 -18.81 -16.55 0.06
CA SER B 605 -19.78 -15.44 0.14
C SER B 605 -20.92 -15.72 1.11
N LEU B 606 -21.28 -17.00 1.29
CA LEU B 606 -22.29 -17.36 2.28
C LEU B 606 -21.77 -17.33 3.72
N THR B 607 -20.48 -17.63 3.92
CA THR B 607 -19.88 -17.50 5.25
C THR B 607 -19.85 -16.01 5.65
N GLN B 608 -19.54 -15.15 4.70
CA GLN B 608 -19.55 -13.70 4.95
C GLN B 608 -20.95 -13.23 5.31
N LYS B 609 -21.94 -13.66 4.52
CA LYS B 609 -23.33 -13.23 4.77
C LYS B 609 -23.77 -13.67 6.17
N TRP B 610 -23.55 -14.94 6.53
CA TRP B 610 -24.02 -15.46 7.83
C TRP B 610 -23.23 -14.92 9.02
N ALA B 611 -21.92 -14.72 8.85
CA ALA B 611 -21.10 -14.15 9.92
C ALA B 611 -21.61 -12.76 10.21
N ARG B 612 -21.87 -11.99 9.14
CA ARG B 612 -22.41 -10.66 9.33
C ARG B 612 -23.80 -10.69 9.96
N ALA B 613 -24.69 -11.52 9.42
CA ALA B 613 -26.09 -11.53 9.85
C ALA B 613 -26.26 -11.94 11.33
N ILE B 614 -25.66 -13.07 11.69
CA ILE B 614 -25.82 -13.64 13.03
C ILE B 614 -25.42 -12.65 14.12
N TYR B 615 -24.33 -11.92 13.90
CA TYR B 615 -23.80 -11.04 14.93
C TYR B 615 -24.27 -9.59 14.84
N THR B 616 -24.87 -9.19 13.72
CA THR B 616 -25.24 -7.79 13.53
C THR B 616 -26.66 -7.53 13.03
N LYS B 617 -27.41 -8.58 12.70
CA LYS B 617 -28.77 -8.44 12.21
C LYS B 617 -29.72 -9.43 12.87
N GLU B 618 -30.98 -9.37 12.47
CA GLU B 618 -31.94 -10.38 12.90
C GLU B 618 -31.76 -11.64 12.04
N THR B 619 -31.91 -12.79 12.67
CA THR B 619 -31.83 -14.06 11.96
C THR B 619 -32.89 -14.98 12.50
N TRP B 620 -33.20 -16.00 11.72
CA TRP B 620 -34.13 -17.03 12.16
C TRP B 620 -33.50 -17.88 13.23
N ASN B 621 -34.24 -18.06 14.32
CA ASN B 621 -33.77 -18.88 15.40
C ASN B 621 -34.78 -19.96 15.72
N ARG B 622 -34.35 -21.22 15.55
CA ARG B 622 -35.18 -22.38 15.80
C ARG B 622 -34.89 -23.02 17.16
N TYR B 623 -33.61 -23.01 17.56
CA TYR B 623 -33.20 -23.72 18.78
C TYR B 623 -32.81 -22.82 19.94
N ILE B 624 -33.21 -23.23 21.14
CA ILE B 624 -32.70 -22.71 22.41
C ILE B 624 -31.64 -23.69 22.89
N ALA B 625 -31.01 -23.40 24.03
CA ALA B 625 -29.88 -24.19 24.53
C ALA B 625 -30.27 -25.31 25.50
N THR B 626 -31.57 -25.47 25.74
CA THR B 626 -32.07 -26.52 26.65
C THR B 626 -33.49 -26.90 26.21
N GLY B 627 -34.09 -27.87 26.90
CA GLY B 627 -35.40 -28.43 26.53
C GLY B 627 -36.54 -27.44 26.49
N SER B 628 -36.58 -26.52 27.45
CA SER B 628 -37.68 -25.57 27.55
C SER B 628 -37.31 -24.31 28.35
N SER B 629 -37.95 -23.19 28.04
CA SER B 629 -37.73 -21.92 28.73
C SER B 629 -39.04 -21.24 29.09
N SER B 630 -39.12 -20.69 30.29
CA SER B 630 -40.28 -19.90 30.69
C SER B 630 -40.20 -18.45 30.18
N ALA B 631 -39.08 -18.11 29.55
CA ALA B 631 -38.86 -16.74 29.06
C ALA B 631 -39.42 -16.50 27.66
N VAL B 632 -39.58 -17.57 26.89
CA VAL B 632 -40.05 -17.50 25.51
C VAL B 632 -40.90 -18.75 25.24
N PRO B 633 -41.97 -18.62 24.43
CA PRO B 633 -42.76 -19.81 24.11
C PRO B 633 -41.89 -20.81 23.37
N SER B 634 -41.77 -22.01 23.92
CA SER B 634 -40.71 -22.94 23.52
C SER B 634 -41.00 -24.34 24.05
N GLY B 635 -40.33 -25.34 23.47
CA GLY B 635 -40.47 -26.76 23.91
C GLY B 635 -39.65 -27.66 23.00
N GLY B 636 -39.31 -28.85 23.47
CA GLY B 636 -38.43 -29.77 22.74
C GLY B 636 -37.19 -29.11 22.19
N GLY B 637 -36.58 -28.22 22.97
CA GLY B 637 -35.33 -27.54 22.58
C GLY B 637 -35.45 -26.47 21.51
N GLU B 638 -36.67 -26.03 21.25
CA GLU B 638 -36.90 -25.08 20.16
C GLU B 638 -37.78 -23.92 20.56
N PHE B 639 -37.54 -22.76 19.94
CA PHE B 639 -38.51 -21.66 19.93
C PHE B 639 -39.75 -22.17 19.18
N THR B 640 -40.92 -22.15 19.83
CA THR B 640 -42.17 -22.54 19.16
C THR B 640 -43.18 -21.39 19.18
N PRO B 641 -43.32 -20.68 18.05
CA PRO B 641 -42.64 -20.93 16.76
C PRO B 641 -41.22 -20.35 16.72
N PRO B 642 -40.43 -20.68 15.67
CA PRO B 642 -39.14 -20.02 15.47
C PRO B 642 -39.29 -18.51 15.49
N LEU B 643 -38.28 -17.78 15.98
CA LEU B 643 -38.40 -16.32 15.97
C LEU B 643 -37.27 -15.64 15.24
N LYS B 644 -37.65 -14.63 14.48
CA LYS B 644 -36.70 -13.85 13.74
C LYS B 644 -36.26 -12.75 14.69
N THR B 645 -35.00 -12.80 15.12
CA THR B 645 -34.51 -11.89 16.15
C THR B 645 -33.00 -11.72 16.07
N LYS B 646 -32.50 -10.58 16.58
CA LYS B 646 -31.06 -10.44 16.81
C LYS B 646 -30.61 -11.41 17.89
N VAL B 647 -29.47 -12.05 17.69
CA VAL B 647 -28.93 -12.99 18.67
C VAL B 647 -28.19 -12.23 19.78
N TYR B 648 -27.48 -11.18 19.39
CA TYR B 648 -26.74 -10.33 20.31
C TYR B 648 -27.41 -8.95 20.34
N ARG B 649 -27.74 -8.47 21.55
CA ARG B 649 -28.32 -7.15 21.76
C ARG B 649 -27.48 -6.32 22.74
N LEU B 650 -27.44 -5.02 22.51
CA LEU B 650 -26.92 -4.11 23.50
C LEU B 650 -28.08 -3.75 24.45
N ASP B 651 -28.33 -4.66 25.39
CA ASP B 651 -29.46 -4.59 26.29
C ASP B 651 -29.19 -5.54 27.46
N PRO B 652 -29.78 -5.25 28.64
CA PRO B 652 -29.72 -6.26 29.70
C PRO B 652 -30.11 -7.67 29.22
N ARG B 653 -31.07 -7.77 28.30
CA ARG B 653 -31.37 -9.03 27.64
C ARG B 653 -30.44 -9.14 26.46
N GLY B 654 -29.18 -9.50 26.75
CA GLY B 654 -28.08 -9.36 25.78
C GLY B 654 -27.96 -10.52 24.82
N MET B 655 -28.22 -11.74 25.30
CA MET B 655 -28.27 -12.93 24.46
C MET B 655 -29.71 -13.43 24.27
N LEU B 656 -29.87 -14.42 23.38
CA LEU B 656 -31.12 -15.19 23.29
C LEU B 656 -31.51 -15.74 24.66
N PRO B 657 -32.81 -15.96 24.88
CA PRO B 657 -33.19 -16.64 26.13
C PRO B 657 -32.54 -18.02 26.17
N THR B 658 -32.08 -18.46 27.35
CA THR B 658 -31.26 -19.69 27.55
C THR B 658 -29.80 -19.66 27.06
N MET B 659 -29.43 -18.65 26.28
CA MET B 659 -28.08 -18.56 25.74
C MET B 659 -27.04 -18.09 26.79
N ASP B 660 -26.57 -19.02 27.62
CA ASP B 660 -25.50 -18.68 28.57
C ASP B 660 -24.21 -18.29 27.85
N ASN B 661 -23.60 -17.18 28.25
CA ASN B 661 -22.30 -16.73 27.73
C ASN B 661 -21.23 -17.84 27.89
N ASP B 662 -21.27 -18.52 29.05
CA ASP B 662 -20.35 -19.62 29.40
C ASP B 662 -18.89 -19.19 29.46
N ALA B 663 -18.49 -18.54 30.55
CA ALA B 663 -17.11 -18.05 30.71
C ALA B 663 -16.66 -17.18 29.53
N GLY B 664 -17.57 -16.35 29.01
CA GLY B 664 -17.27 -15.41 27.94
C GLY B 664 -17.17 -15.98 26.54
N THR B 665 -17.60 -17.23 26.35
CA THR B 665 -17.48 -17.86 25.03
C THR B 665 -18.26 -17.10 23.97
N MET B 666 -19.55 -16.92 24.21
CA MET B 666 -20.40 -16.17 23.27
C MET B 666 -19.82 -14.78 22.98
N SER B 667 -19.45 -14.05 24.02
CA SER B 667 -18.73 -12.79 23.84
C SER B 667 -17.51 -12.93 22.95
N THR B 668 -16.62 -13.86 23.29
CA THR B 668 -15.41 -14.13 22.50
C THR B 668 -15.70 -14.44 21.01
N MET B 669 -16.85 -15.06 20.72
CA MET B 669 -17.22 -15.38 19.34
C MET B 669 -17.70 -14.13 18.58
N PHE B 670 -18.27 -13.16 19.30
CA PHE B 670 -18.67 -11.90 18.67
C PHE B 670 -17.41 -11.11 18.32
N VAL B 671 -16.51 -10.99 19.27
CA VAL B 671 -15.23 -10.34 18.99
C VAL B 671 -14.58 -10.90 17.72
N ALA B 672 -14.54 -12.23 17.62
CA ALA B 672 -13.88 -12.91 16.48
C ALA B 672 -14.61 -12.68 15.17
N ALA B 673 -15.93 -12.65 15.21
CA ALA B 673 -16.74 -12.30 14.03
C ALA B 673 -16.43 -10.88 13.57
N ALA B 674 -16.40 -9.95 14.52
CA ALA B 674 -16.03 -8.57 14.25
C ALA B 674 -14.63 -8.41 13.61
N VAL B 675 -13.63 -9.09 14.18
CA VAL B 675 -12.29 -9.11 13.55
C VAL B 675 -12.33 -9.75 12.15
N GLY B 676 -13.20 -10.73 12.00
CA GLY B 676 -13.29 -11.51 10.76
C GLY B 676 -12.37 -12.73 10.69
N LEU B 677 -11.88 -13.19 11.83
CA LEU B 677 -11.00 -14.37 11.88
C LEU B 677 -11.48 -15.36 12.91
N PHE B 678 -12.01 -16.49 12.43
CA PHE B 678 -12.62 -17.47 13.32
C PHE B 678 -11.83 -18.79 13.40
N PRO B 679 -11.65 -19.34 14.62
CA PRO B 679 -10.98 -20.65 14.70
C PRO B 679 -11.92 -21.86 14.50
N VAL B 680 -12.17 -22.25 13.25
CA VAL B 680 -12.96 -23.46 12.99
C VAL B 680 -12.25 -24.67 13.60
N THR B 681 -10.95 -24.74 13.39
CA THR B 681 -10.19 -25.83 13.95
C THR B 681 -9.35 -25.28 15.09
N ALA B 682 -9.93 -25.32 16.29
CA ALA B 682 -9.14 -25.16 17.50
C ALA B 682 -8.19 -26.34 17.55
N GLY B 683 -6.97 -26.13 18.04
CA GLY B 683 -5.96 -27.19 17.98
C GLY B 683 -5.21 -27.20 16.66
N SER B 684 -5.40 -26.14 15.86
CA SER B 684 -4.60 -25.94 14.64
C SER B 684 -4.10 -24.50 14.71
N SER B 685 -3.28 -24.09 13.73
CA SER B 685 -2.74 -22.74 13.70
C SER B 685 -3.50 -21.81 12.76
N GLN B 686 -4.69 -22.22 12.33
CA GLN B 686 -5.41 -21.47 11.30
C GLN B 686 -6.72 -20.85 11.78
N PHE B 687 -7.08 -19.74 11.13
CA PHE B 687 -8.37 -19.03 11.30
C PHE B 687 -9.02 -18.83 9.94
N GLN B 688 -10.34 -19.07 9.88
CA GLN B 688 -11.13 -18.85 8.68
C GLN B 688 -11.60 -17.40 8.59
N VAL B 689 -11.71 -16.91 7.37
CA VAL B 689 -12.11 -15.55 7.09
C VAL B 689 -13.64 -15.43 7.03
N GLY B 690 -14.18 -14.46 7.78
CA GLY B 690 -15.61 -14.14 7.78
C GLY B 690 -15.88 -12.81 7.08
N SER B 691 -16.56 -11.89 7.79
CA SER B 691 -16.96 -10.58 7.26
C SER B 691 -16.64 -9.51 8.29
N PRO B 692 -15.39 -8.98 8.27
CA PRO B 692 -15.00 -8.00 9.30
C PRO B 692 -15.95 -6.81 9.34
N PHE B 693 -16.33 -6.37 10.54
CA PHE B 693 -17.43 -5.40 10.68
C PHE B 693 -17.01 -3.98 10.40
N PHE B 694 -15.75 -3.67 10.70
CA PHE B 694 -15.30 -2.29 10.78
C PHE B 694 -14.27 -1.90 9.69
N ASP B 695 -14.20 -0.60 9.39
CA ASP B 695 -13.33 -0.07 8.36
C ASP B 695 -11.88 -0.41 8.66
N SER B 696 -11.52 -0.32 9.93
CA SER B 696 -10.19 -0.70 10.35
C SER B 696 -10.29 -1.28 11.75
N THR B 697 -9.62 -2.41 11.96
CA THR B 697 -9.43 -3.00 13.28
C THR B 697 -7.94 -3.24 13.42
N THR B 698 -7.35 -2.71 14.48
CA THR B 698 -5.92 -2.86 14.75
C THR B 698 -5.68 -3.48 16.14
N ILE B 699 -4.96 -4.61 16.14
CA ILE B 699 -4.51 -5.28 17.35
C ILE B 699 -3.04 -4.99 17.55
N THR B 700 -2.73 -4.28 18.63
CA THR B 700 -1.37 -3.88 18.97
C THR B 700 -0.80 -4.85 19.99
N TYR B 701 0.38 -5.36 19.72
CA TYR B 701 0.99 -6.37 20.57
C TYR B 701 1.96 -5.70 21.52
N ASP B 702 2.43 -6.47 22.49
CA ASP B 702 3.26 -5.96 23.55
C ASP B 702 4.56 -5.29 23.10
N ASP B 703 5.09 -5.68 21.94
CA ASP B 703 6.30 -5.05 21.44
C ASP B 703 6.03 -3.85 20.53
N GLY B 704 4.76 -3.41 20.46
CA GLY B 704 4.40 -2.24 19.68
C GLY B 704 4.05 -2.51 18.23
N SER B 705 4.33 -3.72 17.76
CA SER B 705 3.91 -4.16 16.43
C SER B 705 2.40 -4.39 16.44
N ALA B 706 1.81 -4.44 15.26
CA ALA B 706 0.38 -4.53 15.12
C ALA B 706 -0.09 -5.31 13.90
N PHE B 707 -1.17 -6.08 14.10
CA PHE B 707 -1.97 -6.62 13.00
C PHE B 707 -3.08 -5.64 12.67
N THR B 708 -3.27 -5.36 11.38
CA THR B 708 -4.34 -4.49 10.92
C THR B 708 -5.16 -5.21 9.88
N VAL B 709 -6.44 -5.38 10.17
CA VAL B 709 -7.43 -5.82 9.17
C VAL B 709 -8.34 -4.66 8.78
N THR B 710 -8.36 -4.36 7.48
CA THR B 710 -9.18 -3.26 6.97
C THR B 710 -10.29 -3.81 6.09
N ALA B 711 -11.44 -3.15 6.12
CA ALA B 711 -12.55 -3.56 5.29
C ALA B 711 -13.02 -2.31 4.55
N ASP B 712 -12.50 -2.14 3.33
CA ASP B 712 -12.73 -0.92 2.55
C ASP B 712 -14.14 -0.84 1.98
N GLY B 713 -14.86 0.21 2.38
CA GLY B 713 -16.23 0.40 1.94
C GLY B 713 -17.23 -0.50 2.65
N VAL B 714 -16.85 -0.99 3.83
CA VAL B 714 -17.73 -1.86 4.59
C VAL B 714 -18.93 -1.06 5.04
N SER B 715 -20.12 -1.66 4.94
CA SER B 715 -21.36 -1.08 5.44
C SER B 715 -22.28 -2.22 5.89
N GLU B 716 -23.48 -1.87 6.37
CA GLU B 716 -24.47 -2.88 6.71
C GLU B 716 -24.92 -3.70 5.50
N ASP B 717 -24.78 -3.15 4.29
CA ASP B 717 -25.14 -3.86 3.07
C ASP B 717 -23.90 -4.39 2.34
N ALA B 718 -22.78 -3.69 2.47
CA ALA B 718 -21.51 -4.14 1.90
C ALA B 718 -20.74 -5.06 2.85
N PHE B 719 -21.24 -6.27 3.04
CA PHE B 719 -20.59 -7.24 3.92
C PHE B 719 -19.93 -8.39 3.13
N TYR B 720 -19.92 -8.30 1.79
CA TYR B 720 -19.27 -9.33 0.96
C TYR B 720 -17.89 -8.90 0.50
N VAL B 721 -16.92 -9.80 0.63
CA VAL B 721 -15.56 -9.54 0.20
C VAL B 721 -15.51 -9.61 -1.33
N GLN B 722 -14.96 -8.57 -1.96
CA GLN B 722 -14.76 -8.53 -3.43
C GLN B 722 -13.35 -8.98 -3.85
N SER B 723 -12.35 -8.58 -3.08
CA SER B 723 -10.95 -8.86 -3.36
C SER B 723 -10.16 -8.64 -2.08
N ALA B 724 -8.88 -8.99 -2.08
CA ALA B 724 -8.09 -8.87 -0.86
C ALA B 724 -6.63 -8.76 -1.18
N THR B 725 -5.89 -8.13 -0.27
CA THR B 725 -4.44 -8.15 -0.28
C THR B 725 -3.88 -8.49 1.10
N LEU B 726 -2.71 -9.12 1.11
CA LEU B 726 -1.98 -9.38 2.34
C LEU B 726 -0.57 -8.83 2.19
N ASP B 727 -0.27 -7.81 2.98
CA ASP B 727 0.97 -7.03 2.87
C ASP B 727 1.22 -6.52 1.44
N GLY B 728 0.17 -6.02 0.80
CA GLY B 728 0.27 -5.47 -0.56
C GLY B 728 -0.01 -6.47 -1.68
N ALA B 729 0.30 -7.75 -1.43
CA ALA B 729 0.15 -8.79 -2.45
C ALA B 729 -1.27 -9.36 -2.57
N THR B 730 -1.69 -9.69 -3.79
CA THR B 730 -2.94 -10.44 -4.01
C THR B 730 -3.09 -11.57 -2.99
N PHE B 731 -4.24 -11.59 -2.32
CA PHE B 731 -4.55 -12.63 -1.35
C PHE B 731 -5.90 -13.25 -1.70
N GLY B 732 -5.89 -14.57 -1.93
CA GLY B 732 -7.10 -15.31 -2.35
C GLY B 732 -7.38 -16.60 -1.57
N ASN B 733 -6.85 -16.70 -0.36
CA ASN B 733 -7.17 -17.79 0.56
C ASN B 733 -8.28 -17.41 1.52
N THR B 734 -9.09 -18.37 1.93
CA THR B 734 -10.20 -18.07 2.86
C THR B 734 -9.85 -18.38 4.31
N TRP B 735 -8.55 -18.54 4.56
CA TRP B 735 -8.00 -18.76 5.91
C TRP B 735 -6.65 -18.06 6.03
N VAL B 736 -6.26 -17.75 7.27
CA VAL B 736 -4.91 -17.22 7.53
C VAL B 736 -4.27 -17.92 8.71
N ASP B 737 -2.94 -18.03 8.67
CA ASP B 737 -2.21 -18.71 9.72
C ASP B 737 -2.01 -17.74 10.88
N TYR B 738 -2.04 -18.27 12.10
CA TYR B 738 -1.73 -17.51 13.30
C TYR B 738 -0.44 -16.67 13.19
N ALA B 739 0.63 -17.24 12.64
CA ALA B 739 1.92 -16.50 12.52
C ALA B 739 1.79 -15.21 11.73
N THR B 740 0.94 -15.23 10.70
CA THR B 740 0.69 -14.06 9.86
C THR B 740 0.05 -12.92 10.67
N VAL B 741 -0.90 -13.27 11.52
CA VAL B 741 -1.65 -12.30 12.32
C VAL B 741 -0.71 -11.71 13.38
N VAL B 742 -0.11 -12.56 14.20
CA VAL B 742 0.74 -12.02 15.27
C VAL B 742 2.09 -11.46 14.76
N GLY B 743 2.43 -11.79 13.53
CA GLY B 743 3.56 -11.16 12.84
C GLY B 743 3.30 -9.75 12.33
N GLY B 744 2.07 -9.26 12.50
CA GLY B 744 1.78 -7.86 12.18
C GLY B 744 1.44 -7.54 10.74
N ALA B 745 0.78 -8.46 10.04
CA ALA B 745 0.35 -8.24 8.65
C ALA B 745 -0.67 -7.11 8.46
N ASP B 746 -0.81 -6.66 7.22
CA ASP B 746 -1.94 -5.79 6.82
C ASP B 746 -2.84 -6.60 5.91
N LEU B 747 -3.96 -7.05 6.45
CA LEU B 747 -4.94 -7.80 5.69
C LEU B 747 -6.02 -6.81 5.26
N ALA B 748 -6.08 -6.50 3.97
CA ALA B 748 -6.96 -5.45 3.46
C ALA B 748 -8.02 -6.02 2.53
N PHE B 749 -9.28 -5.94 2.96
CA PHE B 749 -10.39 -6.39 2.13
C PHE B 749 -11.05 -5.20 1.45
N ARG B 750 -11.41 -5.38 0.18
CA ARG B 750 -12.34 -4.46 -0.48
C ARG B 750 -13.75 -5.07 -0.40
N MET B 751 -14.69 -4.35 0.21
CA MET B 751 -16.06 -4.85 0.46
C MET B 751 -17.05 -4.33 -0.59
N GLY B 752 -18.19 -5.00 -0.70
CA GLY B 752 -19.26 -4.61 -1.63
C GLY B 752 -20.57 -5.29 -1.30
N GLU B 753 -21.63 -4.90 -2.01
CA GLU B 753 -23.00 -5.28 -1.66
C GLU B 753 -23.47 -6.59 -2.30
N GLN B 754 -22.64 -7.16 -3.19
CA GLN B 754 -22.95 -8.44 -3.84
C GLN B 754 -21.88 -9.51 -3.61
N PRO B 755 -22.31 -10.77 -3.55
CA PRO B 755 -21.39 -11.92 -3.45
C PRO B 755 -20.40 -11.93 -4.60
N SER B 756 -19.13 -12.20 -4.31
CA SER B 756 -18.14 -12.46 -5.36
C SER B 756 -17.56 -13.88 -5.29
N ASP B 757 -16.78 -14.24 -6.32
CA ASP B 757 -16.06 -15.50 -6.34
C ASP B 757 -14.69 -15.41 -5.63
N TRP B 758 -14.42 -14.31 -4.92
CA TRP B 758 -13.19 -14.23 -4.11
C TRP B 758 -13.07 -15.46 -3.20
N GLY B 759 -11.86 -16.03 -3.15
CA GLY B 759 -11.58 -17.15 -2.26
C GLY B 759 -12.07 -18.51 -2.72
N THR B 760 -12.69 -18.58 -3.89
CA THR B 760 -13.20 -19.85 -4.39
C THR B 760 -12.08 -20.67 -5.01
N ASP B 761 -10.88 -20.09 -5.12
CA ASP B 761 -9.68 -20.85 -5.47
C ASP B 761 -8.68 -20.87 -4.33
N THR B 762 -9.16 -20.85 -3.09
CA THR B 762 -8.30 -20.88 -1.93
C THR B 762 -7.41 -22.14 -1.91
N ALA B 763 -6.16 -21.99 -1.46
CA ALA B 763 -5.36 -23.16 -1.06
C ALA B 763 -6.15 -23.85 0.05
N PRO B 764 -6.12 -25.19 0.09
CA PRO B 764 -6.96 -25.92 1.04
C PRO B 764 -6.59 -25.60 2.49
N ALA B 765 -7.60 -25.52 3.37
CA ALA B 765 -7.39 -25.29 4.80
C ALA B 765 -6.91 -26.58 5.47
N PHE B 766 -6.59 -26.52 6.75
CA PHE B 766 -6.05 -27.69 7.44
C PHE B 766 -7.11 -28.78 7.62
N SER B 767 -6.74 -30.01 7.25
CA SER B 767 -7.45 -31.22 7.65
C SER B 767 -6.43 -32.28 8.00
N MET B 768 -6.70 -33.03 9.06
CA MET B 768 -5.77 -34.02 9.57
C MET B 768 -5.37 -35.04 8.49
N SER B 769 -6.36 -35.55 7.77
CA SER B 769 -6.17 -36.59 6.75
C SER B 769 -5.38 -36.12 5.52
N THR B 770 -5.39 -34.82 5.22
CA THR B 770 -4.68 -34.31 4.05
C THR B 770 -3.45 -33.48 4.38
N ALA B 771 -3.10 -33.41 5.67
CA ALA B 771 -1.83 -32.83 6.11
C ALA B 771 -0.67 -33.74 5.73
#